data_3NOX
#
_entry.id   3NOX
#
_cell.length_a   65.451
_cell.length_b   67.072
_cell.length_c   420.443
_cell.angle_alpha   90.00
_cell.angle_beta   90.00
_cell.angle_gamma   90.00
#
_symmetry.space_group_name_H-M   'P 21 21 21'
#
loop_
_entity.id
_entity.type
_entity.pdbx_description
1 polymer 'Dipeptidyl-peptidase 4 (CD26, adenosine deaminase complexing protein 2)'
2 branched 2-acetamido-2-deoxy-beta-D-glucopyranose-(1-4)-2-acetamido-2-deoxy-beta-D-glucopyranose
3 non-polymer 2-acetamido-2-deoxy-beta-D-glucopyranose
4 non-polymer Sa-(+)-(6-(aminomethyl)-5-(2,4-dichlorophenyl)-7-methylimidazo[1,2-a]pyrimidin-2-yl)(morpholino)methanone
5 non-polymer GLYCEROL
6 water water
#
_entity_poly.entity_id   1
_entity_poly.type   'polypeptide(L)'
_entity_poly.pdbx_seq_one_letter_code
;EFSRKTYTLTDYLKNTYRLKLYSLRWISDHEYLYKQENNILVFNAEYGNSSVFLENSTFDEFGHSINDYSISPDGQFILL
EYNYVKQWRHSYTASYDIYDLNKRQLITEERIPNNTQWVTWSPVGHKLAYVWNNDIYVKIEPNLPSYRITWTGKEDIIYN
GITDWVYEEEVFSAYSALWWSPNGTFLAYAQFNDTEVPLIEYSFYSDESLQYPKTVRVPYPKAGAVNPTVKFFVVNTDSL
SSVTNATSIQITAPASMLIGDHYLCDVTWATQERISLQWLRRIQNYSVMDICDYDESSGRWNCLVARQHIEMSTTGWVGR
FRPSEPHFTLDGNSFYKIISNEEGYRHICYFQIDKKDCTFITKGTWEVIGIEALTSDYLYYISNEYKGMPGGRNLYKIQL
SDYTKVTCLSCELNPERCQYYSVSFSKEAKYYQLRCSGPGLPLYTLHSSVNDKGLRVLEDNSALDKMLQNVQMPSKKLDF
IILNETKFWYQMILPPHFDKSKKYPLLLDVYAGPCSQKADTVFRLNWATYLASTENIIVASFDGRGSGYQGDKIMHAINR
RLGTFEVEDQIEAARQFSKMGFVDNKRIAIWGWSYGGYVTSMVLGSGSGVFKCGIAVAPVSRWEYYDSVYTERYMGLPTP
EDNLDHYRNSTVMSRAENFKQVEYLLIHGTADDNVHFQQSAQISKALVDVGVDFQAMWYTDEDHGIASSTAHQHIYTHMS
HFIKQCFSLPPLEQKLISEEDLNSAVDHHHHHH
;
_entity_poly.pdbx_strand_id   A,B
#
loop_
_chem_comp.id
_chem_comp.type
_chem_comp.name
_chem_comp.formula
6A5 non-polymer Sa-(+)-(6-(aminomethyl)-5-(2,4-dichlorophenyl)-7-methylimidazo[1,2-a]pyrimidin-2-yl)(morpholino)methanone 'C19 H19 Cl2 N5 O2'
GOL non-polymer GLYCEROL 'C3 H8 O3'
NAG D-saccharide, beta linking 2-acetamido-2-deoxy-beta-D-glucopyranose 'C8 H15 N O6'
#
# COMPACT_ATOMS: atom_id res chain seq x y z
N ARG A 4 13.24 -29.45 -31.81
CA ARG A 4 14.00 -28.20 -31.87
C ARG A 4 13.44 -27.11 -30.93
N LYS A 5 14.29 -26.16 -30.56
CA LYS A 5 14.02 -25.25 -29.44
C LYS A 5 13.57 -23.83 -29.79
N THR A 6 12.99 -23.16 -28.80
CA THR A 6 12.37 -21.84 -28.97
C THR A 6 13.00 -20.79 -28.06
N TYR A 7 12.60 -19.53 -28.24
CA TYR A 7 12.99 -18.49 -27.29
C TYR A 7 12.08 -18.61 -26.07
N THR A 8 12.60 -19.17 -24.98
CA THR A 8 11.79 -19.48 -23.81
C THR A 8 11.71 -18.30 -22.84
N LEU A 9 10.77 -18.39 -21.92
CA LEU A 9 10.66 -17.37 -20.88
C LEU A 9 11.95 -17.31 -20.07
N THR A 10 12.48 -18.47 -19.71
CA THR A 10 13.70 -18.50 -18.92
C THR A 10 14.87 -17.82 -19.66
N ASP A 11 14.85 -17.90 -20.99
CA ASP A 11 15.86 -17.22 -21.82
C ASP A 11 15.76 -15.71 -21.66
N TYR A 12 14.53 -15.18 -21.75
CA TYR A 12 14.29 -13.76 -21.54
C TYR A 12 14.78 -13.34 -20.15
N LEU A 13 14.32 -14.05 -19.14
CA LEU A 13 14.63 -13.68 -17.77
C LEU A 13 16.09 -13.85 -17.39
N LYS A 14 16.75 -14.80 -18.03
CA LYS A 14 18.12 -15.15 -17.67
C LYS A 14 19.20 -14.63 -18.63
N ASN A 15 18.77 -14.05 -19.76
CA ASN A 15 19.69 -13.42 -20.69
C ASN A 15 20.58 -14.46 -21.33
N THR A 16 19.94 -15.50 -21.86
CA THR A 16 20.64 -16.63 -22.45
C THR A 16 21.32 -16.23 -23.75
N TYR A 17 20.66 -15.34 -24.50
CA TYR A 17 21.22 -14.83 -25.73
C TYR A 17 21.48 -13.35 -25.54
N ARG A 18 22.74 -13.02 -25.33
CA ARG A 18 23.13 -11.65 -25.01
C ARG A 18 23.43 -10.83 -26.28
N LEU A 19 22.86 -9.64 -26.35
CA LEU A 19 23.25 -8.67 -27.38
C LEU A 19 24.54 -8.01 -26.96
N LYS A 20 25.44 -7.91 -27.92
CA LYS A 20 26.70 -7.23 -27.67
C LYS A 20 26.54 -5.79 -28.18
N LEU A 21 27.25 -4.89 -27.53
CA LEU A 21 27.27 -3.51 -28.00
C LEU A 21 28.70 -3.01 -28.05
N TYR A 22 28.84 -1.70 -28.16
CA TYR A 22 30.15 -1.12 -28.23
C TYR A 22 30.04 0.34 -27.84
N SER A 23 30.01 0.58 -26.54
CA SER A 23 29.96 1.94 -26.07
C SER A 23 31.38 2.42 -25.83
N LEU A 24 31.74 3.45 -26.59
CA LEU A 24 33.06 4.04 -26.51
C LEU A 24 32.86 5.46 -26.00
N ARG A 25 33.91 6.03 -25.44
CA ARG A 25 33.84 7.41 -25.01
C ARG A 25 34.91 8.22 -25.71
N TRP A 26 34.51 9.05 -26.64
CA TRP A 26 35.42 9.98 -27.29
C TRP A 26 36.14 10.83 -26.26
N ILE A 27 37.39 11.18 -26.54
CA ILE A 27 38.17 12.04 -25.65
C ILE A 27 38.95 13.11 -26.41
N SER A 28 38.86 13.05 -27.74
CA SER A 28 39.42 14.07 -28.62
C SER A 28 38.77 13.89 -29.98
N ASP A 29 39.24 14.61 -30.99
CA ASP A 29 38.65 14.47 -32.32
C ASP A 29 39.15 13.22 -33.03
N HIS A 30 39.97 12.41 -32.36
CA HIS A 30 40.53 11.21 -33.00
C HIS A 30 40.88 10.01 -32.09
N GLU A 31 40.55 10.09 -30.80
CA GLU A 31 40.76 8.94 -29.90
C GLU A 31 39.51 8.68 -29.04
N TYR A 32 39.33 7.42 -28.62
CA TYR A 32 38.26 7.11 -27.67
C TYR A 32 38.69 6.03 -26.68
N LEU A 33 37.90 5.84 -25.63
CA LEU A 33 38.18 4.84 -24.62
C LEU A 33 37.15 3.75 -24.72
N TYR A 34 37.53 2.56 -24.28
CA TYR A 34 36.67 1.39 -24.38
C TYR A 34 37.08 0.33 -23.34
N LYS A 35 36.12 -0.43 -22.84
CA LYS A 35 36.41 -1.46 -21.86
C LYS A 35 36.35 -2.88 -22.43
N GLN A 36 37.45 -3.60 -22.27
CA GLN A 36 37.56 -5.00 -22.70
C GLN A 36 38.15 -5.83 -21.57
N GLU A 37 37.34 -6.73 -21.01
CA GLU A 37 37.73 -7.49 -19.83
C GLU A 37 38.07 -6.50 -18.71
N ASN A 38 37.29 -5.43 -18.63
CA ASN A 38 37.46 -4.41 -17.60
C ASN A 38 38.78 -3.65 -17.68
N ASN A 39 39.52 -3.87 -18.76
CA ASN A 39 40.66 -3.04 -19.07
C ASN A 39 40.21 -1.84 -19.89
N ILE A 40 40.64 -0.65 -19.50
CA ILE A 40 40.28 0.51 -20.28
C ILE A 40 41.33 0.68 -21.35
N LEU A 41 40.89 0.50 -22.60
CA LEU A 41 41.77 0.68 -23.74
C LEU A 41 41.49 2.04 -24.32
N VAL A 42 42.52 2.65 -24.89
CA VAL A 42 42.34 3.85 -25.68
C VAL A 42 42.58 3.50 -27.16
N PHE A 43 41.72 4.00 -28.03
CA PHE A 43 41.82 3.68 -29.46
C PHE A 43 42.14 4.89 -30.33
N ASN A 44 43.04 4.69 -31.29
CA ASN A 44 43.21 5.65 -32.37
C ASN A 44 42.15 5.40 -33.44
N ALA A 45 41.41 6.44 -33.78
CA ALA A 45 40.27 6.26 -34.66
C ALA A 45 40.73 6.04 -36.08
N GLU A 46 41.70 6.83 -36.52
CA GLU A 46 42.13 6.80 -37.91
C GLU A 46 42.75 5.47 -38.27
N TYR A 47 43.70 5.01 -37.48
CA TYR A 47 44.43 3.80 -37.83
C TYR A 47 43.90 2.56 -37.11
N GLY A 48 43.15 2.78 -36.03
CA GLY A 48 42.51 1.68 -35.33
C GLY A 48 43.37 0.94 -34.33
N ASN A 49 44.62 1.37 -34.17
CA ASN A 49 45.47 0.77 -33.15
C ASN A 49 45.06 1.22 -31.74
N SER A 50 45.32 0.36 -30.77
CA SER A 50 44.89 0.64 -29.41
C SER A 50 46.00 0.31 -28.43
N SER A 51 45.75 0.60 -27.16
CA SER A 51 46.69 0.27 -26.10
C SER A 51 45.96 0.40 -24.80
N VAL A 52 46.53 -0.19 -23.75
CA VAL A 52 45.83 -0.26 -22.47
C VAL A 52 45.94 1.05 -21.68
N PHE A 53 44.85 1.79 -21.63
CA PHE A 53 44.84 3.06 -20.92
C PHE A 53 44.95 2.84 -19.41
N LEU A 54 44.14 1.91 -18.90
CA LEU A 54 44.15 1.55 -17.48
C LEU A 54 43.97 0.04 -17.29
N GLU A 55 44.86 -0.56 -16.49
CA GLU A 55 44.88 -2.01 -16.31
C GLU A 55 43.85 -2.45 -15.29
N ASN A 56 43.10 -3.49 -15.61
CA ASN A 56 42.17 -4.07 -14.65
C ASN A 56 42.84 -4.30 -13.29
N SER A 57 44.16 -4.48 -13.31
CA SER A 57 44.92 -4.78 -12.10
C SER A 57 44.86 -3.67 -11.07
N THR A 58 45.01 -2.43 -11.51
CA THR A 58 45.00 -1.30 -10.58
C THR A 58 43.72 -1.32 -9.74
N PHE A 59 43.87 -1.01 -8.46
CA PHE A 59 42.73 -0.88 -7.55
C PHE A 59 42.20 -2.21 -7.02
N ASP A 60 42.86 -3.31 -7.37
CA ASP A 60 42.45 -4.61 -6.83
C ASP A 60 42.53 -4.55 -5.30
N GLU A 61 43.34 -3.61 -4.81
CA GLU A 61 43.50 -3.38 -3.38
C GLU A 61 42.95 -2.01 -3.00
N PHE A 62 41.95 -1.55 -3.77
CA PHE A 62 41.35 -0.24 -3.57
C PHE A 62 40.48 -0.18 -2.31
N GLY A 63 39.65 -1.20 -2.13
CA GLY A 63 38.85 -1.32 -0.91
C GLY A 63 37.37 -1.34 -1.21
N HIS A 64 37.00 -0.73 -2.33
CA HIS A 64 35.61 -0.66 -2.74
C HIS A 64 35.51 -1.16 -4.16
N SER A 65 34.34 -1.70 -4.51
CA SER A 65 34.07 -2.04 -5.90
C SER A 65 33.77 -0.76 -6.66
N ILE A 66 34.39 -0.59 -7.83
CA ILE A 66 34.28 0.67 -8.55
C ILE A 66 33.11 0.63 -9.52
N ASN A 67 32.33 1.70 -9.50
CA ASN A 67 31.03 1.75 -10.15
C ASN A 67 31.09 2.37 -11.55
N ASP A 68 32.01 3.31 -11.75
CA ASP A 68 32.17 4.05 -13.00
C ASP A 68 33.37 4.97 -12.83
N TYR A 69 33.70 5.70 -13.88
CA TYR A 69 34.90 6.51 -13.89
C TYR A 69 34.72 7.65 -14.86
N SER A 70 35.48 8.72 -14.69
CA SER A 70 35.44 9.81 -15.64
C SER A 70 36.84 10.39 -15.69
N ILE A 71 37.33 10.69 -16.88
CA ILE A 71 38.69 11.21 -17.02
C ILE A 71 38.71 12.72 -17.23
N SER A 72 39.62 13.42 -16.58
CA SER A 72 39.73 14.85 -16.80
C SER A 72 40.06 15.10 -18.28
N PRO A 73 39.54 16.19 -18.85
CA PRO A 73 39.75 16.44 -20.29
C PRO A 73 41.22 16.31 -20.70
N ASP A 74 42.10 16.89 -19.89
CA ASP A 74 43.55 16.89 -20.12
C ASP A 74 44.24 15.58 -19.74
N GLY A 75 43.48 14.51 -19.59
CA GLY A 75 44.04 13.19 -19.35
C GLY A 75 44.89 13.00 -18.11
N GLN A 76 44.97 14.01 -17.24
CA GLN A 76 45.85 13.92 -16.07
C GLN A 76 45.27 13.13 -14.89
N PHE A 77 43.94 13.13 -14.79
CA PHE A 77 43.26 12.60 -13.62
C PHE A 77 42.04 11.76 -13.99
N ILE A 78 41.62 10.91 -13.06
CA ILE A 78 40.42 10.11 -13.27
C ILE A 78 39.56 10.07 -12.00
N LEU A 79 38.25 10.18 -12.18
CA LEU A 79 37.30 10.16 -11.08
C LEU A 79 36.83 8.75 -10.86
N LEU A 80 36.78 8.31 -9.60
CA LEU A 80 36.27 6.98 -9.28
C LEU A 80 35.02 7.06 -8.42
N GLU A 81 33.96 6.42 -8.90
CA GLU A 81 32.65 6.50 -8.28
C GLU A 81 32.29 5.17 -7.64
N TYR A 82 32.25 5.15 -6.31
CA TYR A 82 31.84 3.95 -5.60
C TYR A 82 30.76 4.29 -4.58
N ASN A 83 30.25 3.25 -3.90
CA ASN A 83 29.16 3.44 -2.95
C ASN A 83 27.90 4.00 -3.61
N TYR A 84 27.68 3.64 -4.87
CA TYR A 84 26.50 4.06 -5.62
C TYR A 84 25.22 3.79 -4.87
N VAL A 85 24.32 4.77 -4.84
CA VAL A 85 22.97 4.56 -4.29
C VAL A 85 21.93 5.30 -5.11
N LYS A 86 21.16 4.55 -5.89
CA LYS A 86 20.24 5.13 -6.85
C LYS A 86 19.12 5.84 -6.13
N GLN A 87 18.71 6.99 -6.67
CA GLN A 87 17.52 7.68 -6.19
C GLN A 87 16.42 7.52 -7.21
N TRP A 88 16.23 8.51 -8.08
CA TRP A 88 15.17 8.47 -9.06
C TRP A 88 15.69 7.99 -10.40
N ARG A 89 14.94 8.25 -11.48
CA ARG A 89 15.32 7.76 -12.80
C ARG A 89 16.77 8.13 -13.18
N HIS A 90 17.27 9.29 -12.76
CA HIS A 90 18.64 9.72 -13.09
C HIS A 90 19.55 10.00 -11.88
N SER A 91 18.97 10.46 -10.77
CA SER A 91 19.77 10.89 -9.63
C SER A 91 20.30 9.73 -8.77
N TYR A 92 21.34 10.01 -7.98
CA TYR A 92 21.87 9.01 -7.06
C TYR A 92 22.93 9.71 -6.23
N THR A 93 23.34 9.11 -5.13
CA THR A 93 24.51 9.62 -4.41
C THR A 93 25.64 8.62 -4.45
N ALA A 94 26.86 9.11 -4.32
CA ALA A 94 28.01 8.22 -4.34
C ALA A 94 29.19 8.85 -3.66
N SER A 95 30.25 8.06 -3.52
CA SER A 95 31.51 8.49 -2.93
C SER A 95 32.51 8.57 -4.06
N TYR A 96 33.58 9.33 -3.85
CA TYR A 96 34.50 9.60 -4.94
C TYR A 96 35.95 9.70 -4.52
N ASP A 97 36.82 9.25 -5.42
CA ASP A 97 38.26 9.39 -5.25
C ASP A 97 38.86 9.92 -6.53
N ILE A 98 40.04 10.50 -6.43
CA ILE A 98 40.75 10.99 -7.61
C ILE A 98 42.13 10.35 -7.69
N TYR A 99 42.48 9.87 -8.88
CA TYR A 99 43.78 9.23 -9.11
C TYR A 99 44.60 10.11 -10.06
N ASP A 100 45.72 10.64 -9.57
CA ASP A 100 46.66 11.36 -10.42
C ASP A 100 47.35 10.32 -11.27
N LEU A 101 47.42 10.57 -12.57
CA LEU A 101 47.89 9.55 -13.49
C LEU A 101 49.41 9.57 -13.64
N ASN A 102 49.98 10.75 -13.77
CA ASN A 102 51.41 10.87 -13.98
C ASN A 102 52.17 10.49 -12.72
N LYS A 103 51.60 10.85 -11.56
CA LYS A 103 52.15 10.43 -10.28
C LYS A 103 51.72 9.01 -10.00
N ARG A 104 50.90 8.45 -10.89
CA ARG A 104 50.29 7.15 -10.67
C ARG A 104 50.02 6.95 -9.19
N GLN A 105 49.24 7.86 -8.62
CA GLN A 105 48.92 7.82 -7.19
C GLN A 105 47.50 8.28 -6.94
N LEU A 106 47.00 7.91 -5.77
CA LEU A 106 45.63 8.18 -5.37
C LEU A 106 45.61 9.41 -4.47
N ILE A 107 44.77 10.39 -4.78
CA ILE A 107 44.79 11.64 -4.02
C ILE A 107 44.04 11.52 -2.69
N THR A 108 44.62 12.10 -1.64
CA THR A 108 44.02 12.05 -0.31
C THR A 108 43.97 13.41 0.39
N GLU A 109 44.33 14.46 -0.34
CA GLU A 109 44.08 15.83 0.12
C GLU A 109 42.64 16.21 -0.20
N GLU A 110 42.13 17.19 0.53
CA GLU A 110 40.82 17.78 0.25
C GLU A 110 39.89 16.89 -0.58
N ARG A 111 39.55 15.71 -0.06
CA ARG A 111 38.79 14.73 -0.81
C ARG A 111 37.33 15.13 -1.06
N ILE A 112 36.73 14.49 -2.05
CA ILE A 112 35.31 14.72 -2.34
C ILE A 112 34.48 13.99 -1.29
N PRO A 113 33.48 14.68 -0.72
CA PRO A 113 32.73 14.09 0.39
C PRO A 113 31.88 12.90 -0.02
N ASN A 114 31.75 11.91 0.85
CA ASN A 114 30.77 10.86 0.65
C ASN A 114 29.40 11.50 0.53
N ASN A 115 28.47 10.79 -0.10
CA ASN A 115 27.12 11.32 -0.31
C ASN A 115 27.09 12.49 -1.29
N THR A 116 28.14 12.62 -2.10
CA THR A 116 28.11 13.62 -3.15
C THR A 116 26.95 13.28 -4.08
N GLN A 117 26.28 14.31 -4.57
CA GLN A 117 25.09 14.13 -5.40
C GLN A 117 25.40 14.29 -6.87
N TRP A 118 26.48 15.01 -7.14
CA TRP A 118 26.86 15.21 -8.51
C TRP A 118 28.25 15.77 -8.63
N VAL A 119 29.05 15.19 -9.51
CA VAL A 119 30.36 15.74 -9.85
C VAL A 119 30.53 15.86 -11.35
N THR A 120 31.34 16.80 -11.77
CA THR A 120 31.57 17.01 -13.18
C THR A 120 32.86 17.81 -13.38
N TRP A 121 33.74 17.26 -14.22
CA TRP A 121 34.94 17.96 -14.67
C TRP A 121 34.55 19.18 -15.48
N SER A 122 35.46 20.15 -15.56
CA SER A 122 35.32 21.26 -16.49
C SER A 122 35.57 20.74 -17.90
N PRO A 123 35.01 21.41 -18.92
CA PRO A 123 35.15 20.89 -20.29
C PRO A 123 36.63 20.79 -20.71
N VAL A 124 37.45 21.67 -20.15
CA VAL A 124 38.87 21.66 -20.43
C VAL A 124 39.69 21.77 -19.14
N GLY A 125 40.70 20.93 -19.02
CA GLY A 125 41.57 20.97 -17.87
C GLY A 125 41.17 19.98 -16.80
N HIS A 126 41.35 20.37 -15.55
CA HIS A 126 41.10 19.46 -14.42
C HIS A 126 40.30 20.08 -13.27
N LYS A 127 39.49 21.09 -13.56
CA LYS A 127 38.61 21.63 -12.54
C LYS A 127 37.47 20.68 -12.22
N LEU A 128 36.92 20.80 -11.01
CA LEU A 128 35.82 19.97 -10.56
C LEU A 128 34.73 20.84 -10.00
N ALA A 129 33.49 20.42 -10.19
CA ALA A 129 32.38 21.05 -9.51
C ALA A 129 31.53 19.91 -9.00
N TYR A 130 31.01 20.07 -7.80
CA TYR A 130 30.19 19.00 -7.24
C TYR A 130 29.13 19.53 -6.31
N VAL A 131 28.05 18.78 -6.18
CA VAL A 131 27.00 19.13 -5.25
C VAL A 131 27.02 18.19 -4.06
N TRP A 132 26.85 18.78 -2.89
CA TRP A 132 26.80 18.04 -1.64
C TRP A 132 25.99 18.84 -0.59
N ASN A 133 24.98 18.19 -0.02
CA ASN A 133 23.99 18.83 0.82
C ASN A 133 23.27 19.95 0.10
N ASN A 134 22.98 19.71 -1.19
CA ASN A 134 22.30 20.66 -2.06
C ASN A 134 23.11 21.93 -2.29
N ASP A 135 24.36 21.94 -1.86
CA ASP A 135 25.25 23.07 -2.15
C ASP A 135 26.33 22.76 -3.18
N ILE A 136 26.80 23.80 -3.85
CA ILE A 136 27.79 23.65 -4.91
C ILE A 136 29.19 23.94 -4.41
N TYR A 137 30.16 23.17 -4.87
CA TYR A 137 31.55 23.39 -4.51
C TYR A 137 32.46 23.30 -5.72
N VAL A 138 33.60 24.00 -5.68
CA VAL A 138 34.53 24.03 -6.79
C VAL A 138 35.97 23.85 -6.35
N LYS A 139 36.62 22.80 -6.86
CA LYS A 139 38.06 22.65 -6.71
C LYS A 139 38.71 23.10 -8.02
N ILE A 140 39.63 24.05 -7.94
CA ILE A 140 40.41 24.39 -9.11
C ILE A 140 41.31 23.21 -9.42
N GLU A 141 41.89 22.62 -8.38
CA GLU A 141 42.74 21.44 -8.54
C GLU A 141 42.43 20.42 -7.45
N PRO A 142 42.49 19.13 -7.82
CA PRO A 142 42.02 17.98 -7.05
C PRO A 142 42.66 17.77 -5.68
N ASN A 143 43.78 18.41 -5.38
CA ASN A 143 44.41 18.21 -4.08
C ASN A 143 44.35 19.48 -3.24
N LEU A 144 43.54 20.42 -3.73
CA LEU A 144 43.35 21.70 -3.09
C LEU A 144 41.95 21.80 -2.49
N PRO A 145 41.79 22.69 -1.49
CA PRO A 145 40.48 22.88 -0.84
C PRO A 145 39.44 23.39 -1.82
N SER A 146 38.19 23.00 -1.64
CA SER A 146 37.13 23.46 -2.53
C SER A 146 36.60 24.82 -2.12
N TYR A 147 36.06 25.56 -3.08
CA TYR A 147 35.45 26.85 -2.82
C TYR A 147 33.95 26.65 -2.77
N ARG A 148 33.32 27.02 -1.66
CA ARG A 148 31.88 26.86 -1.55
C ARG A 148 31.18 28.02 -2.25
N ILE A 149 30.30 27.67 -3.18
CA ILE A 149 29.67 28.65 -4.05
C ILE A 149 28.31 29.09 -3.54
N THR A 150 27.52 28.11 -3.07
CA THR A 150 26.20 28.37 -2.48
C THR A 150 26.11 27.96 -1.01
N TRP A 151 25.25 28.66 -0.26
CA TRP A 151 25.10 28.41 1.17
C TRP A 151 23.67 28.10 1.54
N THR A 152 22.78 28.10 0.55
CA THR A 152 21.35 28.01 0.76
C THR A 152 20.78 26.59 0.64
N GLY A 153 21.64 25.62 0.34
CA GLY A 153 21.16 24.26 0.14
C GLY A 153 20.42 23.72 1.34
N LYS A 154 19.27 23.09 1.11
CA LYS A 154 18.45 22.55 2.18
C LYS A 154 17.56 21.40 1.68
N GLU A 155 17.71 20.22 2.30
CA GLU A 155 17.07 19.02 1.81
C GLU A 155 15.59 19.22 1.52
N ASP A 156 15.18 18.80 0.32
CA ASP A 156 13.77 18.83 -0.09
C ASP A 156 13.19 20.23 -0.29
N ILE A 157 13.98 21.27 -0.04
CA ILE A 157 13.46 22.61 -0.22
C ILE A 157 14.24 23.45 -1.23
N ILE A 158 15.53 23.69 -0.96
CA ILE A 158 16.35 24.47 -1.88
C ILE A 158 17.39 23.60 -2.57
N TYR A 159 17.30 23.50 -3.90
CA TYR A 159 18.29 22.74 -4.66
C TYR A 159 19.23 23.66 -5.48
N ASN A 160 20.53 23.60 -5.24
CA ASN A 160 21.48 24.35 -6.05
C ASN A 160 22.32 23.43 -6.91
N GLY A 161 22.14 23.48 -8.23
CA GLY A 161 23.00 22.72 -9.13
C GLY A 161 22.55 21.29 -9.40
N ILE A 162 21.48 20.88 -8.74
CA ILE A 162 20.79 19.62 -9.02
C ILE A 162 19.30 19.89 -9.10
N THR A 163 18.56 18.99 -9.73
CA THR A 163 17.14 19.20 -9.93
C THR A 163 16.28 18.53 -8.86
N ASP A 164 15.09 19.10 -8.66
CA ASP A 164 14.07 18.49 -7.83
C ASP A 164 13.39 17.41 -8.66
N TRP A 165 12.38 16.73 -8.11
CA TRP A 165 11.86 15.53 -8.76
C TRP A 165 11.34 15.77 -10.18
N VAL A 166 10.52 16.80 -10.37
CA VAL A 166 9.83 17.00 -11.65
C VAL A 166 10.77 17.52 -12.73
N TYR A 167 11.73 18.35 -12.33
CA TYR A 167 12.72 18.85 -13.28
C TYR A 167 13.57 17.69 -13.81
N GLU A 168 14.06 16.86 -12.91
CA GLU A 168 14.80 15.66 -13.28
C GLU A 168 13.97 14.76 -14.21
N GLU A 169 12.70 14.52 -13.90
CA GLU A 169 11.95 13.54 -14.68
C GLU A 169 11.45 14.07 -16.02
N GLU A 170 10.93 15.29 -16.02
CA GLU A 170 10.12 15.80 -17.11
C GLU A 170 10.75 16.97 -17.88
N VAL A 171 11.74 17.64 -17.29
CA VAL A 171 12.34 18.81 -17.91
C VAL A 171 13.75 18.53 -18.45
N PHE A 172 14.70 18.32 -17.56
CA PHE A 172 16.07 18.09 -17.99
C PHE A 172 16.44 16.64 -18.30
N SER A 173 15.72 15.66 -17.75
CA SER A 173 16.09 14.27 -17.98
C SER A 173 17.47 13.98 -17.40
N ALA A 174 17.71 14.52 -16.22
CA ALA A 174 19.00 14.40 -15.58
C ALA A 174 18.91 15.04 -14.20
N TYR A 175 19.83 14.67 -13.34
CA TYR A 175 19.90 15.22 -11.99
C TYR A 175 20.67 16.54 -12.02
N SER A 176 21.60 16.64 -12.95
CA SER A 176 22.50 17.79 -13.02
C SER A 176 21.82 19.10 -13.39
N ALA A 177 22.26 20.17 -12.74
CA ALA A 177 21.76 21.51 -13.02
C ALA A 177 22.93 22.47 -13.03
N LEU A 178 24.06 21.96 -13.51
CA LEU A 178 25.32 22.70 -13.63
C LEU A 178 25.79 22.70 -15.08
N TRP A 179 26.29 23.85 -15.54
CA TRP A 179 26.78 23.95 -16.92
C TRP A 179 28.06 24.78 -17.01
N TRP A 180 29.19 24.12 -17.26
CA TRP A 180 30.47 24.82 -17.47
C TRP A 180 30.47 25.53 -18.81
N SER A 181 31.07 26.71 -18.83
CA SER A 181 31.34 27.40 -20.07
C SER A 181 32.48 26.64 -20.76
N PRO A 182 32.58 26.73 -22.10
CA PRO A 182 33.54 25.91 -22.84
C PRO A 182 34.97 26.27 -22.45
N ASN A 183 35.20 27.56 -22.27
CA ASN A 183 36.39 28.10 -21.63
C ASN A 183 36.72 27.32 -20.35
N GLY A 184 35.66 26.91 -19.66
CA GLY A 184 35.79 26.36 -18.31
C GLY A 184 35.98 27.48 -17.29
N THR A 185 35.59 28.70 -17.65
CA THR A 185 35.79 29.87 -16.78
C THR A 185 34.56 30.17 -15.93
N PHE A 186 33.40 30.06 -16.56
CA PHE A 186 32.15 30.24 -15.85
C PHE A 186 31.52 28.88 -15.50
N LEU A 187 30.81 28.88 -14.36
CA LEU A 187 29.93 27.80 -13.97
C LEU A 187 28.53 28.40 -13.86
N ALA A 188 27.64 28.02 -14.76
CA ALA A 188 26.26 28.43 -14.67
C ALA A 188 25.49 27.37 -13.90
N TYR A 189 24.49 27.78 -13.13
CA TYR A 189 23.65 26.79 -12.45
C TYR A 189 22.27 27.30 -12.15
N ALA A 190 21.34 26.37 -11.95
CA ALA A 190 19.99 26.72 -11.60
C ALA A 190 19.74 26.42 -10.14
N GLN A 191 18.82 27.18 -9.57
CA GLN A 191 18.39 26.94 -8.20
C GLN A 191 16.90 26.72 -8.21
N PHE A 192 16.47 25.60 -7.64
CA PHE A 192 15.06 25.30 -7.55
C PHE A 192 14.58 25.43 -6.10
N ASN A 193 13.43 26.04 -5.94
CA ASN A 193 12.80 26.27 -4.64
C ASN A 193 11.53 25.44 -4.57
N ASP A 194 11.49 24.48 -3.66
CA ASP A 194 10.31 23.61 -3.50
C ASP A 194 9.54 23.86 -2.20
N THR A 195 9.76 25.03 -1.61
CA THR A 195 9.13 25.38 -0.35
C THR A 195 7.63 25.03 -0.26
N GLU A 196 6.86 25.42 -1.28
CA GLU A 196 5.41 25.21 -1.19
C GLU A 196 4.88 24.10 -2.09
N VAL A 197 5.77 23.23 -2.52
CA VAL A 197 5.38 22.09 -3.34
C VAL A 197 4.85 20.99 -2.41
N PRO A 198 3.64 20.48 -2.67
CA PRO A 198 3.10 19.45 -1.76
C PRO A 198 3.93 18.17 -1.82
N LEU A 199 3.76 17.30 -0.82
CA LEU A 199 4.53 16.08 -0.74
C LEU A 199 3.68 14.88 -1.09
N ILE A 200 4.26 13.94 -1.83
CA ILE A 200 3.65 12.63 -1.99
C ILE A 200 4.23 11.77 -0.89
N GLU A 201 3.38 10.98 -0.26
CA GLU A 201 3.79 10.24 0.90
C GLU A 201 3.46 8.79 0.63
N TYR A 202 4.41 7.91 0.89
CA TYR A 202 4.14 6.49 0.80
C TYR A 202 5.03 5.70 1.74
N SER A 203 4.57 4.49 2.05
CA SER A 203 5.28 3.62 2.97
C SER A 203 6.42 2.92 2.24
N PHE A 204 7.55 2.77 2.92
CA PHE A 204 8.63 1.91 2.46
C PHE A 204 8.90 0.92 3.61
N TYR A 205 8.81 -0.37 3.31
CA TYR A 205 8.83 -1.39 4.35
C TYR A 205 10.24 -1.85 4.70
N SER A 206 11.10 -1.89 3.68
CA SER A 206 12.53 -2.16 3.88
C SER A 206 12.76 -3.62 4.19
N ASP A 207 13.83 -3.90 4.93
CA ASP A 207 14.10 -5.27 5.32
C ASP A 207 13.13 -5.80 6.35
N GLU A 208 13.02 -7.12 6.38
CA GLU A 208 12.20 -7.85 7.32
C GLU A 208 12.43 -7.34 8.73
N SER A 209 13.65 -6.84 8.99
CA SER A 209 14.04 -6.50 10.34
C SER A 209 13.49 -5.16 10.81
N LEU A 210 13.01 -4.34 9.86
CA LEU A 210 12.53 -2.99 10.16
C LEU A 210 11.21 -3.09 10.89
N GLN A 211 11.21 -2.80 12.19
CA GLN A 211 10.00 -2.91 12.99
C GLN A 211 8.86 -2.02 12.50
N TYR A 212 9.10 -0.72 12.37
CA TYR A 212 8.07 0.19 11.84
C TYR A 212 8.42 0.65 10.45
N PRO A 213 7.50 0.44 9.51
CA PRO A 213 7.65 0.86 8.11
C PRO A 213 7.97 2.34 8.07
N LYS A 214 8.86 2.73 7.16
CA LYS A 214 9.31 4.11 7.03
C LYS A 214 8.39 4.85 6.06
N THR A 215 8.13 6.14 6.28
CA THR A 215 7.30 6.92 5.35
C THR A 215 8.17 7.82 4.47
N VAL A 216 8.08 7.63 3.16
CA VAL A 216 8.81 8.46 2.20
C VAL A 216 8.01 9.71 1.85
N ARG A 217 8.67 10.87 1.88
CA ARG A 217 8.02 12.13 1.55
C ARG A 217 8.81 12.87 0.49
N VAL A 218 8.18 13.09 -0.67
CA VAL A 218 8.85 13.68 -1.82
C VAL A 218 8.08 14.89 -2.37
N PRO A 219 8.73 16.08 -2.38
CA PRO A 219 8.04 17.18 -3.06
C PRO A 219 7.70 16.80 -4.48
N TYR A 220 6.41 16.83 -4.84
CA TYR A 220 5.93 16.38 -6.13
C TYR A 220 4.65 17.14 -6.44
N PRO A 221 4.63 17.92 -7.54
CA PRO A 221 3.39 18.62 -7.87
C PRO A 221 2.54 17.83 -8.86
N LYS A 222 1.32 17.52 -8.47
CA LYS A 222 0.43 16.84 -9.39
C LYS A 222 -0.26 17.89 -10.23
N ALA A 223 -0.98 17.46 -11.25
CA ALA A 223 -1.66 18.38 -12.15
C ALA A 223 -2.32 19.51 -11.37
N GLY A 224 -1.98 20.73 -11.73
CA GLY A 224 -2.65 21.90 -11.16
C GLY A 224 -2.16 22.35 -9.81
N ALA A 225 -1.20 21.64 -9.23
CA ALA A 225 -0.75 21.99 -7.87
C ALA A 225 0.37 22.98 -7.99
N VAL A 226 0.86 23.46 -6.85
CA VAL A 226 1.89 24.49 -6.86
C VAL A 226 3.18 23.89 -7.38
N ASN A 227 3.87 24.64 -8.24
CA ASN A 227 5.13 24.19 -8.84
C ASN A 227 6.33 24.71 -8.08
N PRO A 228 7.48 24.05 -8.26
CA PRO A 228 8.75 24.62 -7.79
C PRO A 228 9.03 25.90 -8.58
N THR A 229 9.86 26.76 -8.01
CA THR A 229 10.31 27.93 -8.73
C THR A 229 11.81 27.79 -9.01
N VAL A 230 12.31 28.63 -9.90
CA VAL A 230 13.68 28.51 -10.42
C VAL A 230 14.40 29.87 -10.58
N LYS A 231 15.66 29.90 -10.16
CA LYS A 231 16.54 31.02 -10.43
C LYS A 231 17.71 30.48 -11.25
N PHE A 232 18.38 31.36 -12.01
CA PHE A 232 19.55 31.00 -12.79
C PHE A 232 20.74 31.93 -12.47
N PHE A 233 21.92 31.35 -12.28
CA PHE A 233 23.09 32.11 -11.89
C PHE A 233 24.28 31.79 -12.74
N VAL A 234 25.31 32.63 -12.69
CA VAL A 234 26.61 32.34 -13.30
C VAL A 234 27.74 32.83 -12.41
N VAL A 235 28.72 31.98 -12.14
CA VAL A 235 29.84 32.34 -11.31
C VAL A 235 31.13 32.32 -12.11
N ASN A 236 32.04 33.22 -11.77
CA ASN A 236 33.34 33.27 -12.42
C ASN A 236 34.39 32.53 -11.61
N THR A 237 34.77 31.35 -12.09
CA THR A 237 35.70 30.50 -11.37
C THR A 237 37.13 31.02 -11.30
N ASP A 238 37.54 31.81 -12.30
CA ASP A 238 38.89 32.35 -12.31
C ASP A 238 39.09 33.29 -11.12
N SER A 239 38.01 33.92 -10.69
CA SER A 239 38.07 34.93 -9.64
C SER A 239 37.47 34.44 -8.32
N LEU A 240 38.14 33.48 -7.70
CA LEU A 240 37.67 32.96 -6.42
C LEU A 240 38.67 33.23 -5.29
N SER A 241 38.18 33.79 -4.20
CA SER A 241 39.01 34.10 -3.03
C SER A 241 38.93 33.00 -1.95
N SER A 242 40.06 32.71 -1.32
CA SER A 242 40.06 31.88 -0.12
C SER A 242 39.35 32.62 1.03
N VAL A 243 39.39 33.95 0.98
CA VAL A 243 38.89 34.80 2.05
C VAL A 243 37.44 35.25 1.81
N THR A 244 37.15 35.71 0.60
CA THR A 244 35.82 36.24 0.30
C THR A 244 34.88 35.19 -0.28
N ASN A 245 33.58 35.39 -0.11
CA ASN A 245 32.58 34.52 -0.72
C ASN A 245 32.56 34.60 -2.23
N ALA A 246 31.98 33.57 -2.84
CA ALA A 246 31.84 33.51 -4.29
C ALA A 246 30.58 34.25 -4.70
N THR A 247 30.75 35.19 -5.63
CA THR A 247 29.67 36.06 -6.06
C THR A 247 28.93 35.51 -7.28
N SER A 248 27.70 35.06 -7.08
CA SER A 248 26.91 34.55 -8.19
C SER A 248 26.11 35.67 -8.81
N ILE A 249 26.22 35.82 -10.13
CA ILE A 249 25.45 36.82 -10.86
C ILE A 249 24.18 36.15 -11.34
N GLN A 250 23.06 36.77 -11.08
CA GLN A 250 21.80 36.19 -11.48
C GLN A 250 21.34 36.67 -12.85
N ILE A 251 20.64 35.80 -13.56
CA ILE A 251 20.05 36.17 -14.82
C ILE A 251 18.58 35.87 -14.71
N THR A 252 17.77 36.92 -14.65
CA THR A 252 16.33 36.79 -14.55
C THR A 252 15.70 36.37 -15.88
N ALA A 253 14.53 35.75 -15.79
CA ALA A 253 13.83 35.29 -16.96
C ALA A 253 13.22 36.49 -17.65
N PRO A 254 12.79 36.33 -18.90
CA PRO A 254 12.17 37.43 -19.65
C PRO A 254 10.97 37.92 -18.89
N ALA A 255 10.62 39.19 -19.08
CA ALA A 255 9.44 39.73 -18.40
C ALA A 255 8.20 38.95 -18.79
N SER A 256 8.15 38.47 -20.04
CA SER A 256 7.01 37.69 -20.50
C SER A 256 6.90 36.32 -19.82
N MET A 257 7.95 35.92 -19.11
CA MET A 257 7.90 34.71 -18.29
C MET A 257 7.62 35.09 -16.85
N LEU A 258 8.21 36.18 -16.40
CA LEU A 258 8.07 36.62 -15.01
C LEU A 258 6.63 36.87 -14.55
N ILE A 259 5.70 37.09 -15.48
CA ILE A 259 4.34 37.41 -15.11
C ILE A 259 3.60 36.25 -14.46
N GLY A 260 4.15 35.04 -14.60
CA GLY A 260 3.48 33.85 -14.08
C GLY A 260 4.36 32.62 -13.96
N ASP A 261 3.74 31.48 -13.69
CA ASP A 261 4.46 30.20 -13.60
C ASP A 261 5.10 29.86 -14.95
N HIS A 262 6.36 29.44 -14.90
CA HIS A 262 7.12 29.08 -16.10
C HIS A 262 8.20 28.12 -15.68
N TYR A 263 8.86 27.53 -16.67
CA TYR A 263 9.99 26.65 -16.41
C TYR A 263 11.23 27.13 -17.18
N LEU A 264 12.41 26.83 -16.64
CA LEU A 264 13.67 26.95 -17.37
C LEU A 264 13.92 25.59 -18.01
N CYS A 265 13.83 25.49 -19.33
CA CYS A 265 13.78 24.16 -19.94
C CYS A 265 14.99 23.75 -20.80
N ASP A 266 15.93 24.67 -21.02
CA ASP A 266 17.17 24.35 -21.70
C ASP A 266 18.24 25.40 -21.49
N VAL A 267 19.48 24.92 -21.42
CA VAL A 267 20.63 25.79 -21.20
C VAL A 267 21.78 25.36 -22.11
N THR A 268 22.12 26.24 -23.06
CA THR A 268 23.20 25.97 -24.01
C THR A 268 24.19 27.13 -24.09
N TRP A 269 25.47 26.87 -23.77
CA TRP A 269 26.50 27.88 -24.00
C TRP A 269 26.74 28.02 -25.50
N ALA A 270 26.87 29.25 -25.98
CA ALA A 270 27.15 29.44 -27.40
C ALA A 270 28.65 29.67 -27.58
N THR A 271 29.19 30.57 -26.78
CA THR A 271 30.62 30.85 -26.82
C THR A 271 31.15 30.91 -25.40
N GLN A 272 32.31 31.57 -25.23
CA GLN A 272 32.88 31.71 -23.90
C GLN A 272 32.11 32.75 -23.08
N GLU A 273 31.27 33.54 -23.75
CA GLU A 273 30.62 34.70 -23.13
C GLU A 273 29.23 34.90 -23.66
N ARG A 274 28.66 33.87 -24.25
CA ARG A 274 27.28 33.94 -24.68
C ARG A 274 26.55 32.69 -24.20
N ILE A 275 25.40 32.88 -23.55
CA ILE A 275 24.56 31.76 -23.13
C ILE A 275 23.19 31.84 -23.77
N SER A 276 22.60 30.68 -24.04
CA SER A 276 21.23 30.60 -24.51
C SER A 276 20.33 29.99 -23.43
N LEU A 277 19.24 30.69 -23.09
CA LEU A 277 18.28 30.17 -22.12
C LEU A 277 16.93 29.99 -22.76
N GLN A 278 16.35 28.80 -22.59
CA GLN A 278 15.00 28.54 -23.06
C GLN A 278 14.06 28.56 -21.87
N TRP A 279 12.96 29.29 -22.01
CA TRP A 279 11.98 29.42 -20.95
C TRP A 279 10.63 29.00 -21.48
N LEU A 280 9.83 28.37 -20.64
CA LEU A 280 8.53 27.87 -21.05
C LEU A 280 7.45 28.37 -20.09
N ARG A 281 6.34 28.85 -20.63
CA ARG A 281 5.20 29.20 -19.78
C ARG A 281 4.58 27.94 -19.21
N ARG A 282 4.15 27.99 -17.95
CA ARG A 282 3.48 26.84 -17.34
C ARG A 282 2.40 26.29 -18.28
N ILE A 283 1.75 27.20 -18.98
CA ILE A 283 0.97 26.82 -20.16
C ILE A 283 2.00 26.62 -21.27
N GLN A 284 2.21 25.37 -21.65
CA GLN A 284 3.36 25.02 -22.49
C GLN A 284 3.16 25.21 -24.00
N ASN A 285 2.48 26.29 -24.37
CA ASN A 285 2.28 26.61 -25.77
C ASN A 285 3.04 27.88 -26.17
N TYR A 286 3.92 28.32 -25.28
CA TYR A 286 4.66 29.55 -25.48
C TYR A 286 5.99 29.48 -24.75
N SER A 287 7.07 29.83 -25.46
CA SER A 287 8.41 29.81 -24.87
C SER A 287 9.34 30.82 -25.52
N VAL A 288 10.32 31.26 -24.74
CA VAL A 288 11.25 32.26 -25.19
C VAL A 288 12.67 31.79 -25.00
N MET A 289 13.50 32.02 -26.02
CA MET A 289 14.92 31.81 -25.93
C MET A 289 15.61 33.13 -25.71
N ASP A 290 16.47 33.16 -24.71
CA ASP A 290 17.17 34.37 -24.30
C ASP A 290 18.67 34.22 -24.56
N ILE A 291 19.25 35.17 -25.29
CA ILE A 291 20.69 35.14 -25.59
C ILE A 291 21.44 36.10 -24.69
N CYS A 292 22.31 35.58 -23.81
CA CYS A 292 22.89 36.39 -22.75
C CYS A 292 24.41 36.54 -22.84
N ASP A 293 24.86 37.78 -22.89
CA ASP A 293 26.27 38.07 -23.10
C ASP A 293 26.91 38.72 -21.89
N TYR A 294 28.11 38.24 -21.56
CA TYR A 294 28.91 38.80 -20.49
C TYR A 294 29.52 40.15 -20.87
N ASP A 295 29.54 41.07 -19.90
CA ASP A 295 30.14 42.38 -20.10
C ASP A 295 31.28 42.62 -19.10
N GLU A 296 32.51 42.57 -19.58
CA GLU A 296 33.69 42.66 -18.72
C GLU A 296 33.78 43.94 -17.91
N SER A 297 33.12 45.00 -18.37
CA SER A 297 33.20 46.29 -17.69
C SER A 297 32.45 46.26 -16.37
N SER A 298 31.27 45.64 -16.39
CA SER A 298 30.39 45.54 -15.24
C SER A 298 30.56 44.21 -14.51
N GLY A 299 30.75 43.14 -15.28
CA GLY A 299 30.77 41.80 -14.73
C GLY A 299 29.39 41.15 -14.79
N ARG A 300 28.44 41.87 -15.38
CA ARG A 300 27.04 41.42 -15.49
C ARG A 300 26.77 40.64 -16.77
N TRP A 301 25.63 39.96 -16.82
CA TRP A 301 25.21 39.23 -18.01
C TRP A 301 23.95 39.87 -18.50
N ASN A 302 23.97 40.36 -19.73
CA ASN A 302 22.78 41.03 -20.24
C ASN A 302 22.17 40.33 -21.44
N CYS A 303 20.85 40.19 -21.40
CA CYS A 303 20.08 39.52 -22.41
C CYS A 303 19.16 40.54 -23.04
N LEU A 304 19.58 41.11 -24.16
CA LEU A 304 18.78 42.06 -24.91
C LEU A 304 17.46 41.45 -25.33
N VAL A 305 16.37 42.14 -25.02
CA VAL A 305 15.02 41.69 -25.35
C VAL A 305 14.88 41.51 -26.86
N ALA A 306 15.60 42.36 -27.58
CA ALA A 306 15.50 42.46 -29.02
C ALA A 306 15.83 41.14 -29.69
N ARG A 307 16.81 40.43 -29.15
CA ARG A 307 17.28 39.21 -29.76
C ARG A 307 16.70 37.93 -29.16
N GLN A 308 15.64 38.05 -28.36
CA GLN A 308 14.94 36.86 -27.91
C GLN A 308 14.34 36.20 -29.12
N HIS A 309 14.24 34.87 -29.10
CA HIS A 309 13.51 34.17 -30.14
C HIS A 309 12.30 33.54 -29.48
N ILE A 310 11.22 33.40 -30.23
CA ILE A 310 9.94 33.11 -29.64
C ILE A 310 9.19 32.01 -30.39
N GLU A 311 8.59 31.09 -29.64
CA GLU A 311 7.86 29.97 -30.21
C GLU A 311 6.48 29.82 -29.61
N MET A 312 5.51 29.48 -30.45
CA MET A 312 4.12 29.39 -30.06
C MET A 312 3.50 28.21 -30.80
N SER A 313 2.37 27.72 -30.30
CA SER A 313 1.63 26.68 -31.02
C SER A 313 0.16 26.97 -30.84
N THR A 314 -0.62 26.68 -31.88
CA THR A 314 -2.05 26.94 -31.85
C THR A 314 -2.81 25.63 -31.92
N THR A 315 -2.08 24.57 -32.27
CA THR A 315 -2.67 23.26 -32.38
C THR A 315 -2.30 22.37 -31.20
N GLY A 316 -1.20 22.69 -30.52
CA GLY A 316 -0.70 21.85 -29.45
C GLY A 316 0.22 22.53 -28.46
N TRP A 317 1.33 21.83 -28.15
CA TRP A 317 2.31 22.35 -27.20
C TRP A 317 3.56 22.68 -27.98
N VAL A 318 4.63 23.04 -27.28
CA VAL A 318 5.88 23.38 -27.97
C VAL A 318 6.92 22.27 -27.94
N GLY A 319 7.34 21.82 -29.12
CA GLY A 319 8.34 20.75 -29.25
C GLY A 319 7.70 19.37 -29.13
N ARG A 320 8.51 18.33 -29.26
CA ARG A 320 7.97 17.00 -29.04
C ARG A 320 7.61 16.81 -27.57
N PHE A 321 8.57 17.08 -26.69
CA PHE A 321 8.35 16.96 -25.25
C PHE A 321 8.79 18.23 -24.57
N ARG A 322 9.53 19.06 -25.30
CA ARG A 322 9.98 20.35 -24.79
C ARG A 322 10.48 21.13 -25.98
N PRO A 323 10.70 22.45 -25.82
CA PRO A 323 11.30 23.20 -26.92
C PRO A 323 12.61 22.54 -27.36
N SER A 324 12.90 22.53 -28.66
CA SER A 324 14.08 21.83 -29.18
C SER A 324 15.37 22.51 -28.77
N GLU A 325 16.46 21.75 -28.84
CA GLU A 325 17.80 22.19 -28.45
C GLU A 325 18.48 22.96 -29.59
N PRO A 326 19.10 24.12 -29.27
CA PRO A 326 19.78 24.90 -30.29
C PRO A 326 21.21 24.40 -30.48
N HIS A 327 21.61 24.24 -31.75
CA HIS A 327 22.97 23.84 -32.06
C HIS A 327 23.68 25.03 -32.69
N PHE A 328 24.60 25.62 -31.94
CA PHE A 328 25.25 26.88 -32.31
C PHE A 328 26.43 26.72 -33.29
N THR A 329 26.51 27.63 -34.26
CA THR A 329 27.71 27.67 -35.09
C THR A 329 28.86 28.12 -34.21
N LEU A 330 30.06 27.72 -34.62
CA LEU A 330 31.26 27.92 -33.81
C LEU A 330 31.45 29.37 -33.33
N ASP A 331 31.16 30.35 -34.19
CA ASP A 331 31.35 31.76 -33.81
C ASP A 331 30.30 32.24 -32.82
N GLY A 332 29.23 31.46 -32.68
CA GLY A 332 28.17 31.77 -31.73
C GLY A 332 27.21 32.82 -32.23
N ASN A 333 27.22 33.12 -33.52
CA ASN A 333 26.36 34.20 -34.06
C ASN A 333 25.12 33.66 -34.76
N SER A 334 25.06 32.36 -34.99
CA SER A 334 23.85 31.74 -35.51
C SER A 334 23.67 30.35 -34.92
N PHE A 335 22.54 29.71 -35.21
CA PHE A 335 22.27 28.38 -34.70
C PHE A 335 21.14 27.73 -35.48
N TYR A 336 21.09 26.40 -35.42
CA TYR A 336 20.05 25.63 -36.09
C TYR A 336 19.23 24.91 -35.03
N LYS A 337 17.99 24.58 -35.33
CA LYS A 337 17.20 23.86 -34.35
C LYS A 337 15.90 23.40 -34.99
N ILE A 338 15.46 22.21 -34.59
CA ILE A 338 14.24 21.62 -35.14
C ILE A 338 12.99 22.40 -34.74
N ILE A 339 12.13 22.60 -35.73
CA ILE A 339 10.95 23.46 -35.62
C ILE A 339 9.88 22.85 -36.52
N SER A 340 8.61 22.98 -36.11
CA SER A 340 7.50 22.48 -36.88
C SER A 340 7.22 23.46 -38.02
N ASN A 341 7.15 22.99 -39.26
CA ASN A 341 6.96 23.93 -40.37
C ASN A 341 5.48 24.24 -40.64
N GLU A 342 5.20 24.95 -41.72
CA GLU A 342 3.83 25.41 -42.01
C GLU A 342 2.86 24.25 -42.16
N GLU A 343 3.40 23.08 -42.53
CA GLU A 343 2.55 21.90 -42.68
C GLU A 343 2.62 20.97 -41.48
N GLY A 344 3.24 21.43 -40.39
CA GLY A 344 3.34 20.67 -39.16
C GLY A 344 4.38 19.55 -39.10
N TYR A 345 5.39 19.59 -39.97
CA TYR A 345 6.46 18.60 -39.95
C TYR A 345 7.72 19.21 -39.38
N ARG A 346 8.46 18.44 -38.60
CA ARG A 346 9.61 19.01 -37.91
C ARG A 346 10.88 18.97 -38.76
N HIS A 347 11.35 20.15 -39.13
CA HIS A 347 12.54 20.27 -39.96
C HIS A 347 13.57 21.22 -39.37
N ILE A 348 14.79 21.14 -39.89
CA ILE A 348 15.88 21.97 -39.40
C ILE A 348 15.71 23.41 -39.87
N CYS A 349 15.82 24.34 -38.92
CA CYS A 349 15.65 25.75 -39.22
C CYS A 349 16.92 26.52 -38.87
N TYR A 350 17.25 27.51 -39.68
CA TYR A 350 18.48 28.27 -39.52
C TYR A 350 18.20 29.67 -38.98
N PHE A 351 18.87 30.01 -37.88
CA PHE A 351 18.64 31.29 -37.20
C PHE A 351 19.91 32.10 -37.08
N GLN A 352 19.83 33.37 -37.43
CA GLN A 352 20.95 34.27 -37.28
C GLN A 352 20.57 35.22 -36.17
N ILE A 353 21.43 35.32 -35.15
CA ILE A 353 21.12 36.08 -33.95
C ILE A 353 20.28 37.34 -34.16
N ASP A 354 20.86 38.42 -34.65
CA ASP A 354 20.10 39.67 -34.63
C ASP A 354 19.20 39.89 -35.82
N LYS A 355 18.65 38.82 -36.38
CA LYS A 355 17.80 38.91 -37.57
C LYS A 355 16.47 38.17 -37.39
N LYS A 356 15.47 38.59 -38.15
CA LYS A 356 14.10 38.12 -37.97
C LYS A 356 13.90 36.73 -38.56
N ASP A 357 12.87 36.04 -38.07
CA ASP A 357 12.46 34.78 -38.68
C ASP A 357 13.55 33.73 -38.62
N CYS A 358 13.41 32.73 -39.47
CA CYS A 358 14.44 31.71 -39.62
C CYS A 358 14.22 31.04 -40.97
N THR A 359 15.21 30.25 -41.38
CA THR A 359 15.21 29.69 -42.71
C THR A 359 15.22 28.16 -42.71
N PHE A 360 14.19 27.57 -43.32
CA PHE A 360 14.14 26.12 -43.41
C PHE A 360 15.12 25.58 -44.41
N ILE A 361 15.92 24.62 -43.97
CA ILE A 361 16.93 24.02 -44.81
C ILE A 361 16.52 22.59 -45.19
N THR A 362 15.47 22.09 -44.54
CA THR A 362 14.88 20.81 -44.91
C THR A 362 13.37 20.93 -45.02
N LYS A 363 12.77 19.99 -45.74
CA LYS A 363 11.33 19.98 -45.94
C LYS A 363 10.94 18.66 -46.58
N GLY A 364 9.70 18.26 -46.36
CA GLY A 364 9.19 17.03 -46.90
C GLY A 364 8.05 16.53 -46.02
N THR A 365 7.43 15.44 -46.46
CA THR A 365 6.44 14.74 -45.65
C THR A 365 7.12 13.68 -44.79
N TRP A 366 8.04 14.13 -43.94
CA TRP A 366 8.79 13.30 -43.00
C TRP A 366 9.41 14.26 -42.01
N GLU A 367 10.15 13.75 -41.01
CA GLU A 367 10.64 14.65 -39.97
C GLU A 367 12.08 14.37 -39.62
N VAL A 368 12.77 15.41 -39.18
CA VAL A 368 14.11 15.27 -38.61
C VAL A 368 13.96 14.82 -37.15
N ILE A 369 14.77 13.86 -36.73
CA ILE A 369 14.66 13.33 -35.38
C ILE A 369 15.60 14.08 -34.43
N GLY A 370 16.81 14.39 -34.90
CA GLY A 370 17.79 15.05 -34.08
C GLY A 370 18.92 15.64 -34.91
N ILE A 371 19.49 16.74 -34.43
CA ILE A 371 20.67 17.31 -35.05
C ILE A 371 21.91 16.78 -34.33
N GLU A 372 22.76 16.07 -35.07
CA GLU A 372 23.79 15.25 -34.45
C GLU A 372 25.15 15.91 -34.45
N ALA A 373 25.39 16.78 -35.42
CA ALA A 373 26.70 17.38 -35.53
C ALA A 373 26.72 18.56 -36.50
N LEU A 374 27.69 19.45 -36.31
CA LEU A 374 27.78 20.68 -37.07
C LEU A 374 29.25 21.03 -37.28
N THR A 375 29.70 21.00 -38.53
CA THR A 375 31.02 21.51 -38.86
C THR A 375 30.85 22.70 -39.78
N SER A 376 31.97 23.29 -40.24
CA SER A 376 31.90 24.48 -41.07
C SER A 376 31.21 24.24 -42.41
N ASP A 377 31.39 23.06 -43.00
CA ASP A 377 30.78 22.72 -44.29
C ASP A 377 29.51 21.89 -44.20
N TYR A 378 29.23 21.31 -43.03
CA TYR A 378 28.13 20.35 -42.94
C TYR A 378 27.34 20.33 -41.65
N LEU A 379 26.05 20.06 -41.81
CA LEU A 379 25.20 19.74 -40.68
C LEU A 379 24.76 18.30 -40.80
N TYR A 380 24.98 17.52 -39.75
CA TYR A 380 24.62 16.11 -39.76
C TYR A 380 23.42 15.89 -38.86
N TYR A 381 22.47 15.09 -39.33
CA TYR A 381 21.25 14.89 -38.57
C TYR A 381 20.63 13.52 -38.88
N ILE A 382 19.80 13.03 -37.97
CA ILE A 382 19.03 11.81 -38.21
C ILE A 382 17.63 12.19 -38.65
N SER A 383 17.08 11.48 -39.64
CA SER A 383 15.71 11.69 -40.02
C SER A 383 15.06 10.37 -40.38
N ASN A 384 13.74 10.38 -40.56
CA ASN A 384 13.04 9.18 -41.02
C ASN A 384 12.57 9.31 -42.47
N GLU A 385 13.35 9.99 -43.30
CA GLU A 385 12.94 10.17 -44.69
C GLU A 385 12.97 8.87 -45.50
N TYR A 386 14.04 8.09 -45.36
CA TYR A 386 14.26 6.94 -46.23
C TYR A 386 13.05 6.01 -46.39
N LYS A 387 12.53 5.96 -47.62
CA LYS A 387 11.43 5.06 -47.97
C LYS A 387 10.10 5.46 -47.34
N GLY A 388 10.10 6.63 -46.69
CA GLY A 388 8.90 7.16 -46.09
C GLY A 388 8.41 6.30 -44.93
N MET A 389 9.34 5.68 -44.23
CA MET A 389 9.02 4.81 -43.10
C MET A 389 9.29 5.55 -41.80
N PRO A 390 8.23 6.07 -41.18
CA PRO A 390 8.38 6.88 -39.97
C PRO A 390 9.19 6.15 -38.90
N GLY A 391 9.14 4.82 -38.95
CA GLY A 391 9.81 3.98 -37.97
C GLY A 391 11.26 3.64 -38.27
N GLY A 392 11.82 4.21 -39.33
CA GLY A 392 13.24 4.04 -39.62
C GLY A 392 14.06 5.27 -39.23
N ARG A 393 15.38 5.12 -39.16
CA ARG A 393 16.28 6.23 -38.83
C ARG A 393 17.57 6.09 -39.61
N ASN A 394 18.00 7.16 -40.27
CA ASN A 394 19.26 7.20 -41.03
C ASN A 394 20.00 8.51 -40.86
N LEU A 395 21.31 8.47 -41.01
CA LEU A 395 22.14 9.66 -40.90
C LEU A 395 22.21 10.35 -42.25
N TYR A 396 22.02 11.67 -42.25
CA TYR A 396 22.18 12.48 -43.44
C TYR A 396 23.12 13.63 -43.15
N LYS A 397 23.70 14.20 -44.21
CA LYS A 397 24.43 15.46 -44.08
C LYS A 397 24.01 16.40 -45.19
N ILE A 398 23.90 17.67 -44.84
CA ILE A 398 23.43 18.69 -45.74
C ILE A 398 24.56 19.63 -45.98
N GLN A 399 24.78 19.97 -47.25
CA GLN A 399 25.85 20.89 -47.59
C GLN A 399 25.46 22.31 -47.20
N LEU A 400 26.19 22.87 -46.24
CA LEU A 400 25.84 24.19 -45.73
C LEU A 400 25.70 25.26 -46.84
N SER A 401 26.62 25.27 -47.79
CA SER A 401 26.61 26.33 -48.80
C SER A 401 25.70 26.02 -49.99
N ASP A 402 25.03 24.88 -49.94
CA ASP A 402 24.03 24.54 -50.96
C ASP A 402 23.04 23.58 -50.35
N TYR A 403 22.02 24.15 -49.72
CA TYR A 403 21.10 23.38 -48.90
C TYR A 403 20.50 22.24 -49.71
N THR A 404 20.57 22.33 -51.03
CA THR A 404 19.89 21.38 -51.89
C THR A 404 20.63 20.06 -51.93
N LYS A 405 21.85 20.05 -51.42
CA LYS A 405 22.68 18.86 -51.56
C LYS A 405 22.72 18.04 -50.29
N VAL A 406 21.84 17.06 -50.22
CA VAL A 406 21.68 16.24 -49.04
C VAL A 406 22.11 14.82 -49.35
N THR A 407 23.09 14.36 -48.59
CA THR A 407 23.66 13.04 -48.80
C THR A 407 23.24 12.05 -47.70
N CYS A 408 22.73 10.88 -48.09
CA CYS A 408 22.42 9.89 -47.06
C CYS A 408 23.64 9.06 -46.73
N LEU A 409 24.04 9.09 -45.46
CA LEU A 409 25.27 8.44 -45.04
C LEU A 409 25.11 6.96 -44.67
N SER A 410 23.89 6.54 -44.34
CA SER A 410 23.68 5.19 -43.81
C SER A 410 22.65 4.39 -44.61
N CYS A 411 21.81 5.07 -45.38
CA CYS A 411 20.70 4.39 -46.07
C CYS A 411 21.16 3.10 -46.74
N GLU A 412 22.38 3.11 -47.27
CA GLU A 412 22.82 2.04 -48.17
C GLU A 412 23.96 1.16 -47.68
N LEU A 413 24.33 1.26 -46.41
CA LEU A 413 25.43 0.43 -45.92
C LEU A 413 25.09 -1.06 -46.00
N ASN A 414 23.97 -1.44 -45.39
CA ASN A 414 23.41 -2.79 -45.54
C ASN A 414 21.90 -2.73 -45.46
N PRO A 415 21.25 -2.41 -46.59
CA PRO A 415 19.84 -2.04 -46.71
C PRO A 415 18.81 -3.05 -46.21
N GLU A 416 19.23 -4.30 -45.99
CA GLU A 416 18.28 -5.29 -45.47
C GLU A 416 18.46 -5.54 -43.96
N ARG A 417 19.68 -5.39 -43.47
CA ARG A 417 19.95 -5.61 -42.06
C ARG A 417 19.80 -4.34 -41.23
N CYS A 418 19.99 -3.19 -41.88
CA CYS A 418 20.16 -1.95 -41.16
C CYS A 418 19.27 -0.82 -41.66
N GLN A 419 18.25 -0.49 -40.87
CA GLN A 419 17.31 0.56 -41.24
C GLN A 419 17.01 1.45 -40.05
N TYR A 420 17.77 1.28 -38.98
CA TYR A 420 17.53 2.08 -37.80
C TYR A 420 18.87 2.39 -37.17
N TYR A 421 19.33 3.61 -37.41
CA TYR A 421 20.65 4.03 -37.00
C TYR A 421 20.61 5.10 -35.93
N SER A 422 21.59 5.05 -35.02
CA SER A 422 21.96 6.21 -34.24
C SER A 422 23.46 6.46 -34.44
N VAL A 423 23.96 7.62 -34.02
CA VAL A 423 25.35 7.99 -34.28
C VAL A 423 26.04 8.69 -33.12
N SER A 424 27.36 8.55 -33.04
CA SER A 424 28.18 9.23 -32.06
C SER A 424 29.40 9.86 -32.73
N PHE A 425 29.47 11.20 -32.74
CA PHE A 425 30.63 11.91 -33.31
C PHE A 425 31.74 12.18 -32.33
N SER A 426 32.97 12.25 -32.84
CA SER A 426 34.14 12.58 -32.05
C SER A 426 34.18 14.09 -31.93
N LYS A 427 35.03 14.63 -31.05
CA LYS A 427 35.18 16.08 -30.95
C LYS A 427 35.40 16.65 -32.35
N GLU A 428 34.91 17.85 -32.59
CA GLU A 428 35.08 18.50 -33.88
C GLU A 428 34.61 17.64 -35.06
N ALA A 429 34.01 16.49 -34.76
CA ALA A 429 33.32 15.70 -35.78
C ALA A 429 34.21 15.10 -36.87
N LYS A 430 35.45 14.77 -36.57
CA LYS A 430 36.29 14.17 -37.61
C LYS A 430 35.90 12.71 -37.89
N TYR A 431 35.52 11.98 -36.86
CA TYR A 431 35.10 10.59 -37.04
C TYR A 431 33.70 10.38 -36.49
N TYR A 432 33.01 9.36 -36.98
CA TYR A 432 31.77 8.99 -36.32
C TYR A 432 31.52 7.51 -36.25
N GLN A 433 30.84 7.12 -35.17
CA GLN A 433 30.44 5.75 -34.92
C GLN A 433 28.99 5.59 -35.31
N LEU A 434 28.72 4.61 -36.15
CA LEU A 434 27.34 4.32 -36.49
C LEU A 434 26.86 3.13 -35.67
N ARG A 435 25.62 3.22 -35.21
CA ARG A 435 25.02 2.13 -34.46
C ARG A 435 23.68 1.77 -35.09
N CYS A 436 23.63 0.62 -35.76
CA CYS A 436 22.39 0.14 -36.37
C CYS A 436 21.75 -0.82 -35.38
N SER A 437 20.43 -0.73 -35.24
CA SER A 437 19.71 -1.49 -34.22
C SER A 437 18.68 -2.45 -34.81
N GLY A 438 18.56 -2.48 -36.14
CA GLY A 438 17.61 -3.37 -36.77
C GLY A 438 17.29 -2.95 -38.18
N PRO A 439 16.49 -3.75 -38.90
CA PRO A 439 15.72 -4.87 -38.37
C PRO A 439 16.55 -6.09 -37.97
N GLY A 440 17.80 -6.17 -38.42
CA GLY A 440 18.65 -7.31 -38.09
C GLY A 440 19.47 -7.06 -36.83
N LEU A 441 20.49 -7.90 -36.62
CA LEU A 441 21.30 -7.80 -35.42
C LEU A 441 22.05 -6.50 -35.41
N PRO A 442 22.12 -5.85 -34.24
CA PRO A 442 22.86 -4.60 -34.02
C PRO A 442 24.31 -4.67 -34.51
N LEU A 443 24.77 -3.59 -35.15
CA LEU A 443 26.01 -3.54 -35.92
C LEU A 443 26.70 -2.19 -35.74
N TYR A 444 27.91 -2.22 -35.21
CA TYR A 444 28.63 -1.00 -34.84
C TYR A 444 29.87 -0.77 -35.72
N THR A 445 29.91 0.36 -36.42
CA THR A 445 31.01 0.65 -37.34
C THR A 445 31.60 2.04 -37.11
N LEU A 446 32.83 2.25 -37.56
CA LEU A 446 33.52 3.55 -37.47
C LEU A 446 33.68 4.19 -38.85
N HIS A 447 33.68 5.51 -38.90
CA HIS A 447 33.73 6.20 -40.17
C HIS A 447 34.51 7.51 -40.07
N SER A 448 35.14 7.93 -41.16
CA SER A 448 35.82 9.22 -41.19
C SER A 448 34.95 10.24 -41.91
N SER A 449 34.88 11.44 -41.36
CA SER A 449 34.04 12.49 -41.92
C SER A 449 34.50 12.95 -43.30
N VAL A 450 35.82 12.94 -43.54
CA VAL A 450 36.36 13.48 -44.79
C VAL A 450 35.67 12.90 -46.02
N ASN A 451 35.83 11.60 -46.23
CA ASN A 451 35.23 10.95 -47.38
C ASN A 451 34.13 10.00 -46.96
N ASP A 452 33.69 10.12 -45.71
CA ASP A 452 32.65 9.24 -45.20
C ASP A 452 33.04 7.81 -45.54
N LYS A 453 34.29 7.47 -45.28
CA LYS A 453 34.83 6.16 -45.58
C LYS A 453 34.57 5.22 -44.41
N GLY A 454 34.20 3.98 -44.71
CA GLY A 454 34.05 2.98 -43.68
C GLY A 454 35.42 2.53 -43.19
N LEU A 455 35.81 2.95 -42.00
CA LEU A 455 37.12 2.54 -41.46
C LEU A 455 37.17 1.06 -41.11
N ARG A 456 36.28 0.62 -40.22
CA ARG A 456 36.28 -0.76 -39.75
C ARG A 456 34.96 -1.10 -39.06
N VAL A 457 34.69 -2.40 -38.96
CA VAL A 457 33.55 -2.87 -38.20
C VAL A 457 33.99 -3.05 -36.75
N LEU A 458 33.19 -2.53 -35.83
CA LEU A 458 33.51 -2.56 -34.40
C LEU A 458 32.88 -3.76 -33.68
N GLU A 459 31.69 -4.17 -34.13
CA GLU A 459 30.96 -5.26 -33.52
C GLU A 459 29.83 -5.65 -34.45
N ASP A 460 29.78 -6.93 -34.82
CA ASP A 460 28.77 -7.37 -35.77
C ASP A 460 27.81 -8.36 -35.14
N ASN A 461 27.98 -8.61 -33.85
CA ASN A 461 27.12 -9.58 -33.17
C ASN A 461 27.07 -10.93 -33.87
N SER A 462 28.20 -11.33 -34.44
CA SER A 462 28.29 -12.57 -35.19
C SER A 462 28.02 -13.73 -34.26
N ALA A 463 28.60 -13.65 -33.06
CA ALA A 463 28.49 -14.72 -32.07
C ALA A 463 27.02 -15.01 -31.68
N LEU A 464 26.31 -13.98 -31.26
CA LEU A 464 24.88 -14.11 -30.98
C LEU A 464 24.19 -14.69 -32.20
N ASP A 465 24.57 -14.24 -33.38
CA ASP A 465 23.91 -14.67 -34.60
C ASP A 465 24.03 -16.18 -34.84
N LYS A 466 25.13 -16.75 -34.36
CA LYS A 466 25.38 -18.16 -34.58
C LYS A 466 24.48 -18.98 -33.65
N MET A 467 24.16 -18.38 -32.51
CA MET A 467 23.34 -19.05 -31.52
C MET A 467 21.90 -19.08 -31.97
N LEU A 468 21.45 -17.94 -32.49
CA LEU A 468 20.07 -17.77 -32.86
C LEU A 468 19.68 -18.60 -34.07
N GLN A 469 20.67 -19.07 -34.83
CA GLN A 469 20.41 -19.95 -35.96
C GLN A 469 19.87 -21.29 -35.47
N ASN A 470 20.19 -21.61 -34.22
CA ASN A 470 19.72 -22.82 -33.53
C ASN A 470 18.26 -22.77 -33.10
N VAL A 471 17.80 -21.57 -32.76
CA VAL A 471 16.49 -21.39 -32.15
C VAL A 471 15.44 -21.05 -33.20
N GLN A 472 14.21 -21.47 -32.96
CA GLN A 472 13.10 -21.06 -33.82
C GLN A 472 12.63 -19.68 -33.42
N MET A 473 13.21 -18.67 -34.04
CA MET A 473 12.92 -17.29 -33.70
C MET A 473 11.71 -16.75 -34.44
N PRO A 474 11.03 -15.77 -33.83
CA PRO A 474 9.90 -15.12 -34.51
C PRO A 474 10.41 -14.12 -35.55
N SER A 475 9.56 -13.78 -36.51
CA SER A 475 9.89 -12.72 -37.45
C SER A 475 9.01 -11.51 -37.14
N LYS A 476 9.30 -10.39 -37.80
CA LYS A 476 8.61 -9.13 -37.53
C LYS A 476 8.06 -8.54 -38.83
N LYS A 477 6.83 -8.07 -38.79
CA LYS A 477 6.19 -7.51 -39.97
C LYS A 477 5.86 -6.05 -39.70
N LEU A 478 6.46 -5.15 -40.47
CA LEU A 478 6.18 -3.74 -40.33
C LEU A 478 5.37 -3.32 -41.55
N ASP A 479 4.12 -2.99 -41.33
CA ASP A 479 3.27 -2.51 -42.41
C ASP A 479 2.45 -1.34 -41.87
N PHE A 480 1.32 -1.07 -42.49
CA PHE A 480 0.48 0.04 -42.10
C PHE A 480 -0.93 -0.28 -42.56
N ILE A 481 -1.91 0.51 -42.13
CA ILE A 481 -3.25 0.38 -42.67
C ILE A 481 -3.81 1.76 -42.88
N ILE A 482 -4.85 1.85 -43.69
CA ILE A 482 -5.48 3.12 -43.98
C ILE A 482 -6.74 3.33 -43.17
N LEU A 483 -6.83 4.49 -42.53
CA LEU A 483 -8.04 4.90 -41.82
C LEU A 483 -8.31 6.36 -42.18
N ASN A 484 -9.52 6.63 -42.67
CA ASN A 484 -9.86 7.97 -43.15
C ASN A 484 -8.73 8.53 -44.01
N GLU A 485 -8.42 7.81 -45.10
CA GLU A 485 -7.36 8.22 -46.03
C GLU A 485 -6.03 8.57 -45.37
N THR A 486 -5.70 7.88 -44.28
CA THR A 486 -4.43 8.10 -43.58
C THR A 486 -3.79 6.80 -43.13
N LYS A 487 -2.51 6.65 -43.44
CA LYS A 487 -1.77 5.46 -43.07
C LYS A 487 -1.33 5.50 -41.62
N PHE A 488 -1.54 4.40 -40.93
CA PHE A 488 -1.07 4.26 -39.57
C PHE A 488 -0.31 2.95 -39.45
N TRP A 489 0.91 3.05 -38.94
CA TRP A 489 1.82 1.92 -38.98
C TRP A 489 1.66 0.98 -37.80
N TYR A 490 1.99 -0.27 -38.03
CA TYR A 490 1.97 -1.26 -36.97
C TYR A 490 3.07 -2.27 -37.18
N GLN A 491 3.41 -2.98 -36.13
CA GLN A 491 4.28 -4.12 -36.26
C GLN A 491 3.61 -5.34 -35.65
N MET A 492 4.14 -6.51 -35.96
CA MET A 492 3.63 -7.74 -35.40
C MET A 492 4.81 -8.67 -35.28
N ILE A 493 5.09 -9.12 -34.07
CA ILE A 493 6.03 -10.21 -33.92
C ILE A 493 5.27 -11.50 -34.19
N LEU A 494 5.65 -12.23 -35.24
CA LEU A 494 4.93 -13.42 -35.69
C LEU A 494 5.65 -14.69 -35.26
N PRO A 495 4.89 -15.73 -34.89
CA PRO A 495 5.57 -16.96 -34.47
C PRO A 495 6.28 -17.63 -35.63
N PRO A 496 7.34 -18.38 -35.33
CA PRO A 496 8.06 -19.22 -36.30
C PRO A 496 7.13 -20.04 -37.19
N HIS A 497 7.47 -20.11 -38.48
CA HIS A 497 6.69 -20.88 -39.45
C HIS A 497 5.26 -20.36 -39.53
N PHE A 498 5.15 -19.04 -39.57
CA PHE A 498 3.84 -18.42 -39.59
C PHE A 498 3.01 -18.90 -40.77
N ASP A 499 1.71 -18.99 -40.57
CA ASP A 499 0.82 -19.67 -41.50
C ASP A 499 -0.50 -18.90 -41.59
N LYS A 500 -0.66 -18.10 -42.64
CA LYS A 500 -1.86 -17.28 -42.83
C LYS A 500 -3.16 -18.10 -42.93
N SER A 501 -3.04 -19.42 -42.98
CA SER A 501 -4.20 -20.31 -43.02
C SER A 501 -4.53 -20.87 -41.63
N LYS A 502 -3.82 -20.41 -40.62
CA LYS A 502 -4.09 -20.80 -39.23
C LYS A 502 -4.73 -19.63 -38.51
N LYS A 503 -5.25 -19.91 -37.32
CA LYS A 503 -5.77 -18.86 -36.45
C LYS A 503 -4.86 -18.69 -35.24
N TYR A 504 -4.41 -17.46 -34.99
CA TYR A 504 -3.52 -17.21 -33.86
C TYR A 504 -4.16 -16.32 -32.78
N PRO A 505 -3.91 -16.64 -31.51
CA PRO A 505 -4.27 -15.68 -30.47
C PRO A 505 -3.41 -14.45 -30.68
N LEU A 506 -3.89 -13.30 -30.25
CA LEU A 506 -3.18 -12.06 -30.50
C LEU A 506 -3.13 -11.19 -29.26
N LEU A 507 -1.95 -10.71 -28.94
CA LEU A 507 -1.77 -9.76 -27.85
C LEU A 507 -1.45 -8.39 -28.45
N LEU A 508 -2.22 -7.37 -28.10
CA LEU A 508 -1.88 -6.00 -28.49
C LEU A 508 -1.01 -5.38 -27.41
N ASP A 509 0.24 -5.09 -27.76
CA ASP A 509 1.17 -4.46 -26.83
C ASP A 509 1.05 -2.97 -27.05
N VAL A 510 0.58 -2.26 -26.01
CA VAL A 510 0.26 -0.85 -26.12
C VAL A 510 1.18 0.07 -25.30
N TYR A 511 1.55 1.20 -25.89
CA TYR A 511 2.01 2.35 -25.12
C TYR A 511 1.16 3.57 -25.49
N ALA A 512 1.36 4.09 -26.70
CA ALA A 512 0.42 5.03 -27.32
C ALA A 512 0.35 6.41 -26.68
N GLY A 513 1.26 6.71 -25.76
CA GLY A 513 1.35 8.06 -25.23
C GLY A 513 1.78 9.04 -26.32
N PRO A 514 1.55 10.33 -26.10
CA PRO A 514 1.86 11.36 -27.11
C PRO A 514 3.30 11.26 -27.59
N CYS A 515 3.48 11.33 -28.91
CA CYS A 515 4.81 11.26 -29.55
C CYS A 515 5.53 9.94 -29.32
N SER A 516 4.77 8.88 -29.10
CA SER A 516 5.38 7.57 -28.96
C SER A 516 5.37 6.86 -30.31
N GLN A 517 6.17 5.81 -30.41
CA GLN A 517 6.19 5.04 -31.63
C GLN A 517 6.45 3.62 -31.25
N LYS A 518 5.48 2.76 -31.49
CA LYS A 518 5.63 1.37 -31.14
C LYS A 518 5.89 0.51 -32.38
N ALA A 519 5.72 1.07 -33.56
CA ALA A 519 6.01 0.33 -34.79
C ALA A 519 7.25 0.88 -35.46
N ASP A 520 8.37 0.16 -35.33
CA ASP A 520 9.65 0.59 -35.84
C ASP A 520 10.49 -0.60 -36.32
N THR A 521 11.73 -0.32 -36.74
CA THR A 521 12.58 -1.34 -37.34
C THR A 521 13.64 -1.88 -36.37
N VAL A 522 13.50 -1.58 -35.09
CA VAL A 522 14.44 -2.09 -34.10
C VAL A 522 14.27 -3.61 -33.90
N PHE A 523 15.40 -4.29 -33.74
CA PHE A 523 15.42 -5.69 -33.37
C PHE A 523 15.47 -5.79 -31.85
N ARG A 524 14.65 -6.68 -31.26
CA ARG A 524 14.58 -6.78 -29.81
C ARG A 524 14.42 -8.22 -29.31
N LEU A 525 15.12 -8.55 -28.23
CA LEU A 525 14.92 -9.82 -27.56
C LEU A 525 14.21 -9.57 -26.23
N ASN A 526 12.91 -9.82 -26.21
CA ASN A 526 12.10 -9.39 -25.09
C ASN A 526 10.92 -10.32 -24.80
N TRP A 527 10.08 -9.93 -23.86
CA TRP A 527 8.94 -10.76 -23.48
C TRP A 527 8.11 -11.20 -24.68
N ALA A 528 7.89 -10.29 -25.62
CA ALA A 528 7.14 -10.63 -26.84
C ALA A 528 7.84 -11.68 -27.71
N THR A 529 9.18 -11.64 -27.78
CA THR A 529 9.91 -12.69 -28.47
C THR A 529 9.50 -14.07 -27.92
N TYR A 530 9.48 -14.20 -26.60
CA TYR A 530 9.04 -15.43 -25.94
C TYR A 530 7.59 -15.82 -26.30
N LEU A 531 6.70 -14.85 -26.27
CA LEU A 531 5.30 -15.12 -26.51
C LEU A 531 5.04 -15.66 -27.92
N ALA A 532 5.76 -15.13 -28.91
CA ALA A 532 5.59 -15.62 -30.28
C ALA A 532 6.37 -16.91 -30.53
N SER A 533 7.62 -16.95 -30.07
CA SER A 533 8.48 -18.11 -30.31
C SER A 533 7.95 -19.38 -29.63
N THR A 534 7.59 -19.25 -28.35
CA THR A 534 7.24 -20.42 -27.55
C THR A 534 5.74 -20.69 -27.49
N GLU A 535 4.93 -19.66 -27.25
CA GLU A 535 3.49 -19.86 -27.07
C GLU A 535 2.68 -19.64 -28.37
N ASN A 536 3.35 -19.20 -29.42
CA ASN A 536 2.73 -19.04 -30.74
C ASN A 536 1.64 -18.00 -30.72
N ILE A 537 1.92 -16.89 -30.05
CA ILE A 537 1.04 -15.74 -30.01
C ILE A 537 1.59 -14.67 -30.91
N ILE A 538 0.73 -13.99 -31.64
CA ILE A 538 1.12 -12.79 -32.39
C ILE A 538 1.11 -11.58 -31.47
N VAL A 539 2.20 -10.82 -31.46
CA VAL A 539 2.24 -9.61 -30.64
C VAL A 539 2.27 -8.35 -31.50
N ALA A 540 1.14 -7.67 -31.55
CA ALA A 540 0.98 -6.48 -32.37
C ALA A 540 1.18 -5.20 -31.56
N SER A 541 1.55 -4.12 -32.26
CA SER A 541 1.51 -2.77 -31.70
C SER A 541 1.07 -1.85 -32.84
N PHE A 542 0.50 -0.71 -32.48
CA PHE A 542 -0.09 0.18 -33.47
C PHE A 542 0.14 1.62 -33.07
N ASP A 543 0.65 2.41 -34.01
CA ASP A 543 0.82 3.84 -33.80
C ASP A 543 -0.37 4.60 -34.38
N GLY A 544 -1.29 5.03 -33.51
CA GLY A 544 -2.47 5.77 -33.92
C GLY A 544 -2.36 7.26 -33.64
N ARG A 545 -3.49 7.97 -33.64
CA ARG A 545 -3.41 9.40 -33.42
C ARG A 545 -2.68 9.70 -32.11
N GLY A 546 -1.95 10.80 -32.07
CA GLY A 546 -1.09 11.09 -30.93
C GLY A 546 0.33 10.55 -31.06
N SER A 547 0.54 9.53 -31.89
CA SER A 547 1.90 9.00 -32.03
C SER A 547 2.83 10.00 -32.76
N GLY A 548 4.13 9.89 -32.53
CA GLY A 548 5.07 10.87 -33.04
C GLY A 548 5.72 10.51 -34.37
N TYR A 549 6.52 11.45 -34.88
CA TYR A 549 7.38 11.26 -36.06
C TYR A 549 6.64 11.20 -37.40
N GLN A 550 5.44 11.76 -37.41
CA GLN A 550 4.57 11.73 -38.58
C GLN A 550 3.93 13.10 -38.89
N GLY A 551 4.27 14.11 -38.11
CA GLY A 551 3.65 15.42 -38.30
C GLY A 551 2.62 15.73 -37.23
N ASP A 552 2.41 17.02 -37.01
CA ASP A 552 1.52 17.49 -35.96
C ASP A 552 0.06 17.12 -36.14
N LYS A 553 -0.36 16.95 -37.39
CA LYS A 553 -1.75 16.62 -37.69
C LYS A 553 -2.10 15.35 -36.91
N ILE A 554 -1.14 14.44 -36.85
CA ILE A 554 -1.36 13.18 -36.16
C ILE A 554 -1.02 13.28 -34.68
N MET A 555 0.00 14.06 -34.36
CA MET A 555 0.49 14.12 -33.00
C MET A 555 -0.40 14.98 -32.09
N HIS A 556 -0.94 16.06 -32.62
CA HIS A 556 -1.76 16.98 -31.83
C HIS A 556 -3.24 16.60 -31.87
N ALA A 557 -3.56 15.49 -32.53
CA ALA A 557 -4.96 15.04 -32.59
C ALA A 557 -5.47 14.90 -31.16
N ILE A 558 -4.54 14.61 -30.28
CA ILE A 558 -4.81 14.19 -28.91
C ILE A 558 -4.73 15.38 -27.95
N ASN A 559 -4.42 16.56 -28.50
CA ASN A 559 -4.28 17.79 -27.73
C ASN A 559 -5.47 18.05 -26.80
N ARG A 560 -5.18 18.22 -25.51
CA ARG A 560 -6.20 18.39 -24.48
C ARG A 560 -7.25 17.29 -24.43
N ARG A 561 -7.01 16.20 -25.13
CA ARG A 561 -7.99 15.14 -25.17
C ARG A 561 -7.36 13.76 -24.97
N LEU A 562 -6.52 13.63 -23.95
CA LEU A 562 -5.96 12.33 -23.60
C LEU A 562 -7.07 11.34 -23.28
N GLY A 563 -6.79 10.06 -23.52
CA GLY A 563 -7.76 9.02 -23.22
C GLY A 563 -8.96 9.07 -24.14
N THR A 564 -8.73 9.47 -25.40
CA THR A 564 -9.77 9.49 -26.41
C THR A 564 -9.27 8.83 -27.70
N PHE A 565 -8.75 9.63 -28.62
CA PHE A 565 -8.41 9.14 -29.95
C PHE A 565 -7.36 8.05 -29.91
N GLU A 566 -6.48 8.09 -28.93
CA GLU A 566 -5.47 7.06 -28.87
C GLU A 566 -6.13 5.75 -28.42
N VAL A 567 -7.10 5.85 -27.53
CA VAL A 567 -7.84 4.68 -27.03
C VAL A 567 -8.71 4.11 -28.14
N GLU A 568 -9.55 4.94 -28.72
CA GLU A 568 -10.29 4.57 -29.93
C GLU A 568 -9.41 3.78 -30.90
N ASP A 569 -8.28 4.36 -31.27
CA ASP A 569 -7.53 3.82 -32.39
C ASP A 569 -6.92 2.44 -32.10
N GLN A 570 -6.54 2.19 -30.85
CA GLN A 570 -6.02 0.88 -30.50
C GLN A 570 -7.12 -0.15 -30.73
N ILE A 571 -8.34 0.21 -30.33
CA ILE A 571 -9.47 -0.69 -30.52
C ILE A 571 -9.68 -0.97 -32.00
N GLU A 572 -9.73 0.10 -32.79
CA GLU A 572 -9.99 -0.03 -34.21
C GLU A 572 -8.90 -0.86 -34.87
N ALA A 573 -7.67 -0.71 -34.40
CA ALA A 573 -6.57 -1.54 -34.89
C ALA A 573 -6.86 -3.01 -34.71
N ALA A 574 -7.52 -3.35 -33.60
CA ALA A 574 -7.76 -4.74 -33.30
C ALA A 574 -8.88 -5.28 -34.19
N ARG A 575 -9.85 -4.43 -34.49
CA ARG A 575 -10.92 -4.81 -35.42
C ARG A 575 -10.29 -5.08 -36.78
N GLN A 576 -9.30 -4.30 -37.13
CA GLN A 576 -8.62 -4.46 -38.41
C GLN A 576 -7.88 -5.79 -38.47
N PHE A 577 -7.28 -6.18 -37.35
CA PHE A 577 -6.50 -7.41 -37.35
C PHE A 577 -7.41 -8.63 -37.45
N SER A 578 -8.53 -8.61 -36.75
CA SER A 578 -9.49 -9.69 -36.85
C SER A 578 -9.90 -9.85 -38.30
N LYS A 579 -10.05 -8.73 -38.99
CA LYS A 579 -10.48 -8.74 -40.39
C LYS A 579 -9.53 -9.62 -41.21
N MET A 580 -8.24 -9.34 -41.11
CA MET A 580 -7.22 -10.27 -41.61
C MET A 580 -7.59 -11.65 -41.05
N GLY A 581 -7.38 -12.69 -41.84
CA GLY A 581 -7.99 -13.98 -41.54
C GLY A 581 -7.21 -14.94 -40.68
N PHE A 582 -6.13 -14.50 -40.06
CA PHE A 582 -5.28 -15.42 -39.30
C PHE A 582 -5.22 -15.14 -37.80
N VAL A 583 -6.25 -14.45 -37.30
CA VAL A 583 -6.37 -14.18 -35.88
C VAL A 583 -7.63 -14.77 -35.30
N ASP A 584 -7.47 -15.50 -34.19
CA ASP A 584 -8.59 -16.04 -33.41
C ASP A 584 -9.31 -14.90 -32.69
N ASN A 585 -10.35 -14.35 -33.31
CA ASN A 585 -11.08 -13.24 -32.69
C ASN A 585 -11.79 -13.59 -31.37
N LYS A 586 -11.58 -14.81 -30.89
CA LYS A 586 -12.05 -15.18 -29.57
C LYS A 586 -10.93 -15.00 -28.55
N ARG A 587 -9.70 -14.97 -29.05
CA ARG A 587 -8.54 -14.85 -28.17
C ARG A 587 -7.70 -13.62 -28.50
N ILE A 588 -8.24 -12.46 -28.17
CA ILE A 588 -7.51 -11.21 -28.30
C ILE A 588 -7.31 -10.52 -26.96
N ALA A 589 -6.06 -10.31 -26.60
CA ALA A 589 -5.73 -9.66 -25.35
C ALA A 589 -5.10 -8.30 -25.61
N ILE A 590 -4.81 -7.58 -24.53
CA ILE A 590 -4.17 -6.28 -24.59
C ILE A 590 -3.40 -6.08 -23.29
N TRP A 591 -2.22 -5.49 -23.36
CA TRP A 591 -1.47 -5.25 -22.14
C TRP A 591 -0.68 -3.99 -22.34
N GLY A 592 -0.28 -3.37 -21.25
CA GLY A 592 0.47 -2.12 -21.32
C GLY A 592 1.02 -1.70 -19.97
N TRP A 593 2.09 -0.91 -20.02
CA TRP A 593 2.78 -0.45 -18.83
C TRP A 593 2.79 1.10 -18.83
N SER A 594 2.85 1.69 -17.65
CA SER A 594 2.83 3.14 -17.53
C SER A 594 1.64 3.76 -18.27
N TYR A 595 1.91 4.67 -19.20
CA TYR A 595 0.85 5.21 -20.03
C TYR A 595 0.11 4.09 -20.78
N GLY A 596 0.82 3.03 -21.13
CA GLY A 596 0.20 1.88 -21.76
C GLY A 596 -0.80 1.17 -20.85
N GLY A 597 -0.56 1.25 -19.54
CA GLY A 597 -1.45 0.68 -18.55
C GLY A 597 -2.74 1.47 -18.50
N TYR A 598 -2.61 2.79 -18.56
CA TYR A 598 -3.79 3.64 -18.57
C TYR A 598 -4.65 3.35 -19.81
N VAL A 599 -4.01 3.24 -20.97
CA VAL A 599 -4.73 3.02 -22.22
C VAL A 599 -5.33 1.61 -22.23
N THR A 600 -4.59 0.63 -21.71
CA THR A 600 -5.11 -0.74 -21.64
C THR A 600 -6.39 -0.73 -20.84
N SER A 601 -6.41 0.06 -19.78
CA SER A 601 -7.56 0.07 -18.88
C SER A 601 -8.75 0.71 -19.57
N MET A 602 -8.53 1.89 -20.12
CA MET A 602 -9.55 2.56 -20.91
C MET A 602 -10.08 1.67 -22.03
N VAL A 603 -9.20 0.93 -22.69
CA VAL A 603 -9.65 0.00 -23.71
C VAL A 603 -10.54 -1.07 -23.07
N LEU A 604 -10.03 -1.69 -22.02
CA LEU A 604 -10.78 -2.72 -21.33
C LEU A 604 -12.12 -2.20 -20.84
N GLY A 605 -12.20 -0.88 -20.67
CA GLY A 605 -13.37 -0.26 -20.07
C GLY A 605 -14.34 0.36 -21.07
N SER A 606 -14.12 0.09 -22.35
CA SER A 606 -14.84 0.81 -23.40
C SER A 606 -16.11 0.10 -23.82
N GLY A 607 -16.26 -1.16 -23.40
CA GLY A 607 -17.39 -1.98 -23.79
C GLY A 607 -17.32 -2.45 -25.24
N SER A 608 -16.17 -2.25 -25.87
CA SER A 608 -15.99 -2.51 -27.29
C SER A 608 -16.33 -3.94 -27.65
N GLY A 609 -16.07 -4.85 -26.72
CA GLY A 609 -16.33 -6.27 -26.95
C GLY A 609 -15.22 -6.98 -27.71
N VAL A 610 -14.16 -6.27 -28.07
CA VAL A 610 -13.07 -6.92 -28.81
C VAL A 610 -12.13 -7.73 -27.91
N PHE A 611 -11.85 -7.21 -26.72
CA PHE A 611 -10.84 -7.82 -25.86
C PHE A 611 -11.40 -8.74 -24.80
N LYS A 612 -10.78 -9.92 -24.70
CA LYS A 612 -11.17 -10.92 -23.73
C LYS A 612 -10.53 -10.65 -22.37
N CYS A 613 -9.33 -10.08 -22.38
CA CYS A 613 -8.59 -9.86 -21.13
C CYS A 613 -7.37 -8.98 -21.34
N GLY A 614 -6.87 -8.40 -20.25
CA GLY A 614 -5.76 -7.47 -20.35
C GLY A 614 -4.99 -7.28 -19.06
N ILE A 615 -3.76 -6.80 -19.20
CA ILE A 615 -2.93 -6.49 -18.05
C ILE A 615 -2.49 -5.03 -18.08
N ALA A 616 -2.70 -4.33 -16.98
CA ALA A 616 -2.20 -2.98 -16.85
C ALA A 616 -1.16 -2.95 -15.73
N VAL A 617 0.01 -2.42 -16.04
CA VAL A 617 1.08 -2.32 -15.05
C VAL A 617 1.39 -0.86 -14.78
N ALA A 618 1.35 -0.51 -13.50
CA ALA A 618 1.59 0.86 -13.04
C ALA A 618 0.88 1.90 -13.92
N PRO A 619 -0.40 1.69 -14.22
CA PRO A 619 -1.14 2.58 -15.12
C PRO A 619 -1.53 3.87 -14.42
N VAL A 620 -1.69 4.95 -15.18
CA VAL A 620 -2.30 6.15 -14.66
C VAL A 620 -3.78 5.84 -14.64
N SER A 621 -4.52 6.44 -13.70
CA SER A 621 -5.96 6.17 -13.59
C SER A 621 -6.80 7.43 -13.74
N ARG A 622 -6.25 8.55 -13.29
CA ARG A 622 -6.83 9.86 -13.55
C ARG A 622 -5.73 10.92 -13.50
N TRP A 623 -5.78 11.85 -14.43
CA TRP A 623 -4.68 12.78 -14.67
C TRP A 623 -4.35 13.74 -13.56
N GLU A 624 -5.28 14.02 -12.67
CA GLU A 624 -4.97 14.86 -11.52
C GLU A 624 -3.94 14.22 -10.61
N TYR A 625 -3.73 12.92 -10.79
CA TYR A 625 -2.83 12.18 -9.92
C TYR A 625 -1.40 12.24 -10.41
N TYR A 626 -1.23 12.53 -11.69
CA TYR A 626 0.10 12.55 -12.28
C TYR A 626 0.71 13.96 -12.22
N ASP A 627 1.97 14.08 -12.63
CA ASP A 627 2.74 15.31 -12.40
C ASP A 627 2.35 16.45 -13.33
N SER A 628 2.72 17.65 -12.92
CA SER A 628 2.23 18.85 -13.58
C SER A 628 2.85 19.05 -14.95
N VAL A 629 4.16 18.96 -15.03
CA VAL A 629 4.85 19.29 -16.27
C VAL A 629 4.39 18.38 -17.39
N TYR A 630 4.33 17.07 -17.12
CA TYR A 630 3.88 16.13 -18.13
C TYR A 630 2.40 16.33 -18.44
N THR A 631 1.56 16.19 -17.42
CA THR A 631 0.11 16.21 -17.59
C THR A 631 -0.37 17.52 -18.21
N GLU A 632 0.03 18.64 -17.62
CA GLU A 632 -0.44 19.94 -18.10
C GLU A 632 0.04 20.26 -19.50
N ARG A 633 1.20 19.73 -19.87
CA ARG A 633 1.70 19.82 -21.24
C ARG A 633 0.59 19.44 -22.24
N TYR A 634 -0.15 18.38 -21.95
CA TYR A 634 -1.16 17.88 -22.89
C TYR A 634 -2.59 18.24 -22.51
N MET A 635 -2.84 18.53 -21.23
CA MET A 635 -4.22 18.65 -20.77
C MET A 635 -4.59 20.05 -20.26
N GLY A 636 -3.66 21.00 -20.27
CA GLY A 636 -3.94 22.28 -19.67
C GLY A 636 -4.16 22.09 -18.17
N LEU A 637 -4.76 23.08 -17.52
CA LEU A 637 -5.04 22.98 -16.09
C LEU A 637 -6.41 22.38 -15.83
N PRO A 638 -6.56 21.67 -14.69
CA PRO A 638 -7.84 21.04 -14.36
C PRO A 638 -8.76 22.02 -13.62
N THR A 639 -8.93 23.22 -14.17
CA THR A 639 -9.86 24.18 -13.61
C THR A 639 -11.06 24.27 -14.53
N PRO A 640 -12.21 24.73 -13.96
CA PRO A 640 -13.48 24.90 -14.67
C PRO A 640 -13.32 25.80 -15.88
N GLU A 641 -12.51 26.84 -15.74
CA GLU A 641 -12.22 27.80 -16.80
C GLU A 641 -11.19 27.28 -17.81
N ASP A 642 -10.55 26.15 -17.49
CA ASP A 642 -9.73 25.50 -18.50
C ASP A 642 -10.26 24.11 -18.93
N ASN A 643 -9.59 23.03 -18.49
CA ASN A 643 -9.86 21.70 -18.99
C ASN A 643 -10.36 20.68 -17.96
N LEU A 644 -10.90 21.16 -16.84
CA LEU A 644 -11.36 20.25 -15.80
C LEU A 644 -12.41 19.25 -16.29
N ASP A 645 -13.28 19.69 -17.19
CA ASP A 645 -14.24 18.77 -17.79
C ASP A 645 -13.55 17.48 -18.26
N HIS A 646 -12.59 17.61 -19.16
CA HIS A 646 -11.98 16.41 -19.72
C HIS A 646 -11.05 15.66 -18.76
N TYR A 647 -10.49 16.37 -17.79
CA TYR A 647 -9.76 15.68 -16.75
C TYR A 647 -10.64 14.58 -16.15
N ARG A 648 -11.97 14.80 -16.15
CA ARG A 648 -12.92 13.91 -15.49
C ARG A 648 -13.81 13.05 -16.39
N ASN A 649 -13.84 13.36 -17.68
CA ASN A 649 -14.51 12.49 -18.64
C ASN A 649 -13.53 11.39 -19.03
N SER A 650 -12.33 11.42 -18.45
CA SER A 650 -11.22 10.59 -18.95
C SER A 650 -10.53 9.73 -17.91
N THR A 651 -11.24 9.35 -16.85
CA THR A 651 -10.65 8.56 -15.78
C THR A 651 -10.99 7.12 -16.05
N VAL A 652 -10.13 6.21 -15.60
CA VAL A 652 -10.47 4.79 -15.65
C VAL A 652 -11.65 4.47 -14.73
N MET A 653 -11.61 5.02 -13.51
CA MET A 653 -12.67 4.75 -12.53
C MET A 653 -14.08 4.83 -13.12
N SER A 654 -14.35 5.89 -13.86
CA SER A 654 -15.69 6.07 -14.41
C SER A 654 -16.11 4.98 -15.40
N ARG A 655 -15.21 4.04 -15.68
CA ARG A 655 -15.52 2.97 -16.63
C ARG A 655 -15.71 1.59 -15.97
N ALA A 656 -15.66 1.55 -14.64
CA ALA A 656 -15.67 0.30 -13.90
C ALA A 656 -16.71 -0.71 -14.36
N GLU A 657 -17.97 -0.29 -14.49
CA GLU A 657 -19.04 -1.22 -14.88
C GLU A 657 -18.65 -2.12 -16.05
N ASN A 658 -17.99 -1.54 -17.05
CA ASN A 658 -17.69 -2.29 -18.27
C ASN A 658 -16.64 -3.38 -18.09
N PHE A 659 -15.94 -3.33 -16.97
CA PHE A 659 -14.97 -4.36 -16.68
C PHE A 659 -15.63 -5.73 -16.38
N LYS A 660 -16.94 -5.77 -16.20
CA LYS A 660 -17.57 -7.07 -15.95
C LYS A 660 -17.49 -7.96 -17.18
N GLN A 661 -17.31 -7.36 -18.35
CA GLN A 661 -17.25 -8.11 -19.60
C GLN A 661 -15.85 -8.63 -19.91
N VAL A 662 -14.86 -8.29 -19.10
CA VAL A 662 -13.48 -8.65 -19.42
C VAL A 662 -12.76 -9.28 -18.21
N GLU A 663 -11.65 -9.97 -18.46
CA GLU A 663 -10.78 -10.45 -17.40
C GLU A 663 -9.59 -9.51 -17.25
N TYR A 664 -9.31 -9.04 -16.03
CA TYR A 664 -8.36 -7.94 -15.83
C TYR A 664 -7.31 -8.25 -14.77
N LEU A 665 -6.06 -7.96 -15.11
CA LEU A 665 -4.97 -8.10 -14.17
C LEU A 665 -4.35 -6.73 -13.96
N LEU A 666 -4.25 -6.33 -12.70
CA LEU A 666 -3.80 -4.99 -12.35
C LEU A 666 -2.56 -5.10 -11.47
N ILE A 667 -1.48 -4.44 -11.87
CA ILE A 667 -0.23 -4.56 -11.14
C ILE A 667 0.41 -3.21 -10.83
N HIS A 668 1.04 -3.09 -9.66
CA HIS A 668 1.69 -1.85 -9.26
C HIS A 668 2.70 -2.06 -8.12
N GLY A 669 3.88 -1.42 -8.23
CA GLY A 669 4.82 -1.37 -7.11
C GLY A 669 4.43 -0.37 -6.02
N THR A 670 4.54 -0.79 -4.76
CA THR A 670 4.20 0.08 -3.63
C THR A 670 5.08 1.32 -3.48
N ALA A 671 6.34 1.23 -3.88
CA ALA A 671 7.23 2.37 -3.75
C ALA A 671 7.34 3.17 -5.05
N ASP A 672 6.31 3.10 -5.87
CA ASP A 672 6.34 3.79 -7.16
C ASP A 672 6.22 5.29 -6.93
N ASP A 673 7.36 5.96 -7.09
CA ASP A 673 7.45 7.40 -6.85
C ASP A 673 6.98 8.23 -8.03
N ASN A 674 6.62 7.56 -9.11
CA ASN A 674 6.42 8.24 -10.37
C ASN A 674 4.95 8.21 -10.68
N VAL A 675 4.42 7.01 -10.97
CA VAL A 675 2.98 6.80 -11.02
C VAL A 675 2.64 6.17 -9.68
N HIS A 676 2.00 6.95 -8.83
CA HIS A 676 1.80 6.58 -7.43
C HIS A 676 0.85 5.39 -7.28
N PHE A 677 1.14 4.52 -6.32
CA PHE A 677 0.26 3.39 -6.06
C PHE A 677 -1.20 3.82 -5.95
N GLN A 678 -1.41 5.02 -5.44
CA GLN A 678 -2.70 5.70 -5.47
C GLN A 678 -3.52 5.39 -6.71
N GLN A 679 -2.94 5.63 -7.88
CA GLN A 679 -3.68 5.47 -9.13
C GLN A 679 -4.31 4.08 -9.28
N SER A 680 -3.59 3.03 -8.90
CA SER A 680 -4.18 1.70 -8.93
C SER A 680 -5.10 1.46 -7.73
N ALA A 681 -4.69 1.96 -6.56
CA ALA A 681 -5.52 1.84 -5.36
C ALA A 681 -6.92 2.40 -5.63
N GLN A 682 -7.02 3.44 -6.45
CA GLN A 682 -8.31 3.99 -6.78
C GLN A 682 -9.02 3.15 -7.82
N ILE A 683 -8.27 2.55 -8.72
CA ILE A 683 -8.89 1.70 -9.72
C ILE A 683 -9.58 0.52 -9.06
N SER A 684 -8.86 -0.18 -8.19
CA SER A 684 -9.41 -1.36 -7.52
C SER A 684 -10.67 -1.01 -6.70
N LYS A 685 -10.61 0.09 -5.95
CA LYS A 685 -11.78 0.54 -5.19
C LYS A 685 -12.99 0.77 -6.09
N ALA A 686 -12.79 1.43 -7.21
CA ALA A 686 -13.88 1.65 -8.14
C ALA A 686 -14.46 0.32 -8.61
N LEU A 687 -13.60 -0.69 -8.78
CA LEU A 687 -14.06 -2.00 -9.25
C LEU A 687 -14.77 -2.82 -8.16
N VAL A 688 -14.23 -2.79 -6.95
CA VAL A 688 -14.90 -3.31 -5.78
C VAL A 688 -16.27 -2.65 -5.60
N ASP A 689 -16.29 -1.31 -5.68
CA ASP A 689 -17.52 -0.58 -5.39
C ASP A 689 -18.63 -0.93 -6.35
N VAL A 690 -18.29 -1.46 -7.52
CA VAL A 690 -19.33 -1.78 -8.49
C VAL A 690 -19.50 -3.28 -8.70
N GLY A 691 -18.91 -4.08 -7.81
CA GLY A 691 -19.02 -5.52 -7.86
C GLY A 691 -18.37 -6.26 -9.03
N VAL A 692 -17.29 -5.73 -9.58
CA VAL A 692 -16.58 -6.40 -10.68
C VAL A 692 -15.42 -7.23 -10.14
N ASP A 693 -15.38 -8.52 -10.46
CA ASP A 693 -14.23 -9.33 -10.05
C ASP A 693 -13.05 -9.12 -10.99
N PHE A 694 -11.85 -9.15 -10.42
CA PHE A 694 -10.62 -8.96 -11.18
C PHE A 694 -9.43 -9.50 -10.41
N GLN A 695 -8.27 -9.51 -11.05
CA GLN A 695 -7.09 -10.11 -10.45
C GLN A 695 -6.02 -9.06 -10.25
N ALA A 696 -5.26 -9.19 -9.18
CA ALA A 696 -4.35 -8.12 -8.82
C ALA A 696 -3.04 -8.62 -8.23
N MET A 697 -2.02 -7.78 -8.32
CA MET A 697 -0.72 -8.04 -7.72
C MET A 697 -0.02 -6.74 -7.38
N TRP A 698 0.41 -6.59 -6.12
CA TRP A 698 1.25 -5.45 -5.73
C TRP A 698 2.69 -5.95 -5.63
N TYR A 699 3.67 -5.07 -5.80
CA TYR A 699 5.06 -5.47 -5.56
C TYR A 699 5.72 -4.60 -4.50
N THR A 700 5.92 -5.16 -3.32
CA THR A 700 6.36 -4.37 -2.21
C THR A 700 7.75 -3.77 -2.39
N ASP A 701 7.84 -2.45 -2.18
CA ASP A 701 9.08 -1.69 -2.26
C ASP A 701 9.68 -1.52 -3.67
N GLU A 702 8.91 -1.87 -4.70
CA GLU A 702 9.33 -1.66 -6.09
C GLU A 702 8.83 -0.31 -6.60
N ASP A 703 9.59 0.30 -7.50
CA ASP A 703 9.15 1.57 -8.09
C ASP A 703 8.59 1.32 -9.47
N HIS A 704 8.56 2.35 -10.30
CA HIS A 704 7.87 2.30 -11.60
C HIS A 704 8.50 1.26 -12.53
N GLY A 705 9.77 0.98 -12.32
CA GLY A 705 10.48 0.03 -13.15
C GLY A 705 10.17 -1.42 -12.78
N ILE A 706 9.79 -1.65 -11.53
CA ILE A 706 9.69 -3.01 -11.00
C ILE A 706 10.81 -3.83 -11.62
N ALA A 707 12.03 -3.34 -11.44
CA ALA A 707 13.16 -3.84 -12.20
C ALA A 707 14.19 -4.59 -11.36
N SER A 708 13.96 -4.70 -10.05
CA SER A 708 14.85 -5.55 -9.27
C SER A 708 14.82 -6.92 -9.93
N SER A 709 15.96 -7.58 -9.96
CA SER A 709 16.06 -8.87 -10.65
C SER A 709 14.96 -9.86 -10.25
N THR A 710 14.72 -10.00 -8.95
CA THR A 710 13.70 -10.96 -8.48
C THR A 710 12.28 -10.53 -8.84
N ALA A 711 12.00 -9.24 -8.71
CA ALA A 711 10.66 -8.74 -9.04
C ALA A 711 10.44 -8.79 -10.53
N HIS A 712 11.45 -8.40 -11.28
CA HIS A 712 11.37 -8.43 -12.72
C HIS A 712 10.98 -9.85 -13.15
N GLN A 713 11.61 -10.85 -12.54
CA GLN A 713 11.31 -12.22 -12.89
C GLN A 713 9.91 -12.61 -12.45
N HIS A 714 9.51 -12.14 -11.27
CA HIS A 714 8.23 -12.55 -10.73
C HIS A 714 7.06 -12.07 -11.58
N ILE A 715 7.14 -10.83 -12.05
CA ILE A 715 6.01 -10.21 -12.72
C ILE A 715 5.80 -10.76 -14.12
N TYR A 716 6.87 -10.96 -14.86
CA TYR A 716 6.74 -11.53 -16.18
C TYR A 716 6.31 -13.00 -16.10
N THR A 717 6.77 -13.68 -15.06
CA THR A 717 6.25 -15.02 -14.82
C THR A 717 4.75 -14.97 -14.52
N HIS A 718 4.36 -14.14 -13.54
CA HIS A 718 2.94 -13.93 -13.20
C HIS A 718 2.08 -13.61 -14.42
N MET A 719 2.52 -12.65 -15.20
CA MET A 719 1.83 -12.27 -16.44
C MET A 719 1.72 -13.38 -17.48
N SER A 720 2.76 -14.20 -17.61
CA SER A 720 2.70 -15.28 -18.59
C SER A 720 1.62 -16.29 -18.21
N HIS A 721 1.59 -16.71 -16.95
CA HIS A 721 0.48 -17.53 -16.47
C HIS A 721 -0.86 -16.89 -16.85
N PHE A 722 -1.05 -15.62 -16.48
CA PHE A 722 -2.30 -14.96 -16.80
C PHE A 722 -2.71 -15.13 -18.27
N ILE A 723 -1.80 -14.76 -19.16
CA ILE A 723 -2.07 -14.80 -20.60
C ILE A 723 -2.29 -16.22 -21.10
N LYS A 724 -1.50 -17.15 -20.58
CA LYS A 724 -1.62 -18.55 -20.98
C LYS A 724 -2.98 -19.16 -20.60
N GLN A 725 -3.49 -18.79 -19.42
CA GLN A 725 -4.84 -19.17 -18.98
C GLN A 725 -5.88 -18.60 -19.90
N CYS A 726 -5.80 -17.29 -20.08
CA CYS A 726 -6.74 -16.56 -20.90
C CYS A 726 -6.83 -17.16 -22.30
N PHE A 727 -5.69 -17.62 -22.82
CA PHE A 727 -5.64 -18.09 -24.20
C PHE A 727 -5.78 -19.59 -24.33
N SER A 728 -5.77 -20.30 -23.20
CA SER A 728 -5.95 -21.75 -23.16
C SER A 728 -4.69 -22.52 -23.60
N LEU A 729 -3.52 -21.98 -23.27
CA LEU A 729 -2.24 -22.61 -23.65
C LEU A 729 -1.57 -23.41 -22.50
N PRO A 730 -0.87 -24.51 -22.86
CA PRO A 730 -0.13 -25.40 -21.95
C PRO A 730 0.84 -24.67 -21.04
N ARG B 4 -36.64 -27.91 -3.70
CA ARG B 4 -35.58 -27.64 -2.73
C ARG B 4 -34.35 -27.03 -3.41
N LYS B 5 -34.23 -25.71 -3.32
CA LYS B 5 -33.05 -25.01 -3.83
C LYS B 5 -31.94 -25.02 -2.79
N THR B 6 -30.81 -24.46 -3.17
CA THR B 6 -29.59 -24.58 -2.38
C THR B 6 -29.23 -23.21 -1.76
N TYR B 7 -28.41 -23.21 -0.71
CA TYR B 7 -27.99 -21.96 -0.05
C TYR B 7 -26.84 -21.31 -0.81
N THR B 8 -27.17 -20.28 -1.59
CA THR B 8 -26.27 -19.71 -2.58
C THR B 8 -25.42 -18.60 -2.01
N LEU B 9 -24.26 -18.37 -2.62
CA LEU B 9 -23.40 -17.29 -2.19
C LEU B 9 -24.19 -16.01 -2.04
N THR B 10 -25.02 -15.70 -3.02
CA THR B 10 -25.87 -14.52 -2.94
C THR B 10 -26.71 -14.47 -1.66
N ASP B 11 -27.25 -15.61 -1.26
CA ASP B 11 -28.06 -15.66 -0.05
C ASP B 11 -27.22 -15.16 1.08
N TYR B 12 -25.97 -15.59 1.09
CA TYR B 12 -25.05 -15.20 2.13
C TYR B 12 -24.77 -13.71 2.07
N LEU B 13 -24.42 -13.22 0.88
CA LEU B 13 -24.01 -11.83 0.73
C LEU B 13 -25.16 -10.84 0.80
N LYS B 14 -26.35 -11.28 0.40
CA LYS B 14 -27.52 -10.40 0.40
C LYS B 14 -28.33 -10.59 1.69
N ASN B 15 -27.93 -11.57 2.49
CA ASN B 15 -28.53 -11.79 3.78
C ASN B 15 -30.02 -12.13 3.62
N THR B 16 -30.30 -12.97 2.65
CA THR B 16 -31.67 -13.40 2.34
C THR B 16 -32.37 -14.07 3.53
N TYR B 17 -31.60 -14.86 4.27
CA TYR B 17 -32.14 -15.58 5.40
C TYR B 17 -31.63 -14.97 6.70
N ARG B 18 -32.50 -14.19 7.34
CA ARG B 18 -32.07 -13.33 8.44
C ARG B 18 -32.41 -13.93 9.79
N LEU B 19 -31.45 -13.90 10.72
CA LEU B 19 -31.70 -14.29 12.09
C LEU B 19 -32.34 -13.13 12.83
N LYS B 20 -33.41 -13.40 13.58
CA LYS B 20 -34.05 -12.37 14.39
C LYS B 20 -33.49 -12.46 15.79
N LEU B 21 -33.33 -11.30 16.42
CA LEU B 21 -32.79 -11.24 17.78
C LEU B 21 -33.84 -10.70 18.73
N TYR B 22 -33.45 -10.59 20.00
CA TYR B 22 -34.25 -9.88 20.98
C TYR B 22 -33.31 -9.21 21.97
N SER B 23 -32.85 -8.03 21.59
CA SER B 23 -31.93 -7.29 22.41
C SER B 23 -32.75 -6.38 23.32
N LEU B 24 -32.52 -6.49 24.62
CA LEU B 24 -33.19 -5.67 25.61
C LEU B 24 -32.14 -5.15 26.56
N ARG B 25 -32.48 -4.06 27.26
CA ARG B 25 -31.62 -3.57 28.32
C ARG B 25 -32.46 -3.47 29.58
N TRP B 26 -32.03 -4.17 30.62
CA TRP B 26 -32.68 -4.10 31.92
C TRP B 26 -32.57 -2.72 32.50
N ILE B 27 -33.72 -2.17 32.86
CA ILE B 27 -33.89 -0.80 33.34
C ILE B 27 -34.06 -0.76 34.86
N SER B 28 -34.51 -1.90 35.41
CA SER B 28 -34.74 -2.05 36.84
C SER B 28 -34.68 -3.53 37.17
N ASP B 29 -35.14 -3.86 38.37
CA ASP B 29 -35.22 -5.24 38.84
C ASP B 29 -36.34 -5.99 38.13
N HIS B 30 -37.22 -5.25 37.47
CA HIS B 30 -38.43 -5.86 36.91
C HIS B 30 -38.88 -5.33 35.54
N GLU B 31 -38.21 -4.34 35.00
CA GLU B 31 -38.51 -3.95 33.63
C GLU B 31 -37.29 -3.80 32.73
N TYR B 32 -37.53 -3.88 31.42
CA TYR B 32 -36.52 -3.64 30.41
C TYR B 32 -37.06 -2.83 29.25
N LEU B 33 -36.14 -2.29 28.46
CA LEU B 33 -36.50 -1.56 27.26
C LEU B 33 -36.24 -2.45 26.06
N TYR B 34 -36.92 -2.14 24.96
CA TYR B 34 -36.84 -2.96 23.76
C TYR B 34 -37.27 -2.10 22.58
N LYS B 35 -36.39 -1.95 21.59
CA LYS B 35 -36.70 -1.15 20.40
C LYS B 35 -37.46 -2.01 19.40
N GLN B 36 -38.66 -1.57 19.03
CA GLN B 36 -39.49 -2.33 18.11
C GLN B 36 -40.10 -1.39 17.07
N GLU B 37 -39.54 -1.39 15.85
CA GLU B 37 -39.99 -0.49 14.80
C GLU B 37 -39.66 0.96 15.15
N ASN B 38 -38.41 1.21 15.56
CA ASN B 38 -38.00 2.54 16.02
C ASN B 38 -38.90 3.11 17.11
N ASN B 39 -39.75 2.27 17.68
CA ASN B 39 -40.47 2.63 18.89
C ASN B 39 -39.74 2.06 20.09
N ILE B 40 -39.50 2.87 21.11
CA ILE B 40 -38.89 2.35 22.33
C ILE B 40 -39.92 2.00 23.40
N LEU B 41 -39.92 0.74 23.82
CA LEU B 41 -40.95 0.22 24.71
C LEU B 41 -40.41 -0.14 26.08
N VAL B 42 -41.25 0.02 27.11
CA VAL B 42 -40.96 -0.48 28.45
C VAL B 42 -41.75 -1.75 28.65
N PHE B 43 -41.12 -2.77 29.23
CA PHE B 43 -41.79 -4.04 29.44
C PHE B 43 -41.70 -4.45 30.90
N ASN B 44 -42.84 -4.85 31.45
CA ASN B 44 -42.91 -5.47 32.76
C ASN B 44 -42.55 -6.94 32.63
N ALA B 45 -41.52 -7.37 33.35
CA ALA B 45 -41.02 -8.74 33.22
C ALA B 45 -42.03 -9.80 33.65
N GLU B 46 -42.66 -9.57 34.79
CA GLU B 46 -43.55 -10.57 35.38
C GLU B 46 -44.82 -10.81 34.56
N TYR B 47 -45.35 -9.77 33.92
CA TYR B 47 -46.65 -9.92 33.25
C TYR B 47 -46.54 -9.75 31.73
N GLY B 48 -45.44 -9.15 31.30
CA GLY B 48 -45.16 -9.02 29.88
C GLY B 48 -45.92 -7.89 29.20
N ASN B 49 -46.65 -7.10 30.00
CA ASN B 49 -47.35 -5.94 29.45
C ASN B 49 -46.37 -4.79 29.18
N SER B 50 -46.70 -3.94 28.21
CA SER B 50 -45.79 -2.86 27.84
C SER B 50 -46.47 -1.51 27.62
N SER B 51 -45.64 -0.49 27.44
CA SER B 51 -46.12 0.85 27.16
C SER B 51 -45.04 1.51 26.32
N VAL B 52 -45.47 2.21 25.26
CA VAL B 52 -44.53 2.94 24.44
C VAL B 52 -43.91 4.09 25.23
N PHE B 53 -42.59 4.04 25.35
CA PHE B 53 -41.83 5.03 26.11
C PHE B 53 -41.47 6.20 25.20
N LEU B 54 -41.39 5.93 23.91
CA LEU B 54 -40.99 6.95 22.95
C LEU B 54 -41.42 6.52 21.54
N GLU B 55 -42.36 7.27 20.97
CA GLU B 55 -42.92 6.97 19.66
C GLU B 55 -41.88 7.18 18.55
N ASN B 56 -41.97 6.39 17.49
CA ASN B 56 -41.07 6.59 16.36
C ASN B 56 -41.29 7.95 15.72
N SER B 57 -42.55 8.39 15.76
CA SER B 57 -42.96 9.68 15.23
C SER B 57 -42.09 10.84 15.72
N THR B 58 -41.64 10.78 16.97
CA THR B 58 -40.84 11.86 17.51
C THR B 58 -39.54 11.97 16.74
N PHE B 59 -39.09 13.20 16.52
CA PHE B 59 -37.82 13.43 15.84
C PHE B 59 -37.92 13.22 14.33
N ASP B 60 -39.14 13.07 13.83
CA ASP B 60 -39.36 13.07 12.39
C ASP B 60 -38.94 14.43 11.82
N GLU B 61 -38.58 15.35 12.71
CA GLU B 61 -38.27 16.72 12.34
C GLU B 61 -36.89 17.13 12.86
N PHE B 62 -36.16 16.16 13.38
CA PHE B 62 -34.89 16.40 14.09
C PHE B 62 -33.80 17.10 13.24
N GLY B 63 -33.69 16.71 11.98
CA GLY B 63 -32.71 17.31 11.10
C GLY B 63 -31.68 16.32 10.60
N HIS B 64 -31.31 15.37 11.47
CA HIS B 64 -30.29 14.39 11.13
C HIS B 64 -30.77 12.95 11.37
N SER B 65 -30.05 12.00 10.79
CA SER B 65 -30.28 10.59 11.04
C SER B 65 -29.78 10.29 12.45
N ILE B 66 -30.53 9.51 13.21
CA ILE B 66 -30.15 9.27 14.59
C ILE B 66 -29.60 7.87 14.74
N ASN B 67 -28.36 7.78 15.20
CA ASN B 67 -27.60 6.53 15.21
C ASN B 67 -27.88 5.67 16.43
N ASP B 68 -28.11 6.31 17.57
CA ASP B 68 -28.29 5.60 18.85
C ASP B 68 -28.98 6.50 19.88
N TYR B 69 -29.15 5.99 21.10
CA TYR B 69 -29.88 6.70 22.13
C TYR B 69 -29.51 6.16 23.50
N SER B 70 -29.74 6.96 24.52
CA SER B 70 -29.42 6.52 25.86
C SER B 70 -30.24 7.31 26.87
N ILE B 71 -31.10 6.58 27.58
CA ILE B 71 -32.03 7.16 28.52
C ILE B 71 -31.39 7.19 29.89
N SER B 72 -31.51 8.30 30.59
CA SER B 72 -30.90 8.39 31.90
C SER B 72 -31.51 7.32 32.81
N PRO B 73 -30.80 6.96 33.89
CA PRO B 73 -31.31 6.00 34.88
C PRO B 73 -32.63 6.43 35.50
N ASP B 74 -32.91 7.73 35.53
CA ASP B 74 -34.14 8.22 36.14
C ASP B 74 -35.25 8.43 35.09
N GLY B 75 -34.95 8.10 33.85
CA GLY B 75 -35.92 8.20 32.77
C GLY B 75 -36.42 9.61 32.54
N GLN B 76 -35.63 10.62 32.92
CA GLN B 76 -36.04 12.00 32.75
C GLN B 76 -35.56 12.61 31.44
N PHE B 77 -34.39 12.16 31.00
CA PHE B 77 -33.79 12.64 29.76
C PHE B 77 -33.32 11.49 28.92
N ILE B 78 -33.09 11.79 27.65
CA ILE B 78 -32.56 10.82 26.72
C ILE B 78 -31.54 11.47 25.82
N LEU B 79 -30.42 10.79 25.63
CA LEU B 79 -29.34 11.26 24.78
C LEU B 79 -29.60 10.84 23.35
N LEU B 80 -29.36 11.76 22.43
CA LEU B 80 -29.51 11.45 21.01
C LEU B 80 -28.16 11.54 20.31
N GLU B 81 -27.68 10.38 19.88
CA GLU B 81 -26.39 10.29 19.22
C GLU B 81 -26.61 10.38 17.72
N TYR B 82 -25.90 11.30 17.08
CA TYR B 82 -26.01 11.50 15.64
C TYR B 82 -24.67 12.01 15.09
N ASN B 83 -24.54 12.09 13.77
CA ASN B 83 -23.23 12.38 13.18
C ASN B 83 -22.11 11.40 13.65
N TYR B 84 -22.44 10.12 13.78
CA TYR B 84 -21.47 9.11 14.21
C TYR B 84 -20.32 8.93 13.21
N VAL B 85 -19.08 9.06 13.67
CA VAL B 85 -17.94 8.64 12.84
C VAL B 85 -17.15 7.56 13.56
N LYS B 86 -16.92 6.44 12.88
CA LYS B 86 -16.23 5.30 13.50
C LYS B 86 -14.72 5.49 13.53
N GLN B 87 -14.10 5.25 14.68
CA GLN B 87 -12.63 5.15 14.73
C GLN B 87 -12.17 3.67 14.72
N TRP B 88 -11.74 3.15 15.86
CA TRP B 88 -11.22 1.78 15.87
C TRP B 88 -12.32 0.75 16.10
N ARG B 89 -12.03 -0.31 16.85
CA ARG B 89 -13.02 -1.38 17.01
C ARG B 89 -14.15 -0.95 17.93
N HIS B 90 -13.85 -0.13 18.94
CA HIS B 90 -14.86 0.34 19.87
C HIS B 90 -15.08 1.86 19.77
N SER B 91 -14.01 2.61 19.50
CA SER B 91 -14.05 4.08 19.50
C SER B 91 -14.77 4.70 18.31
N TYR B 92 -15.25 5.93 18.52
CA TYR B 92 -15.87 6.74 17.47
C TYR B 92 -16.10 8.10 18.07
N THR B 93 -16.41 9.08 17.24
CA THR B 93 -16.90 10.36 17.75
C THR B 93 -18.25 10.65 17.18
N ALA B 94 -18.98 11.58 17.81
CA ALA B 94 -20.31 11.94 17.34
C ALA B 94 -20.82 13.22 17.99
N SER B 95 -22.00 13.64 17.54
CA SER B 95 -22.70 14.78 18.11
C SER B 95 -23.88 14.27 18.93
N TYR B 96 -24.31 15.07 19.90
CA TYR B 96 -25.33 14.63 20.83
C TYR B 96 -26.29 15.75 21.16
N ASP B 97 -27.58 15.49 21.03
CA ASP B 97 -28.61 16.37 21.61
C ASP B 97 -29.29 15.68 22.79
N ILE B 98 -29.74 16.47 23.76
CA ILE B 98 -30.49 15.94 24.89
C ILE B 98 -31.95 16.35 24.78
N TYR B 99 -32.85 15.42 25.07
CA TYR B 99 -34.28 15.69 25.02
C TYR B 99 -34.86 15.59 26.42
N ASP B 100 -35.53 16.65 26.89
CA ASP B 100 -36.17 16.59 28.19
C ASP B 100 -37.53 15.91 28.06
N LEU B 101 -37.66 14.75 28.66
CA LEU B 101 -38.86 13.95 28.51
C LEU B 101 -40.07 14.57 29.20
N ASN B 102 -39.82 15.38 30.22
CA ASN B 102 -40.93 16.02 30.92
C ASN B 102 -41.42 17.28 30.21
N LYS B 103 -40.50 18.22 29.97
CA LYS B 103 -40.83 19.42 29.24
C LYS B 103 -41.08 19.10 27.77
N ARG B 104 -40.85 17.84 27.40
CA ARG B 104 -41.04 17.39 26.01
CA ARG B 104 -41.02 17.39 26.01
C ARG B 104 -40.38 18.32 24.97
N GLN B 105 -39.09 18.62 25.18
CA GLN B 105 -38.35 19.42 24.21
C GLN B 105 -36.84 19.25 24.33
N LEU B 106 -36.15 19.53 23.24
CA LEU B 106 -34.71 19.43 23.14
C LEU B 106 -34.02 20.57 23.89
N ILE B 107 -33.14 20.25 24.83
CA ILE B 107 -32.41 21.32 25.52
C ILE B 107 -31.47 21.98 24.49
N THR B 108 -31.37 23.31 24.54
CA THR B 108 -30.69 24.05 23.49
C THR B 108 -29.57 24.99 23.93
N GLU B 109 -28.96 24.74 25.08
CA GLU B 109 -27.76 25.49 25.44
C GLU B 109 -26.93 24.70 26.42
N GLU B 110 -25.65 25.06 26.52
CA GLU B 110 -24.74 24.26 27.31
C GLU B 110 -24.73 22.86 26.70
N ARG B 111 -24.76 22.81 25.37
CA ARG B 111 -24.84 21.55 24.66
C ARG B 111 -23.57 20.70 24.78
N ILE B 112 -23.71 19.43 24.47
CA ILE B 112 -22.57 18.55 24.35
C ILE B 112 -21.87 18.92 23.07
N PRO B 113 -20.57 19.19 23.16
CA PRO B 113 -19.87 19.68 21.97
C PRO B 113 -19.95 18.68 20.84
N ASN B 114 -19.74 19.14 19.62
CA ASN B 114 -19.58 18.23 18.49
C ASN B 114 -18.24 17.51 18.63
N ASN B 115 -18.13 16.34 18.00
CA ASN B 115 -16.87 15.60 18.04
C ASN B 115 -16.55 15.14 19.47
N THR B 116 -17.59 14.92 20.25
CA THR B 116 -17.42 14.33 21.57
C THR B 116 -17.00 12.88 21.41
N GLN B 117 -16.10 12.42 22.28
CA GLN B 117 -15.48 11.11 22.10
C GLN B 117 -16.13 10.03 22.97
N TRP B 118 -16.86 10.44 24.00
CA TRP B 118 -17.53 9.50 24.89
C TRP B 118 -18.47 10.25 25.81
N VAL B 119 -19.63 9.66 26.10
CA VAL B 119 -20.58 10.17 27.09
C VAL B 119 -21.17 9.01 27.87
N THR B 120 -21.41 9.21 29.16
CA THR B 120 -22.23 8.32 29.99
C THR B 120 -22.99 9.11 31.01
N TRP B 121 -24.20 8.62 31.30
CA TRP B 121 -24.95 9.00 32.46
C TRP B 121 -24.27 8.39 33.67
N SER B 122 -24.55 8.93 34.85
CA SER B 122 -24.16 8.28 36.09
C SER B 122 -25.08 7.07 36.28
N PRO B 123 -24.78 6.18 37.24
CA PRO B 123 -25.58 4.97 37.44
C PRO B 123 -27.01 5.30 37.86
N VAL B 124 -27.15 6.37 38.66
CA VAL B 124 -28.45 6.82 39.12
C VAL B 124 -28.59 8.32 38.90
N GLY B 125 -29.75 8.75 38.40
CA GLY B 125 -29.98 10.18 38.21
C GLY B 125 -29.76 10.64 36.79
N HIS B 126 -29.25 11.87 36.64
CA HIS B 126 -29.11 12.48 35.33
C HIS B 126 -27.82 13.30 35.19
N LYS B 127 -26.80 12.99 35.99
CA LYS B 127 -25.48 13.51 35.69
C LYS B 127 -24.96 12.93 34.38
N LEU B 128 -24.06 13.66 33.73
CA LEU B 128 -23.32 13.20 32.55
C LEU B 128 -21.84 13.43 32.73
N ALA B 129 -21.05 12.51 32.19
CA ALA B 129 -19.63 12.73 32.06
C ALA B 129 -19.29 12.59 30.59
N TYR B 130 -18.45 13.48 30.06
CA TYR B 130 -18.01 13.33 28.67
C TYR B 130 -16.53 13.62 28.40
N VAL B 131 -16.12 13.22 27.21
CA VAL B 131 -14.77 13.44 26.80
C VAL B 131 -14.80 14.12 25.45
N TRP B 132 -14.08 15.23 25.40
CA TRP B 132 -13.98 16.09 24.23
C TRP B 132 -12.55 16.59 24.20
N ASN B 133 -11.90 16.49 23.04
CA ASN B 133 -10.48 16.76 22.92
C ASN B 133 -9.61 16.07 23.98
N ASN B 134 -9.95 14.84 24.35
CA ASN B 134 -9.14 14.08 25.30
C ASN B 134 -9.21 14.64 26.71
N ASP B 135 -10.11 15.60 26.95
CA ASP B 135 -10.33 16.12 28.30
C ASP B 135 -11.72 15.77 28.82
N ILE B 136 -11.82 15.58 30.13
CA ILE B 136 -13.09 15.18 30.74
C ILE B 136 -13.88 16.36 31.29
N TYR B 137 -15.20 16.34 31.06
CA TYR B 137 -16.12 17.36 31.55
C TYR B 137 -17.31 16.68 32.20
N VAL B 138 -17.99 17.40 33.09
CA VAL B 138 -19.13 16.84 33.81
C VAL B 138 -20.26 17.84 33.95
N LYS B 139 -21.47 17.40 33.62
CA LYS B 139 -22.67 18.22 33.77
C LYS B 139 -23.51 17.66 34.90
N ILE B 140 -23.89 18.51 35.85
CA ILE B 140 -24.73 18.05 36.97
C ILE B 140 -26.17 17.89 36.50
N GLU B 141 -26.58 18.79 35.63
CA GLU B 141 -27.89 18.72 34.99
C GLU B 141 -27.64 19.04 33.54
N PRO B 142 -28.50 18.53 32.67
CA PRO B 142 -28.41 18.66 31.21
C PRO B 142 -28.48 20.09 30.65
N ASN B 143 -29.05 21.06 31.37
CA ASN B 143 -29.08 22.42 30.87
C ASN B 143 -27.98 23.31 31.47
N LEU B 144 -27.38 22.83 32.56
CA LEU B 144 -26.28 23.55 33.21
C LEU B 144 -24.96 23.39 32.49
N PRO B 145 -24.12 24.44 32.56
CA PRO B 145 -22.78 24.39 32.00
C PRO B 145 -21.97 23.27 32.66
N SER B 146 -21.04 22.70 31.92
CA SER B 146 -20.25 21.61 32.45
C SER B 146 -19.02 22.15 33.18
N TYR B 147 -18.57 21.43 34.20
CA TYR B 147 -17.32 21.73 34.88
C TYR B 147 -16.25 20.94 34.17
N ARG B 148 -15.04 21.48 34.07
CA ARG B 148 -13.95 20.80 33.39
C ARG B 148 -13.06 20.06 34.39
N ILE B 149 -12.98 18.75 34.24
CA ILE B 149 -12.23 17.92 35.17
C ILE B 149 -10.71 17.88 34.92
N THR B 150 -10.31 17.75 33.65
CA THR B 150 -8.90 17.69 33.26
C THR B 150 -8.54 18.76 32.21
N TRP B 151 -7.28 19.16 32.18
CA TRP B 151 -6.83 20.17 31.22
C TRP B 151 -5.71 19.66 30.33
N THR B 152 -5.21 18.47 30.64
CA THR B 152 -4.03 17.90 30.00
C THR B 152 -4.26 17.21 28.64
N GLY B 153 -5.50 16.94 28.30
CA GLY B 153 -5.81 16.22 27.08
C GLY B 153 -5.04 16.80 25.91
N LYS B 154 -4.49 15.93 25.06
CA LYS B 154 -3.74 16.37 23.89
C LYS B 154 -3.77 15.26 22.83
N GLU B 155 -4.16 15.62 21.61
CA GLU B 155 -4.33 14.60 20.57
C GLU B 155 -3.14 13.67 20.46
N ASP B 156 -3.41 12.36 20.45
CA ASP B 156 -2.40 11.35 20.17
C ASP B 156 -1.34 11.23 21.25
N ILE B 157 -1.50 11.97 22.35
CA ILE B 157 -0.47 11.98 23.40
C ILE B 157 -1.01 11.71 24.80
N ILE B 158 -1.89 12.58 25.26
CA ILE B 158 -2.51 12.42 26.56
C ILE B 158 -4.00 12.19 26.41
N TYR B 159 -4.45 11.02 26.88
CA TYR B 159 -5.86 10.69 26.90
C TYR B 159 -6.42 10.71 28.33
N ASN B 160 -7.37 11.58 28.61
CA ASN B 160 -8.08 11.55 29.88
C ASN B 160 -9.48 10.99 29.73
N GLY B 161 -9.70 9.81 30.30
CA GLY B 161 -11.05 9.24 30.36
C GLY B 161 -11.40 8.42 29.14
N ILE B 162 -10.49 8.34 28.19
CA ILE B 162 -10.62 7.43 27.07
C ILE B 162 -9.30 6.69 26.88
N THR B 163 -9.34 5.54 26.21
CA THR B 163 -8.17 4.72 25.98
C THR B 163 -7.45 5.06 24.68
N ASP B 164 -6.16 4.73 24.64
CA ASP B 164 -5.36 4.83 23.42
C ASP B 164 -5.60 3.59 22.55
N TRP B 165 -4.76 3.40 21.53
CA TRP B 165 -4.98 2.26 20.63
C TRP B 165 -4.90 0.89 21.31
N VAL B 166 -3.78 0.55 21.97
CA VAL B 166 -3.68 -0.80 22.56
C VAL B 166 -4.68 -1.03 23.66
N TYR B 167 -4.83 -0.03 24.52
CA TYR B 167 -5.73 -0.21 25.65
C TYR B 167 -7.14 -0.49 25.18
N GLU B 168 -7.59 0.24 24.16
CA GLU B 168 -8.89 -0.01 23.54
C GLU B 168 -9.00 -1.43 23.02
N GLU B 169 -8.01 -1.83 22.23
CA GLU B 169 -8.07 -3.10 21.53
C GLU B 169 -7.80 -4.28 22.44
N GLU B 170 -6.78 -4.18 23.28
CA GLU B 170 -6.25 -5.33 24.01
C GLU B 170 -6.46 -5.33 25.54
N VAL B 171 -6.93 -4.23 26.11
CA VAL B 171 -7.09 -4.23 27.57
C VAL B 171 -8.52 -4.08 28.05
N PHE B 172 -9.17 -2.97 27.66
CA PHE B 172 -10.52 -2.65 28.13
C PHE B 172 -11.60 -3.02 27.14
N SER B 173 -11.21 -3.45 25.95
CA SER B 173 -12.19 -3.78 24.94
C SER B 173 -13.24 -2.67 24.90
N ALA B 174 -12.78 -1.44 25.05
CA ALA B 174 -13.65 -0.28 24.95
C ALA B 174 -12.89 1.03 24.91
N TYR B 175 -13.51 2.05 24.33
CA TYR B 175 -12.92 3.38 24.22
C TYR B 175 -12.95 4.08 25.58
N SER B 176 -14.03 3.88 26.32
CA SER B 176 -14.19 4.53 27.60
C SER B 176 -13.13 4.16 28.63
N ALA B 177 -12.76 5.14 29.45
CA ALA B 177 -12.00 4.88 30.66
C ALA B 177 -12.58 5.73 31.79
N LEU B 178 -13.92 5.75 31.84
CA LEU B 178 -14.70 6.44 32.87
C LEU B 178 -15.46 5.41 33.70
N TRP B 179 -15.33 5.46 35.04
CA TRP B 179 -16.13 4.61 35.94
C TRP B 179 -16.77 5.41 37.07
N TRP B 180 -18.08 5.59 37.02
CA TRP B 180 -18.83 6.28 38.08
C TRP B 180 -19.00 5.37 39.29
N SER B 181 -18.89 5.90 40.50
CA SER B 181 -19.30 5.13 41.68
C SER B 181 -20.82 4.85 41.62
N PRO B 182 -21.29 3.80 42.32
CA PRO B 182 -22.69 3.37 42.15
C PRO B 182 -23.70 4.46 42.55
N ASN B 183 -23.29 5.34 43.46
CA ASN B 183 -24.01 6.52 43.91
C ASN B 183 -24.17 7.57 42.83
N GLY B 184 -23.11 7.69 42.02
CA GLY B 184 -22.96 8.80 41.11
C GLY B 184 -22.13 9.87 41.78
N THR B 185 -21.62 9.56 42.96
CA THR B 185 -20.89 10.54 43.77
C THR B 185 -19.49 10.81 43.23
N PHE B 186 -18.77 9.74 42.92
CA PHE B 186 -17.41 9.82 42.40
C PHE B 186 -17.33 9.46 40.93
N LEU B 187 -16.35 10.05 40.28
CA LEU B 187 -15.97 9.68 38.92
C LEU B 187 -14.53 9.20 38.94
N ALA B 188 -14.35 7.91 38.68
CA ALA B 188 -13.02 7.35 38.44
C ALA B 188 -12.66 7.44 36.96
N TYR B 189 -11.38 7.70 36.68
CA TYR B 189 -10.91 7.63 35.30
C TYR B 189 -9.44 7.30 35.21
N ALA B 190 -9.03 6.75 34.07
CA ALA B 190 -7.61 6.56 33.76
C ALA B 190 -7.08 7.64 32.80
N GLN B 191 -5.80 7.91 32.90
CA GLN B 191 -5.14 8.81 31.97
C GLN B 191 -3.99 8.05 31.34
N PHE B 192 -3.89 8.11 30.01
CA PHE B 192 -2.84 7.41 29.29
C PHE B 192 -1.90 8.40 28.64
N ASN B 193 -0.62 8.09 28.68
CA ASN B 193 0.41 8.96 28.16
C ASN B 193 1.22 8.21 27.11
N ASP B 194 1.01 8.55 25.85
CA ASP B 194 1.66 7.89 24.74
C ASP B 194 2.76 8.78 24.18
N THR B 195 3.38 9.57 25.06
CA THR B 195 4.42 10.50 24.63
C THR B 195 5.43 9.83 23.70
N GLU B 196 6.05 8.75 24.15
CA GLU B 196 7.14 8.16 23.39
C GLU B 196 6.79 6.87 22.69
N VAL B 197 5.50 6.61 22.53
CA VAL B 197 5.04 5.42 21.82
C VAL B 197 5.19 5.65 20.32
N PRO B 198 5.93 4.77 19.64
CA PRO B 198 6.15 4.98 18.21
C PRO B 198 4.83 4.96 17.48
N LEU B 199 4.84 5.43 16.25
CA LEU B 199 3.60 5.60 15.50
C LEU B 199 3.67 4.69 14.30
N ILE B 200 2.57 4.04 14.00
CA ILE B 200 2.49 3.35 12.73
C ILE B 200 1.99 4.41 11.75
N GLU B 201 2.48 4.38 10.51
CA GLU B 201 2.03 5.35 9.51
C GLU B 201 1.59 4.63 8.24
N TYR B 202 0.46 5.01 7.68
CA TYR B 202 0.03 4.39 6.43
C TYR B 202 -0.86 5.29 5.59
N SER B 203 -1.00 4.97 4.32
CA SER B 203 -1.71 5.83 3.37
C SER B 203 -3.19 5.58 3.36
N PHE B 204 -3.97 6.65 3.27
CA PHE B 204 -5.40 6.53 3.11
C PHE B 204 -5.78 7.29 1.85
N TYR B 205 -6.47 6.63 0.94
CA TYR B 205 -6.64 7.24 -0.37
C TYR B 205 -7.97 7.99 -0.54
N SER B 206 -8.85 7.85 0.45
CA SER B 206 -10.14 8.54 0.46
C SER B 206 -10.86 8.42 -0.88
N ASP B 207 -11.76 9.36 -1.15
CA ASP B 207 -12.52 9.37 -2.39
C ASP B 207 -11.62 9.78 -3.54
N GLU B 208 -12.08 9.49 -4.74
CA GLU B 208 -11.38 9.80 -5.99
C GLU B 208 -10.92 11.26 -6.03
N SER B 209 -11.75 12.16 -5.51
CA SER B 209 -11.47 13.60 -5.53
C SER B 209 -10.22 14.01 -4.76
N LEU B 210 -9.83 13.25 -3.74
CA LEU B 210 -8.64 13.61 -2.98
C LEU B 210 -7.44 13.44 -3.92
N GLN B 211 -6.62 14.47 -4.04
CA GLN B 211 -5.53 14.48 -5.02
C GLN B 211 -4.26 13.88 -4.46
N TYR B 212 -3.98 14.23 -3.21
CA TYR B 212 -2.84 13.69 -2.48
C TYR B 212 -3.32 12.79 -1.36
N PRO B 213 -2.86 11.53 -1.35
CA PRO B 213 -3.31 10.65 -0.26
C PRO B 213 -2.90 11.19 1.12
N LYS B 214 -3.68 10.82 2.12
CA LYS B 214 -3.41 11.25 3.49
C LYS B 214 -2.55 10.19 4.18
N THR B 215 -1.59 10.63 4.97
CA THR B 215 -0.87 9.68 5.82
C THR B 215 -1.53 9.62 7.19
N VAL B 216 -1.99 8.42 7.57
CA VAL B 216 -2.58 8.21 8.88
C VAL B 216 -1.49 7.81 9.87
N ARG B 217 -1.60 8.29 11.10
CA ARG B 217 -0.52 8.14 12.08
C ARG B 217 -1.09 7.85 13.46
N VAL B 218 -0.74 6.69 14.00
CA VAL B 218 -1.37 6.16 15.21
C VAL B 218 -0.32 5.65 16.19
N PRO B 219 -0.30 6.19 17.42
CA PRO B 219 0.66 5.64 18.41
C PRO B 219 0.33 4.19 18.67
N TYR B 220 1.28 3.30 18.41
CA TYR B 220 0.97 1.88 18.41
C TYR B 220 2.22 1.16 18.84
N PRO B 221 2.22 0.59 20.06
CA PRO B 221 3.43 -0.09 20.54
C PRO B 221 3.56 -1.52 20.01
N LYS B 222 4.54 -1.77 19.16
CA LYS B 222 4.73 -3.12 18.62
C LYS B 222 5.53 -3.93 19.60
N ALA B 223 5.50 -5.24 19.45
CA ALA B 223 6.14 -6.11 20.43
C ALA B 223 7.49 -5.53 20.79
N GLY B 224 7.73 -5.29 22.07
CA GLY B 224 9.02 -4.84 22.54
C GLY B 224 9.23 -3.34 22.58
N ALA B 225 8.31 -2.57 22.01
CA ALA B 225 8.51 -1.11 21.92
C ALA B 225 8.06 -0.39 23.18
N VAL B 226 8.25 0.93 23.23
CA VAL B 226 7.78 1.69 24.37
C VAL B 226 6.24 1.64 24.54
N ASN B 227 5.79 1.33 25.74
CA ASN B 227 4.36 1.26 26.04
C ASN B 227 3.84 2.57 26.61
N PRO B 228 2.55 2.86 26.38
CA PRO B 228 1.91 4.02 27.02
C PRO B 228 1.99 3.80 28.51
N THR B 229 2.06 4.87 29.29
CA THR B 229 1.96 4.73 30.74
C THR B 229 0.57 5.16 31.17
N VAL B 230 0.20 4.81 32.40
CA VAL B 230 -1.16 5.11 32.87
C VAL B 230 -1.16 5.63 34.30
N LYS B 231 -2.12 6.51 34.58
CA LYS B 231 -2.44 6.93 35.94
C LYS B 231 -3.93 6.79 36.22
N PHE B 232 -4.27 6.61 37.48
CA PHE B 232 -5.66 6.46 37.89
C PHE B 232 -6.04 7.55 38.88
N PHE B 233 -7.18 8.18 38.67
CA PHE B 233 -7.65 9.26 39.52
C PHE B 233 -9.12 9.08 39.81
N VAL B 234 -9.58 9.73 40.88
CA VAL B 234 -11.01 9.80 41.19
C VAL B 234 -11.39 11.22 41.64
N VAL B 235 -12.46 11.76 41.05
CA VAL B 235 -12.96 13.09 41.42
C VAL B 235 -14.28 13.02 42.15
N ASN B 236 -14.45 13.84 43.18
CA ASN B 236 -15.73 13.92 43.88
C ASN B 236 -16.73 14.85 43.18
N THR B 237 -17.76 14.23 42.62
CA THR B 237 -18.71 14.90 41.72
C THR B 237 -19.69 15.88 42.41
N ASP B 238 -19.82 15.78 43.72
CA ASP B 238 -20.76 16.63 44.43
C ASP B 238 -20.12 17.98 44.77
N SER B 239 -18.87 17.95 45.23
CA SER B 239 -18.18 19.17 45.63
C SER B 239 -17.43 19.87 44.49
N LEU B 240 -18.14 20.25 43.44
CA LEU B 240 -17.51 20.92 42.31
C LEU B 240 -17.77 22.43 42.36
N SER B 241 -16.79 23.21 41.94
CA SER B 241 -16.91 24.67 41.97
C SER B 241 -16.88 25.33 40.59
N SER B 242 -17.57 26.46 40.51
CA SER B 242 -17.69 27.21 39.27
C SER B 242 -16.37 27.92 38.90
N VAL B 243 -15.62 28.34 39.93
CA VAL B 243 -14.35 29.03 39.71
C VAL B 243 -13.14 28.16 40.08
N THR B 244 -13.26 27.47 41.22
CA THR B 244 -12.20 26.58 41.69
C THR B 244 -12.10 25.35 40.81
N ASN B 245 -10.90 25.12 40.27
CA ASN B 245 -10.64 23.91 39.51
C ASN B 245 -10.90 22.65 40.34
N ALA B 246 -11.72 21.74 39.81
CA ALA B 246 -12.05 20.49 40.48
C ALA B 246 -10.79 19.73 40.83
N THR B 247 -10.79 19.06 41.99
CA THR B 247 -9.58 18.35 42.43
C THR B 247 -9.73 16.83 42.38
N SER B 248 -8.89 16.20 41.57
CA SER B 248 -8.96 14.75 41.42
C SER B 248 -7.82 14.10 42.19
N ILE B 249 -8.16 13.08 42.96
CA ILE B 249 -7.18 12.37 43.79
C ILE B 249 -6.60 11.15 43.09
N GLN B 250 -5.28 11.10 43.03
CA GLN B 250 -4.60 10.02 42.33
C GLN B 250 -4.43 8.77 43.20
N ILE B 251 -4.72 7.62 42.62
CA ILE B 251 -4.38 6.35 43.24
C ILE B 251 -3.15 5.80 42.56
N THR B 252 -2.16 5.43 43.36
CA THR B 252 -0.90 4.96 42.83
C THR B 252 -0.81 3.43 42.77
N ALA B 253 -0.46 2.88 41.62
CA ALA B 253 -0.21 1.45 41.49
C ALA B 253 0.74 0.98 42.60
N PRO B 254 0.63 -0.28 42.99
CA PRO B 254 1.45 -0.91 44.04
C PRO B 254 2.93 -0.97 43.69
N ALA B 255 3.79 -0.67 44.66
CA ALA B 255 5.24 -0.73 44.48
C ALA B 255 5.76 -1.89 43.60
N SER B 256 5.12 -3.05 43.71
CA SER B 256 5.54 -4.22 42.95
C SER B 256 5.21 -4.09 41.46
N MET B 257 4.47 -3.03 41.13
CA MET B 257 4.09 -2.77 39.76
C MET B 257 4.92 -1.64 39.19
N LEU B 258 5.23 -0.67 40.05
CA LEU B 258 6.00 0.51 39.66
C LEU B 258 7.45 0.22 39.30
N ILE B 259 8.01 -0.87 39.80
CA ILE B 259 9.39 -1.28 39.50
C ILE B 259 9.62 -1.46 38.00
N GLY B 260 8.54 -1.65 37.24
CA GLY B 260 8.68 -1.89 35.82
C GLY B 260 7.52 -1.34 35.03
N ASP B 261 7.45 -1.71 33.76
CA ASP B 261 6.30 -1.36 32.96
C ASP B 261 5.13 -2.24 33.42
N HIS B 262 3.93 -1.69 33.37
CA HIS B 262 2.76 -2.44 33.82
C HIS B 262 1.51 -1.92 33.12
N TYR B 263 0.40 -2.58 33.41
CA TYR B 263 -0.88 -2.19 32.86
C TYR B 263 -1.87 -2.07 34.00
N LEU B 264 -2.89 -1.27 33.76
CA LEU B 264 -4.06 -1.25 34.59
C LEU B 264 -5.05 -2.10 33.79
N CYS B 265 -5.52 -3.22 34.34
CA CYS B 265 -6.33 -4.11 33.50
C CYS B 265 -7.82 -4.23 33.84
N ASP B 266 -8.22 -3.74 35.02
CA ASP B 266 -9.63 -3.83 35.43
C ASP B 266 -9.91 -2.86 36.56
N VAL B 267 -11.09 -2.24 36.51
CA VAL B 267 -11.59 -1.33 37.54
C VAL B 267 -13.03 -1.67 37.94
N THR B 268 -13.24 -1.91 39.23
CA THR B 268 -14.58 -2.30 39.71
C THR B 268 -14.91 -1.52 40.97
N TRP B 269 -16.06 -0.87 40.97
CA TRP B 269 -16.57 -0.21 42.19
C TRP B 269 -17.17 -1.28 43.09
N ALA B 270 -16.77 -1.27 44.35
CA ALA B 270 -17.20 -2.31 45.28
C ALA B 270 -18.37 -1.86 46.14
N THR B 271 -18.31 -0.61 46.58
CA THR B 271 -19.38 0.05 47.30
C THR B 271 -19.29 1.52 46.89
N GLN B 272 -20.03 2.36 47.59
CA GLN B 272 -19.92 3.80 47.39
C GLN B 272 -18.50 4.29 47.74
N GLU B 273 -17.79 3.51 48.54
CA GLU B 273 -16.54 3.98 49.13
C GLU B 273 -15.35 3.04 48.96
N ARG B 274 -15.48 2.07 48.07
CA ARG B 274 -14.40 1.15 47.85
C ARG B 274 -14.27 0.81 46.38
N ILE B 275 -13.08 1.07 45.82
CA ILE B 275 -12.75 0.69 44.44
C ILE B 275 -11.82 -0.51 44.37
N SER B 276 -12.08 -1.36 43.37
CA SER B 276 -11.21 -2.46 43.08
C SER B 276 -10.44 -2.13 41.81
N LEU B 277 -9.11 -2.22 41.89
CA LEU B 277 -8.21 -2.02 40.73
C LEU B 277 -7.31 -3.22 40.57
N GLN B 278 -7.25 -3.77 39.36
CA GLN B 278 -6.27 -4.83 39.07
C GLN B 278 -5.16 -4.35 38.14
N TRP B 279 -3.92 -4.67 38.51
CA TRP B 279 -2.75 -4.28 37.72
C TRP B 279 -2.05 -5.52 37.22
N LEU B 280 -1.27 -5.36 36.16
CA LEU B 280 -0.62 -6.51 35.53
C LEU B 280 0.78 -6.10 35.07
N ARG B 281 1.75 -6.98 35.27
CA ARG B 281 3.09 -6.66 34.82
C ARG B 281 3.21 -6.77 33.31
N ARG B 282 4.04 -5.93 32.68
CA ARG B 282 4.22 -6.01 31.24
C ARG B 282 4.52 -7.46 30.84
N ILE B 283 5.32 -8.13 31.65
CA ILE B 283 5.41 -9.59 31.63
C ILE B 283 4.21 -10.19 32.36
N GLN B 284 3.24 -10.65 31.60
CA GLN B 284 1.90 -10.89 32.13
C GLN B 284 1.82 -12.17 32.95
N ASN B 285 2.86 -12.33 33.76
CA ASN B 285 3.11 -13.44 34.67
C ASN B 285 2.39 -13.21 35.98
N TYR B 286 2.18 -11.94 36.30
CA TYR B 286 1.91 -11.48 37.66
C TYR B 286 0.93 -10.31 37.67
N SER B 287 -0.11 -10.41 38.51
CA SER B 287 -1.05 -9.31 38.70
C SER B 287 -1.45 -9.10 40.16
N VAL B 288 -1.75 -7.84 40.48
CA VAL B 288 -2.14 -7.46 41.82
C VAL B 288 -3.47 -6.75 41.82
N MET B 289 -4.38 -7.25 42.63
CA MET B 289 -5.63 -6.55 42.88
C MET B 289 -5.52 -5.70 44.15
N ASP B 290 -5.75 -4.41 44.00
CA ASP B 290 -5.62 -3.43 45.08
C ASP B 290 -7.02 -3.12 45.57
N ILE B 291 -7.21 -3.00 46.87
CA ILE B 291 -8.53 -2.60 47.39
C ILE B 291 -8.41 -1.24 48.05
N CYS B 292 -9.15 -0.27 47.51
CA CYS B 292 -8.94 1.12 47.86
C CYS B 292 -10.19 1.69 48.48
N ASP B 293 -10.06 2.12 49.74
CA ASP B 293 -11.17 2.71 50.48
C ASP B 293 -11.03 4.21 50.58
N TYR B 294 -12.16 4.89 50.60
CA TYR B 294 -12.18 6.33 50.76
C TYR B 294 -12.03 6.73 52.23
N ASP B 295 -11.09 7.62 52.52
CA ASP B 295 -10.99 8.20 53.87
C ASP B 295 -11.78 9.52 53.99
N GLU B 296 -12.94 9.45 54.65
CA GLU B 296 -13.85 10.60 54.72
C GLU B 296 -13.19 11.88 55.23
N SER B 297 -12.35 11.77 56.25
CA SER B 297 -11.61 12.94 56.72
C SER B 297 -10.57 13.29 55.67
N SER B 298 -9.54 12.46 55.62
CA SER B 298 -8.42 12.61 54.70
C SER B 298 -8.80 13.18 53.34
N GLY B 299 -9.96 12.79 52.83
CA GLY B 299 -10.30 13.05 51.45
C GLY B 299 -9.52 12.14 50.51
N ARG B 300 -8.53 11.42 51.05
CA ARG B 300 -7.70 10.52 50.23
C ARG B 300 -8.35 9.16 50.01
N TRP B 301 -7.67 8.33 49.23
CA TRP B 301 -8.03 6.94 49.03
C TRP B 301 -6.82 6.07 49.40
N ASN B 302 -7.00 5.09 50.28
CA ASN B 302 -5.86 4.26 50.70
C ASN B 302 -5.95 2.77 50.29
N CYS B 303 -4.82 2.22 49.86
CA CYS B 303 -4.76 0.87 49.35
C CYS B 303 -3.86 -0.02 50.19
N LEU B 304 -4.42 -0.59 51.25
CA LEU B 304 -3.66 -1.39 52.20
C LEU B 304 -2.98 -2.61 51.58
N VAL B 305 -1.65 -2.62 51.60
CA VAL B 305 -0.86 -3.75 51.08
C VAL B 305 -1.38 -5.11 51.57
N ALA B 306 -1.79 -5.18 52.83
CA ALA B 306 -2.24 -6.46 53.38
C ALA B 306 -3.48 -6.97 52.64
N ARG B 307 -4.23 -6.06 52.03
CA ARG B 307 -5.45 -6.45 51.33
C ARG B 307 -5.21 -6.91 49.90
N GLN B 308 -4.03 -6.60 49.36
CA GLN B 308 -3.68 -7.01 48.00
C GLN B 308 -3.88 -8.50 47.74
N HIS B 309 -4.62 -8.82 46.68
CA HIS B 309 -4.72 -10.20 46.21
C HIS B 309 -3.85 -10.41 44.96
N ILE B 310 -2.99 -11.44 45.02
CA ILE B 310 -1.99 -11.68 43.99
C ILE B 310 -2.29 -12.93 43.19
N GLU B 311 -2.22 -12.81 41.87
CA GLU B 311 -2.30 -13.96 41.00
C GLU B 311 -0.94 -14.09 40.32
N MET B 312 -0.41 -15.31 40.28
CA MET B 312 0.80 -15.61 39.52
C MET B 312 0.50 -16.79 38.64
N SER B 313 1.39 -17.03 37.69
CA SER B 313 1.33 -18.26 36.90
C SER B 313 2.75 -18.59 36.55
N THR B 314 3.11 -19.87 36.67
CA THR B 314 4.45 -20.29 36.28
C THR B 314 4.41 -21.06 34.98
N THR B 315 3.20 -21.39 34.54
CA THR B 315 3.03 -22.20 33.34
C THR B 315 2.67 -21.35 32.11
N GLY B 316 2.35 -20.07 32.34
CA GLY B 316 1.90 -19.20 31.28
C GLY B 316 1.54 -17.79 31.73
N TRP B 317 0.44 -17.27 31.20
CA TRP B 317 -0.05 -15.93 31.57
C TRP B 317 -1.22 -16.00 32.55
N VAL B 318 -1.57 -14.85 33.11
CA VAL B 318 -2.72 -14.74 34.02
C VAL B 318 -4.05 -14.46 33.30
N GLY B 319 -5.06 -15.29 33.55
CA GLY B 319 -6.36 -15.11 32.91
C GLY B 319 -6.37 -15.66 31.51
N ARG B 320 -7.55 -15.94 30.98
CA ARG B 320 -7.69 -16.32 29.58
C ARG B 320 -7.05 -15.27 28.64
N PHE B 321 -7.45 -14.01 28.77
CA PHE B 321 -6.81 -12.90 28.05
C PHE B 321 -6.36 -11.81 28.97
N ARG B 322 -6.80 -11.89 30.22
CA ARG B 322 -6.44 -10.91 31.23
C ARG B 322 -7.05 -11.38 32.53
N PRO B 323 -6.52 -10.88 33.67
CA PRO B 323 -7.11 -11.31 34.95
C PRO B 323 -8.62 -11.09 34.93
N SER B 324 -9.35 -12.03 35.53
CA SER B 324 -10.80 -12.06 35.48
C SER B 324 -11.45 -10.99 36.34
N GLU B 325 -12.69 -10.64 35.99
CA GLU B 325 -13.47 -9.63 36.70
C GLU B 325 -13.92 -10.20 38.04
N PRO B 326 -13.77 -9.41 39.13
CA PRO B 326 -14.32 -9.78 40.44
C PRO B 326 -15.77 -9.36 40.59
N HIS B 327 -16.57 -10.24 41.18
CA HIS B 327 -17.95 -9.92 41.43
C HIS B 327 -18.17 -9.84 42.93
N PHE B 328 -18.45 -8.62 43.40
CA PHE B 328 -18.58 -8.35 44.82
C PHE B 328 -19.96 -8.63 45.36
N THR B 329 -20.00 -8.97 46.63
CA THR B 329 -21.27 -9.09 47.36
C THR B 329 -21.80 -7.69 47.64
N LEU B 330 -23.07 -7.62 48.00
CA LEU B 330 -23.71 -6.34 48.25
C LEU B 330 -22.90 -5.45 49.20
N ASP B 331 -22.47 -5.98 50.33
CA ASP B 331 -21.71 -5.19 51.29
C ASP B 331 -20.27 -4.87 50.87
N GLY B 332 -19.84 -5.41 49.73
CA GLY B 332 -18.52 -5.13 49.21
C GLY B 332 -17.35 -5.66 50.05
N ASN B 333 -17.65 -6.56 50.98
CA ASN B 333 -16.63 -7.12 51.86
C ASN B 333 -16.11 -8.47 51.39
N SER B 334 -16.73 -9.01 50.35
CA SER B 334 -16.30 -10.27 49.75
C SER B 334 -16.62 -10.26 48.26
N PHE B 335 -15.96 -11.15 47.52
CA PHE B 335 -16.21 -11.27 46.08
C PHE B 335 -15.92 -12.65 45.54
N TYR B 336 -16.42 -12.89 44.32
CA TYR B 336 -16.18 -14.14 43.60
C TYR B 336 -15.41 -13.83 42.34
N LYS B 337 -14.56 -14.75 41.90
CA LYS B 337 -13.68 -14.49 40.78
C LYS B 337 -13.34 -15.82 40.11
N ILE B 338 -13.34 -15.85 38.78
CA ILE B 338 -12.92 -17.06 38.09
C ILE B 338 -11.39 -17.23 38.15
N ILE B 339 -10.95 -18.37 38.67
CA ILE B 339 -9.53 -18.62 38.87
C ILE B 339 -9.14 -20.00 38.32
N SER B 340 -7.94 -20.08 37.77
CA SER B 340 -7.41 -21.34 37.32
C SER B 340 -6.99 -22.18 38.53
N ASN B 341 -7.61 -23.35 38.71
CA ASN B 341 -7.31 -24.19 39.89
C ASN B 341 -6.04 -25.04 39.78
N GLU B 342 -5.71 -25.76 40.85
CA GLU B 342 -4.46 -26.50 40.88
C GLU B 342 -4.36 -27.54 39.78
N GLU B 343 -5.49 -28.07 39.34
CA GLU B 343 -5.50 -29.00 38.22
C GLU B 343 -5.41 -28.28 36.88
N GLY B 344 -5.41 -26.95 36.92
CA GLY B 344 -5.37 -26.14 35.71
C GLY B 344 -6.73 -25.80 35.09
N TYR B 345 -7.82 -26.15 35.75
CA TYR B 345 -9.16 -25.78 35.26
C TYR B 345 -9.67 -24.50 35.90
N ARG B 346 -10.38 -23.69 35.14
CA ARG B 346 -10.87 -22.42 35.67
C ARG B 346 -12.21 -22.55 36.40
N HIS B 347 -12.18 -22.28 37.70
CA HIS B 347 -13.37 -22.40 38.54
C HIS B 347 -13.58 -21.21 39.46
N ILE B 348 -14.74 -21.16 40.10
CA ILE B 348 -15.14 -19.99 40.87
C ILE B 348 -14.54 -20.00 42.26
N CYS B 349 -13.90 -18.90 42.62
CA CYS B 349 -13.18 -18.82 43.88
C CYS B 349 -13.83 -17.77 44.78
N TYR B 350 -14.02 -18.09 46.07
CA TYR B 350 -14.61 -17.16 47.04
C TYR B 350 -13.55 -16.44 47.88
N PHE B 351 -13.48 -15.12 47.73
CA PHE B 351 -12.51 -14.30 48.45
C PHE B 351 -13.19 -13.43 49.50
N GLN B 352 -12.56 -13.34 50.68
CA GLN B 352 -13.04 -12.45 51.73
C GLN B 352 -12.00 -11.39 52.03
N ILE B 353 -12.39 -10.12 51.95
CA ILE B 353 -11.45 -8.99 51.92
C ILE B 353 -10.20 -9.09 52.81
N ASP B 354 -10.36 -9.25 54.12
CA ASP B 354 -9.14 -9.20 54.93
C ASP B 354 -8.49 -10.54 55.20
N LYS B 355 -9.04 -11.59 54.60
CA LYS B 355 -8.49 -12.94 54.74
C LYS B 355 -7.61 -13.26 53.53
N LYS B 356 -6.63 -14.16 53.70
CA LYS B 356 -5.72 -14.53 52.60
C LYS B 356 -6.17 -15.77 51.85
N ASP B 357 -5.64 -15.97 50.65
CA ASP B 357 -6.03 -17.10 49.80
C ASP B 357 -7.54 -17.10 49.50
N CYS B 358 -8.08 -18.26 49.15
CA CYS B 358 -9.49 -18.33 48.78
C CYS B 358 -10.06 -19.75 48.74
N THR B 359 -11.34 -19.83 48.42
CA THR B 359 -12.05 -21.10 48.42
C THR B 359 -12.70 -21.36 47.08
N PHE B 360 -12.52 -22.56 46.56
CA PHE B 360 -13.19 -22.93 45.33
C PHE B 360 -14.63 -23.42 45.55
N ILE B 361 -15.52 -22.85 44.76
CA ILE B 361 -16.94 -23.06 44.91
C ILE B 361 -17.33 -24.17 43.95
N THR B 362 -16.52 -24.35 42.92
CA THR B 362 -16.72 -25.40 41.93
C THR B 362 -15.40 -26.10 41.61
N LYS B 363 -15.49 -27.22 40.90
CA LYS B 363 -14.34 -28.04 40.54
C LYS B 363 -14.82 -29.04 39.51
N GLY B 364 -13.88 -29.77 38.90
CA GLY B 364 -14.23 -30.68 37.82
C GLY B 364 -13.39 -30.46 36.58
N THR B 365 -13.42 -31.43 35.66
CA THR B 365 -12.72 -31.34 34.39
C THR B 365 -13.60 -30.67 33.34
N TRP B 366 -13.94 -29.42 33.62
CA TRP B 366 -14.63 -28.53 32.71
C TRP B 366 -14.34 -27.13 33.23
N GLU B 367 -14.94 -26.10 32.64
CA GLU B 367 -14.59 -24.74 33.04
C GLU B 367 -15.79 -23.81 33.19
N VAL B 368 -15.65 -22.83 34.08
CA VAL B 368 -16.66 -21.80 34.19
C VAL B 368 -16.25 -20.70 33.24
N ILE B 369 -17.16 -20.36 32.33
CA ILE B 369 -16.87 -19.34 31.35
C ILE B 369 -17.09 -17.93 31.91
N GLY B 370 -18.10 -17.78 32.76
CA GLY B 370 -18.45 -16.46 33.24
C GLY B 370 -19.38 -16.51 34.43
N ILE B 371 -19.16 -15.57 35.34
CA ILE B 371 -20.08 -15.32 36.44
C ILE B 371 -21.12 -14.27 35.99
N GLU B 372 -22.40 -14.63 36.06
CA GLU B 372 -23.41 -13.82 35.41
C GLU B 372 -24.27 -13.02 36.37
N ALA B 373 -24.49 -13.56 37.56
CA ALA B 373 -25.28 -12.85 38.56
C ALA B 373 -24.99 -13.37 39.96
N LEU B 374 -25.26 -12.53 40.95
CA LEU B 374 -24.95 -12.85 42.34
C LEU B 374 -26.04 -12.30 43.29
N THR B 375 -26.64 -13.19 44.08
CA THR B 375 -27.55 -12.75 45.14
C THR B 375 -27.04 -13.32 46.46
N SER B 376 -27.71 -13.05 47.57
CA SER B 376 -27.26 -13.61 48.84
C SER B 376 -27.49 -15.11 48.89
N ASP B 377 -28.40 -15.61 48.05
CA ASP B 377 -28.75 -17.02 48.07
C ASP B 377 -28.08 -17.86 47.00
N TYR B 378 -27.83 -17.26 45.83
CA TYR B 378 -27.34 -17.98 44.68
C TYR B 378 -26.25 -17.22 43.92
N LEU B 379 -25.35 -17.98 43.31
CA LEU B 379 -24.45 -17.39 42.32
C LEU B 379 -24.76 -18.09 41.00
N TYR B 380 -25.03 -17.31 39.97
CA TYR B 380 -25.30 -17.88 38.63
C TYR B 380 -24.07 -17.72 37.74
N TYR B 381 -23.78 -18.76 36.98
CA TYR B 381 -22.64 -18.77 36.08
C TYR B 381 -22.93 -19.63 34.85
N ILE B 382 -22.20 -19.36 33.78
CA ILE B 382 -22.22 -20.14 32.57
C ILE B 382 -21.00 -21.05 32.54
N SER B 383 -21.20 -22.31 32.18
CA SER B 383 -20.06 -23.23 32.07
C SER B 383 -20.28 -24.20 30.93
N ASN B 384 -19.25 -24.97 30.63
CA ASN B 384 -19.38 -26.05 29.67
C ASN B 384 -19.32 -27.46 30.30
N GLU B 385 -19.96 -27.64 31.45
CA GLU B 385 -19.92 -28.94 32.13
C GLU B 385 -20.82 -29.97 31.45
N TYR B 386 -21.94 -29.50 30.94
CA TYR B 386 -22.99 -30.38 30.52
C TYR B 386 -22.55 -31.35 29.41
N LYS B 387 -22.79 -32.64 29.65
CA LYS B 387 -22.52 -33.71 28.68
C LYS B 387 -21.05 -33.78 28.30
N GLY B 388 -20.21 -33.16 29.10
CA GLY B 388 -18.78 -33.17 28.88
C GLY B 388 -18.32 -32.45 27.63
N MET B 389 -19.16 -31.61 27.04
CA MET B 389 -18.77 -30.87 25.83
C MET B 389 -18.21 -29.47 26.11
N PRO B 390 -16.91 -29.26 25.81
CA PRO B 390 -16.29 -27.94 25.96
C PRO B 390 -16.91 -26.90 25.04
N GLY B 391 -17.60 -27.31 23.99
CA GLY B 391 -18.13 -26.40 22.99
C GLY B 391 -19.57 -26.00 23.22
N GLY B 392 -20.16 -26.51 24.31
CA GLY B 392 -21.49 -26.14 24.73
C GLY B 392 -21.49 -25.20 25.93
N ARG B 393 -22.60 -24.48 26.11
CA ARG B 393 -22.72 -23.46 27.15
C ARG B 393 -24.01 -23.65 27.93
N ASN B 394 -23.94 -23.58 29.26
CA ASN B 394 -25.15 -23.63 30.03
C ASN B 394 -25.16 -22.73 31.24
N LEU B 395 -26.37 -22.31 31.60
CA LEU B 395 -26.59 -21.53 32.80
C LEU B 395 -26.80 -22.47 33.97
N TYR B 396 -26.02 -22.26 35.02
CA TYR B 396 -26.12 -23.02 36.25
C TYR B 396 -26.32 -22.07 37.44
N LYS B 397 -26.90 -22.57 38.52
CA LYS B 397 -26.87 -21.83 39.78
C LYS B 397 -26.33 -22.67 40.91
N ILE B 398 -25.63 -22.01 41.81
CA ILE B 398 -25.06 -22.72 42.95
C ILE B 398 -25.51 -22.08 44.26
N GLN B 399 -26.12 -22.91 45.09
CA GLN B 399 -26.63 -22.50 46.38
C GLN B 399 -25.46 -22.11 47.24
N LEU B 400 -25.41 -20.84 47.59
CA LEU B 400 -24.26 -20.32 48.33
C LEU B 400 -24.11 -20.86 49.76
N SER B 401 -25.19 -21.40 50.32
CA SER B 401 -25.11 -22.02 51.64
C SER B 401 -24.74 -23.52 51.56
N ASP B 402 -24.84 -24.11 50.37
CA ASP B 402 -24.34 -25.48 50.17
C ASP B 402 -23.80 -25.69 48.75
N TYR B 403 -22.47 -25.63 48.62
CA TYR B 403 -21.84 -25.62 47.29
C TYR B 403 -22.08 -26.90 46.51
N THR B 404 -22.43 -27.99 47.20
CA THR B 404 -22.65 -29.24 46.47
C THR B 404 -23.97 -29.17 45.73
N LYS B 405 -24.74 -28.12 45.99
CA LYS B 405 -26.07 -28.03 45.41
C LYS B 405 -26.07 -27.16 44.18
N VAL B 406 -25.69 -27.74 43.06
CA VAL B 406 -25.67 -27.01 41.80
C VAL B 406 -26.83 -27.48 40.96
N THR B 407 -27.52 -26.56 40.30
CA THR B 407 -28.63 -26.97 39.45
C THR B 407 -28.51 -26.33 38.08
N CYS B 408 -28.75 -27.10 37.03
CA CYS B 408 -28.67 -26.57 35.68
C CYS B 408 -29.97 -25.91 35.27
N LEU B 409 -29.92 -24.62 34.99
CA LEU B 409 -31.10 -23.89 34.60
C LEU B 409 -31.45 -23.99 33.11
N SER B 410 -30.54 -24.45 32.27
CA SER B 410 -30.80 -24.39 30.82
C SER B 410 -30.62 -25.73 30.12
N CYS B 411 -29.86 -26.62 30.73
CA CYS B 411 -29.53 -27.89 30.08
C CYS B 411 -30.72 -28.53 29.39
N GLU B 412 -31.86 -28.59 30.07
CA GLU B 412 -32.96 -29.44 29.63
C GLU B 412 -34.17 -28.71 29.05
N LEU B 413 -34.09 -27.40 28.93
CA LEU B 413 -35.20 -26.64 28.38
C LEU B 413 -35.59 -27.17 27.00
N ASN B 414 -34.58 -27.38 26.15
CA ASN B 414 -34.79 -27.84 24.78
C ASN B 414 -33.53 -28.53 24.33
N PRO B 415 -33.31 -29.75 24.80
CA PRO B 415 -32.02 -30.44 24.62
C PRO B 415 -31.59 -30.55 23.17
N GLU B 416 -32.55 -30.73 22.27
CA GLU B 416 -32.26 -30.93 20.85
C GLU B 416 -31.85 -29.62 20.17
N ARG B 417 -32.66 -28.60 20.43
CA ARG B 417 -32.49 -27.33 19.77
C ARG B 417 -31.39 -26.48 20.41
N CYS B 418 -31.25 -26.57 21.72
CA CYS B 418 -30.40 -25.62 22.44
C CYS B 418 -29.34 -26.22 23.32
N GLN B 419 -28.10 -25.85 23.05
CA GLN B 419 -26.96 -26.35 23.79
C GLN B 419 -25.95 -25.23 24.06
N TYR B 420 -26.23 -24.05 23.54
CA TYR B 420 -25.31 -22.91 23.70
C TYR B 420 -26.06 -21.67 24.17
N TYR B 421 -25.93 -21.34 25.44
CA TYR B 421 -26.69 -20.23 25.99
C TYR B 421 -25.82 -19.07 26.46
N SER B 422 -26.35 -17.87 26.34
CA SER B 422 -25.88 -16.73 27.10
C SER B 422 -27.07 -16.15 27.87
N VAL B 423 -26.83 -15.30 28.85
CA VAL B 423 -27.91 -14.89 29.71
C VAL B 423 -27.87 -13.40 30.04
N SER B 424 -29.01 -12.88 30.48
CA SER B 424 -29.10 -11.48 30.89
C SER B 424 -30.08 -11.32 32.05
N PHE B 425 -29.54 -10.94 33.21
CA PHE B 425 -30.29 -10.76 34.44
C PHE B 425 -30.74 -9.31 34.64
N SER B 426 -31.89 -9.14 35.28
CA SER B 426 -32.31 -7.82 35.72
C SER B 426 -31.44 -7.52 36.93
N LYS B 427 -31.42 -6.28 37.39
CA LYS B 427 -30.66 -5.98 38.60
C LYS B 427 -31.30 -6.75 39.74
N GLU B 428 -30.51 -7.05 40.77
CA GLU B 428 -31.00 -7.89 41.86
C GLU B 428 -31.46 -9.24 41.29
N ALA B 429 -31.22 -9.47 40.01
CA ALA B 429 -31.49 -10.74 39.34
C ALA B 429 -32.87 -11.34 39.63
N LYS B 430 -33.91 -10.52 39.58
CA LYS B 430 -35.23 -11.05 39.84
C LYS B 430 -35.68 -11.91 38.65
N TYR B 431 -35.26 -11.51 37.45
CA TYR B 431 -35.62 -12.21 36.22
C TYR B 431 -34.40 -12.39 35.34
N TYR B 432 -34.53 -13.16 34.26
CA TYR B 432 -33.42 -13.30 33.32
C TYR B 432 -33.88 -13.78 31.95
N GLN B 433 -33.20 -13.24 30.93
CA GLN B 433 -33.43 -13.57 29.53
C GLN B 433 -32.40 -14.63 29.12
N LEU B 434 -32.87 -15.79 28.69
CA LEU B 434 -31.95 -16.78 28.14
C LEU B 434 -31.88 -16.60 26.63
N ARG B 435 -30.66 -16.67 26.10
CA ARG B 435 -30.44 -16.67 24.67
C ARG B 435 -29.75 -17.94 24.22
N CYS B 436 -30.47 -18.73 23.43
CA CYS B 436 -29.93 -19.95 22.84
C CYS B 436 -29.48 -19.67 21.41
N SER B 437 -28.28 -20.11 21.07
CA SER B 437 -27.66 -19.85 19.75
C SER B 437 -27.53 -21.11 18.89
N GLY B 438 -27.93 -22.26 19.41
CA GLY B 438 -27.90 -23.48 18.64
C GLY B 438 -27.76 -24.67 19.53
N PRO B 439 -27.60 -25.86 18.92
CA PRO B 439 -27.33 -26.00 17.49
C PRO B 439 -28.53 -25.72 16.56
N GLY B 440 -29.72 -25.48 17.12
CA GLY B 440 -30.89 -25.16 16.32
C GLY B 440 -31.03 -23.65 16.12
N LEU B 441 -32.13 -23.21 15.52
CA LEU B 441 -32.36 -21.78 15.37
C LEU B 441 -32.36 -21.11 16.74
N PRO B 442 -31.77 -19.91 16.82
CA PRO B 442 -31.74 -19.08 18.02
C PRO B 442 -33.13 -18.85 18.62
N LEU B 443 -33.18 -18.79 19.96
CA LEU B 443 -34.43 -18.83 20.69
C LEU B 443 -34.25 -18.05 22.00
N TYR B 444 -35.02 -16.98 22.17
CA TYR B 444 -34.91 -16.10 23.33
C TYR B 444 -36.11 -16.28 24.24
N THR B 445 -35.86 -16.47 25.53
CA THR B 445 -36.93 -16.72 26.49
C THR B 445 -36.76 -15.88 27.75
N LEU B 446 -37.86 -15.60 28.42
CA LEU B 446 -37.82 -14.89 29.71
C LEU B 446 -38.16 -15.85 30.87
N HIS B 447 -37.58 -15.60 32.04
CA HIS B 447 -37.69 -16.52 33.16
C HIS B 447 -37.66 -15.76 34.44
N SER B 448 -38.34 -16.27 35.47
CA SER B 448 -38.28 -15.71 36.81
C SER B 448 -37.36 -16.53 37.71
N SER B 449 -36.50 -15.86 38.46
CA SER B 449 -35.57 -16.56 39.36
C SER B 449 -36.24 -17.31 40.50
N VAL B 450 -37.35 -16.76 41.02
CA VAL B 450 -37.99 -17.32 42.20
C VAL B 450 -37.94 -18.84 42.18
N ASN B 451 -38.57 -19.42 41.17
CA ASN B 451 -38.53 -20.87 41.00
C ASN B 451 -38.07 -21.29 39.62
N ASP B 452 -37.32 -20.41 38.98
CA ASP B 452 -36.88 -20.64 37.62
C ASP B 452 -38.06 -21.05 36.77
N LYS B 453 -39.14 -20.30 36.85
CA LYS B 453 -40.26 -20.54 35.96
C LYS B 453 -40.00 -19.92 34.60
N GLY B 454 -40.44 -20.61 33.55
CA GLY B 454 -40.44 -20.06 32.21
C GLY B 454 -41.62 -19.13 32.14
N LEU B 455 -41.35 -17.86 31.86
CA LEU B 455 -42.42 -16.86 31.77
C LEU B 455 -43.05 -16.86 30.38
N ARG B 456 -42.24 -16.59 29.36
CA ARG B 456 -42.73 -16.53 28.00
C ARG B 456 -41.60 -16.60 26.99
N VAL B 457 -41.96 -16.82 25.73
CA VAL B 457 -41.02 -16.82 24.62
C VAL B 457 -40.94 -15.43 24.01
N LEU B 458 -39.72 -14.97 23.74
CA LEU B 458 -39.56 -13.65 23.14
C LEU B 458 -39.39 -13.73 21.61
N GLU B 459 -38.55 -14.64 21.13
CA GLU B 459 -38.37 -14.83 19.70
C GLU B 459 -37.99 -16.29 19.42
N ASP B 460 -38.71 -16.95 18.52
CA ASP B 460 -38.47 -18.37 18.22
C ASP B 460 -37.93 -18.58 16.82
N ASN B 461 -37.77 -17.50 16.08
CA ASN B 461 -37.22 -17.55 14.74
C ASN B 461 -38.02 -18.46 13.82
N SER B 462 -39.32 -18.54 14.10
CA SER B 462 -40.21 -19.38 13.32
C SER B 462 -40.34 -18.85 11.90
N ALA B 463 -40.08 -17.56 11.73
CA ALA B 463 -40.07 -16.97 10.40
C ALA B 463 -39.02 -17.65 9.55
N LEU B 464 -37.81 -17.71 10.10
CA LEU B 464 -36.66 -18.25 9.40
C LEU B 464 -36.87 -19.75 9.16
N ASP B 465 -37.32 -20.44 10.20
CA ASP B 465 -37.60 -21.86 10.10
C ASP B 465 -38.47 -22.13 8.87
N LYS B 466 -39.59 -21.43 8.77
CA LYS B 466 -40.46 -21.55 7.60
C LYS B 466 -39.65 -21.45 6.31
N MET B 467 -38.90 -20.35 6.18
CA MET B 467 -38.09 -20.11 4.98
C MET B 467 -37.14 -21.27 4.65
N LEU B 468 -36.50 -21.82 5.69
CA LEU B 468 -35.48 -22.85 5.49
C LEU B 468 -36.04 -24.21 5.12
N GLN B 469 -37.35 -24.37 5.21
CA GLN B 469 -37.98 -25.63 4.84
C GLN B 469 -37.88 -25.84 3.35
N ASN B 470 -37.39 -24.81 2.66
CA ASN B 470 -37.29 -24.84 1.20
C ASN B 470 -35.86 -24.83 0.67
N VAL B 471 -34.92 -25.19 1.52
CA VAL B 471 -33.51 -25.18 1.16
C VAL B 471 -32.77 -26.42 1.65
N GLN B 472 -31.91 -26.96 0.79
CA GLN B 472 -31.10 -28.10 1.19
C GLN B 472 -30.00 -27.60 2.12
N MET B 473 -30.29 -27.51 3.42
CA MET B 473 -29.29 -27.08 4.38
C MET B 473 -28.25 -28.15 4.70
N PRO B 474 -27.01 -27.73 4.91
CA PRO B 474 -25.96 -28.64 5.39
C PRO B 474 -26.12 -28.92 6.91
N SER B 475 -25.41 -29.92 7.42
CA SER B 475 -25.49 -30.26 8.84
C SER B 475 -24.12 -30.09 9.49
N LYS B 476 -24.11 -30.02 10.83
CA LYS B 476 -22.86 -29.93 11.56
C LYS B 476 -22.63 -31.17 12.41
N LYS B 477 -21.45 -31.77 12.27
CA LYS B 477 -21.01 -32.84 13.17
C LYS B 477 -19.97 -32.27 14.12
N LEU B 478 -20.17 -32.49 15.40
CA LEU B 478 -19.27 -32.02 16.43
C LEU B 478 -18.76 -33.24 17.16
N ASP B 479 -17.56 -33.69 16.83
CA ASP B 479 -17.02 -34.87 17.47
C ASP B 479 -15.62 -34.58 18.01
N PHE B 480 -14.84 -35.61 18.27
CA PHE B 480 -13.46 -35.39 18.67
C PHE B 480 -12.54 -36.49 18.18
N ILE B 481 -11.25 -36.24 18.25
CA ILE B 481 -10.26 -37.25 17.95
C ILE B 481 -9.28 -37.31 19.12
N ILE B 482 -8.48 -38.37 19.14
CA ILE B 482 -7.48 -38.55 20.18
C ILE B 482 -6.09 -38.26 19.63
N LEU B 483 -5.28 -37.58 20.42
CA LEU B 483 -3.91 -37.29 20.06
C LEU B 483 -3.05 -37.44 21.32
N ASN B 484 -2.24 -38.49 21.38
CA ASN B 484 -1.49 -38.79 22.59
C ASN B 484 -2.44 -38.82 23.77
N GLU B 485 -3.49 -39.63 23.62
CA GLU B 485 -4.43 -39.91 24.70
C GLU B 485 -5.34 -38.75 25.10
N THR B 486 -5.18 -37.59 24.46
CA THR B 486 -6.03 -36.43 24.76
C THR B 486 -7.11 -36.26 23.68
N LYS B 487 -8.31 -35.86 24.10
CA LYS B 487 -9.41 -35.59 23.15
C LYS B 487 -9.30 -34.17 22.63
N PHE B 488 -9.45 -34.00 21.33
CA PHE B 488 -9.48 -32.69 20.73
C PHE B 488 -10.70 -32.59 19.82
N TRP B 489 -11.45 -31.52 19.96
CA TRP B 489 -12.72 -31.43 19.24
C TRP B 489 -12.58 -30.82 17.87
N TYR B 490 -13.50 -31.19 17.00
CA TYR B 490 -13.61 -30.53 15.71
C TYR B 490 -15.07 -30.46 15.36
N GLN B 491 -15.38 -29.77 14.29
CA GLN B 491 -16.74 -29.78 13.79
C GLN B 491 -16.67 -29.89 12.29
N MET B 492 -17.75 -30.29 11.65
CA MET B 492 -17.76 -30.44 10.21
C MET B 492 -19.07 -29.99 9.64
N ILE B 493 -19.02 -29.03 8.73
CA ILE B 493 -20.21 -28.70 7.97
C ILE B 493 -20.32 -29.71 6.84
N LEU B 494 -21.37 -30.50 6.84
CA LEU B 494 -21.51 -31.55 5.85
C LEU B 494 -22.57 -31.19 4.83
N PRO B 495 -22.21 -31.29 3.56
CA PRO B 495 -23.16 -31.04 2.47
C PRO B 495 -24.43 -31.83 2.70
N PRO B 496 -25.56 -31.33 2.21
CA PRO B 496 -26.81 -32.08 2.42
C PRO B 496 -26.73 -33.44 1.71
N HIS B 497 -27.58 -34.39 2.09
CA HIS B 497 -27.58 -35.71 1.45
C HIS B 497 -26.18 -36.27 1.50
N PHE B 498 -25.51 -36.03 2.62
CA PHE B 498 -24.14 -36.49 2.81
C PHE B 498 -24.04 -38.02 2.70
N ASP B 499 -23.23 -38.51 1.77
CA ASP B 499 -23.00 -39.94 1.59
C ASP B 499 -21.58 -40.31 2.06
N LYS B 500 -21.47 -41.06 3.15
CA LYS B 500 -20.16 -41.40 3.69
C LYS B 500 -19.38 -42.32 2.76
N SER B 501 -20.00 -42.68 1.65
CA SER B 501 -19.35 -43.53 0.65
C SER B 501 -18.50 -42.75 -0.35
N LYS B 502 -18.97 -41.56 -0.73
CA LYS B 502 -18.26 -40.76 -1.73
C LYS B 502 -17.11 -40.01 -1.10
N LYS B 503 -16.32 -39.33 -1.93
CA LYS B 503 -15.22 -38.51 -1.42
C LYS B 503 -15.46 -37.04 -1.72
N TYR B 504 -15.39 -36.22 -0.68
CA TYR B 504 -15.67 -34.81 -0.83
C TYR B 504 -14.41 -33.99 -0.68
N PRO B 505 -14.32 -32.87 -1.42
CA PRO B 505 -13.18 -31.99 -1.16
C PRO B 505 -13.37 -31.36 0.21
N LEU B 506 -12.28 -30.94 0.83
CA LEU B 506 -12.36 -30.48 2.21
C LEU B 506 -11.62 -29.17 2.46
N LEU B 507 -12.35 -28.19 3.02
CA LEU B 507 -11.77 -26.92 3.41
C LEU B 507 -11.61 -26.86 4.92
N LEU B 508 -10.38 -26.69 5.38
CA LEU B 508 -10.10 -26.52 6.79
C LEU B 508 -10.14 -25.03 7.13
N ASP B 509 -11.12 -24.67 7.94
CA ASP B 509 -11.33 -23.30 8.36
C ASP B 509 -10.63 -23.13 9.69
N VAL B 510 -9.56 -22.33 9.74
CA VAL B 510 -8.76 -22.22 10.95
C VAL B 510 -8.77 -20.85 11.65
N TYR B 511 -8.67 -20.88 12.96
CA TYR B 511 -8.31 -19.69 13.71
C TYR B 511 -7.14 -20.05 14.63
N ALA B 512 -7.37 -20.98 15.54
CA ALA B 512 -6.34 -21.56 16.38
C ALA B 512 -5.52 -20.57 17.20
N GLY B 513 -6.02 -19.38 17.42
CA GLY B 513 -5.34 -18.48 18.34
C GLY B 513 -5.48 -18.92 19.80
N PRO B 514 -4.56 -18.44 20.65
CA PRO B 514 -4.58 -18.81 22.08
C PRO B 514 -5.96 -18.61 22.69
N CYS B 515 -6.41 -19.61 23.44
CA CYS B 515 -7.73 -19.66 24.07
C CYS B 515 -8.92 -19.53 23.11
N SER B 516 -8.77 -20.01 21.87
CA SER B 516 -9.85 -19.91 20.91
C SER B 516 -10.71 -21.17 20.89
N GLN B 517 -11.73 -21.16 20.06
CA GLN B 517 -12.61 -22.30 19.98
C GLN B 517 -13.42 -22.21 18.69
N LYS B 518 -13.15 -23.14 17.77
CA LYS B 518 -13.81 -23.16 16.47
C LYS B 518 -14.74 -24.36 16.34
N ALA B 519 -14.61 -25.29 17.29
CA ALA B 519 -15.57 -26.37 17.40
C ALA B 519 -16.58 -26.10 18.52
N ASP B 520 -17.80 -25.73 18.12
CA ASP B 520 -18.88 -25.45 19.09
C ASP B 520 -20.27 -25.81 18.57
N THR B 521 -21.25 -25.69 19.44
CA THR B 521 -22.61 -26.06 19.09
C THR B 521 -23.45 -24.89 18.60
N VAL B 522 -22.84 -23.85 18.05
CA VAL B 522 -23.70 -22.73 17.60
C VAL B 522 -24.11 -22.79 16.14
N PHE B 523 -25.29 -22.26 15.88
CA PHE B 523 -25.89 -22.19 14.56
C PHE B 523 -25.38 -20.95 13.82
N ARG B 524 -24.96 -21.13 12.57
CA ARG B 524 -24.43 -20.04 11.77
C ARG B 524 -24.88 -20.10 10.32
N LEU B 525 -25.16 -18.94 9.73
CA LEU B 525 -25.36 -18.81 8.29
C LEU B 525 -24.22 -17.98 7.76
N ASN B 526 -23.28 -18.65 7.11
CA ASN B 526 -22.06 -17.99 6.72
C ASN B 526 -21.51 -18.58 5.45
N TRP B 527 -20.26 -18.25 5.14
CA TRP B 527 -19.65 -18.68 3.91
C TRP B 527 -19.66 -20.19 3.81
N ALA B 528 -19.20 -20.85 4.86
CA ALA B 528 -19.13 -22.31 4.90
C ALA B 528 -20.47 -22.94 4.58
N THR B 529 -21.55 -22.31 5.03
CA THR B 529 -22.89 -22.79 4.73
C THR B 529 -23.07 -22.85 3.22
N TYR B 530 -22.63 -21.80 2.54
CA TYR B 530 -22.72 -21.74 1.09
C TYR B 530 -21.89 -22.85 0.47
N LEU B 531 -20.67 -23.00 0.97
CA LEU B 531 -19.72 -23.94 0.38
C LEU B 531 -20.18 -25.37 0.49
N ALA B 532 -20.76 -25.72 1.63
CA ALA B 532 -21.26 -27.08 1.86
C ALA B 532 -22.55 -27.30 1.07
N SER B 533 -23.48 -26.37 1.21
CA SER B 533 -24.80 -26.49 0.60
C SER B 533 -24.74 -26.52 -0.92
N THR B 534 -24.07 -25.52 -1.50
CA THR B 534 -24.08 -25.32 -2.93
C THR B 534 -22.93 -26.02 -3.64
N GLU B 535 -21.71 -25.86 -3.14
CA GLU B 535 -20.52 -26.43 -3.78
C GLU B 535 -20.06 -27.78 -3.21
N ASN B 536 -20.91 -28.39 -2.37
CA ASN B 536 -20.67 -29.72 -1.80
C ASN B 536 -19.29 -29.91 -1.17
N ILE B 537 -18.80 -28.89 -0.49
CA ILE B 537 -17.51 -28.96 0.16
C ILE B 537 -17.68 -29.22 1.66
N ILE B 538 -16.82 -30.05 2.23
CA ILE B 538 -16.86 -30.24 3.66
C ILE B 538 -15.99 -29.17 4.26
N VAL B 539 -16.56 -28.35 5.12
CA VAL B 539 -15.77 -27.32 5.79
C VAL B 539 -15.56 -27.78 7.21
N ALA B 540 -14.30 -27.96 7.61
CA ALA B 540 -14.02 -28.44 8.96
C ALA B 540 -13.21 -27.44 9.77
N SER B 541 -13.32 -27.53 11.10
CA SER B 541 -12.49 -26.72 11.98
C SER B 541 -12.05 -27.55 13.17
N PHE B 542 -10.91 -27.23 13.75
CA PHE B 542 -10.33 -28.10 14.76
C PHE B 542 -9.67 -27.27 15.85
N ASP B 543 -9.89 -27.66 17.11
CA ASP B 543 -9.26 -26.97 18.23
C ASP B 543 -8.14 -27.81 18.83
N GLY B 544 -6.92 -27.65 18.33
CA GLY B 544 -5.77 -28.36 18.84
C GLY B 544 -5.14 -27.63 20.00
N ARG B 545 -3.88 -27.90 20.29
CA ARG B 545 -3.24 -27.28 21.44
C ARG B 545 -3.32 -25.76 21.32
N GLY B 546 -3.44 -25.10 22.46
CA GLY B 546 -3.52 -23.66 22.50
C GLY B 546 -4.95 -23.18 22.62
N SER B 547 -5.90 -24.01 22.17
CA SER B 547 -7.31 -23.63 22.26
C SER B 547 -7.74 -23.54 23.72
N GLY B 548 -8.88 -22.89 23.97
CA GLY B 548 -9.33 -22.66 25.34
C GLY B 548 -10.51 -23.48 25.84
N TYR B 549 -10.88 -23.25 27.10
CA TYR B 549 -12.07 -23.84 27.73
C TYR B 549 -11.91 -25.33 28.02
N GLN B 550 -10.67 -25.80 28.15
CA GLN B 550 -10.39 -27.22 28.38
C GLN B 550 -9.25 -27.46 29.37
N GLY B 551 -8.89 -26.42 30.12
CA GLY B 551 -7.81 -26.53 31.08
C GLY B 551 -6.53 -25.91 30.55
N ASP B 552 -5.63 -25.54 31.45
CA ASP B 552 -4.38 -24.92 31.05
C ASP B 552 -3.41 -25.89 30.37
N LYS B 553 -3.44 -27.16 30.75
CA LYS B 553 -2.55 -28.08 30.09
C LYS B 553 -2.67 -27.85 28.58
N ILE B 554 -3.90 -27.74 28.08
CA ILE B 554 -4.11 -27.55 26.66
C ILE B 554 -3.81 -26.13 26.21
N MET B 555 -4.43 -25.16 26.88
CA MET B 555 -4.26 -23.75 26.51
C MET B 555 -2.81 -23.22 26.59
N HIS B 556 -2.07 -23.56 27.65
CA HIS B 556 -0.70 -23.05 27.85
C HIS B 556 0.37 -23.85 27.12
N ALA B 557 -0.03 -24.85 26.34
CA ALA B 557 0.94 -25.65 25.58
C ALA B 557 1.76 -24.75 24.66
N ILE B 558 1.13 -23.66 24.25
CA ILE B 558 1.65 -22.76 23.24
C ILE B 558 2.44 -21.59 23.88
N ASN B 559 2.53 -21.61 25.20
CA ASN B 559 3.28 -20.58 25.91
C ASN B 559 4.67 -20.35 25.31
N ARG B 560 4.92 -19.11 24.91
CA ARG B 560 6.24 -18.67 24.40
C ARG B 560 6.66 -19.31 23.09
N ARG B 561 5.71 -19.97 22.41
CA ARG B 561 6.00 -20.65 21.16
C ARG B 561 4.79 -20.64 20.25
N LEU B 562 4.34 -19.44 19.87
CA LEU B 562 3.28 -19.34 18.88
C LEU B 562 3.81 -19.81 17.52
N GLY B 563 2.95 -20.41 16.70
CA GLY B 563 3.38 -20.93 15.41
C GLY B 563 4.17 -22.22 15.59
N THR B 564 3.66 -23.08 16.46
CA THR B 564 4.34 -24.26 16.96
C THR B 564 3.29 -25.35 16.95
N PHE B 565 2.78 -25.71 18.13
CA PHE B 565 1.90 -26.87 18.29
C PHE B 565 0.55 -26.63 17.66
N GLU B 566 0.13 -25.37 17.59
CA GLU B 566 -1.18 -25.10 17.04
C GLU B 566 -1.14 -25.22 15.52
N VAL B 567 0.04 -25.01 14.96
CA VAL B 567 0.20 -25.16 13.51
C VAL B 567 0.33 -26.66 13.18
N GLU B 568 1.09 -27.37 14.00
CA GLU B 568 1.31 -28.78 13.81
C GLU B 568 -0.01 -29.55 14.01
N ASP B 569 -0.82 -29.11 14.99
CA ASP B 569 -2.06 -29.82 15.25
C ASP B 569 -3.11 -29.63 14.15
N GLN B 570 -3.07 -28.49 13.47
CA GLN B 570 -3.98 -28.31 12.36
C GLN B 570 -3.61 -29.30 11.27
N ILE B 571 -2.32 -29.55 11.12
CA ILE B 571 -1.82 -30.45 10.08
C ILE B 571 -2.26 -31.87 10.38
N GLU B 572 -1.96 -32.34 11.59
CA GLU B 572 -2.37 -33.70 11.98
C GLU B 572 -3.87 -33.93 11.91
N ALA B 573 -4.65 -32.88 12.17
CA ALA B 573 -6.10 -33.01 12.10
C ALA B 573 -6.49 -33.38 10.68
N ALA B 574 -5.97 -32.61 9.72
CA ALA B 574 -6.16 -32.88 8.30
C ALA B 574 -5.90 -34.33 7.93
N ARG B 575 -4.76 -34.88 8.41
CA ARG B 575 -4.37 -36.27 8.12
C ARG B 575 -5.45 -37.20 8.59
N GLN B 576 -5.81 -37.04 9.85
CA GLN B 576 -6.91 -37.76 10.44
C GLN B 576 -8.14 -37.71 9.56
N PHE B 577 -8.43 -36.53 9.04
CA PHE B 577 -9.65 -36.35 8.25
C PHE B 577 -9.58 -37.15 6.96
N SER B 578 -8.41 -37.20 6.36
CA SER B 578 -8.17 -38.07 5.21
C SER B 578 -8.48 -39.52 5.55
N LYS B 579 -7.82 -40.05 6.57
CA LYS B 579 -8.09 -41.42 7.01
C LYS B 579 -9.57 -41.77 6.87
N MET B 580 -10.44 -40.87 7.32
CA MET B 580 -11.89 -40.99 7.11
C MET B 580 -12.19 -41.17 5.60
N GLY B 581 -13.08 -42.10 5.27
CA GLY B 581 -13.16 -42.56 3.89
C GLY B 581 -14.10 -41.79 2.99
N PHE B 582 -14.29 -40.51 3.30
CA PHE B 582 -15.21 -39.69 2.52
C PHE B 582 -14.60 -38.34 2.17
N VAL B 583 -13.31 -38.17 2.43
CA VAL B 583 -12.65 -36.96 1.97
C VAL B 583 -11.60 -37.26 0.90
N ASP B 584 -11.65 -36.47 -0.18
CA ASP B 584 -10.74 -36.63 -1.30
C ASP B 584 -9.43 -35.98 -0.90
N ASN B 585 -8.40 -36.79 -0.67
CA ASN B 585 -7.15 -36.30 -0.10
C ASN B 585 -6.30 -35.52 -1.10
N LYS B 586 -6.77 -35.44 -2.33
CA LYS B 586 -6.11 -34.67 -3.36
C LYS B 586 -6.63 -33.23 -3.35
N ARG B 587 -7.79 -33.06 -2.72
CA ARG B 587 -8.45 -31.78 -2.70
C ARG B 587 -8.70 -31.26 -1.28
N ILE B 588 -7.63 -30.84 -0.63
CA ILE B 588 -7.75 -30.26 0.70
C ILE B 588 -7.15 -28.86 0.80
N ALA B 589 -8.00 -27.86 1.04
CA ALA B 589 -7.54 -26.47 1.16
C ALA B 589 -7.60 -25.98 2.60
N ILE B 590 -7.05 -24.80 2.83
CA ILE B 590 -7.05 -24.23 4.16
C ILE B 590 -7.09 -22.70 4.07
N TRP B 591 -7.72 -22.08 5.05
CA TRP B 591 -7.82 -20.63 5.08
C TRP B 591 -8.13 -20.15 6.49
N GLY B 592 -7.62 -18.95 6.78
CA GLY B 592 -7.87 -18.28 8.03
C GLY B 592 -7.69 -16.76 7.93
N TRP B 593 -8.33 -16.05 8.84
CA TRP B 593 -8.27 -14.60 8.89
C TRP B 593 -7.49 -14.23 10.13
N SER B 594 -6.68 -13.18 10.05
CA SER B 594 -6.08 -12.64 11.25
C SER B 594 -5.14 -13.67 11.84
N TYR B 595 -5.37 -14.13 13.07
CA TYR B 595 -4.51 -15.19 13.58
C TYR B 595 -4.69 -16.40 12.66
N GLY B 596 -5.92 -16.62 12.24
CA GLY B 596 -6.23 -17.70 11.35
C GLY B 596 -5.47 -17.57 10.06
N GLY B 597 -5.15 -16.35 9.68
CA GLY B 597 -4.32 -16.08 8.51
C GLY B 597 -2.87 -16.49 8.66
N TYR B 598 -2.26 -16.16 9.80
CA TYR B 598 -0.87 -16.52 10.11
C TYR B 598 -0.73 -18.02 10.17
N VAL B 599 -1.58 -18.67 10.95
CA VAL B 599 -1.56 -20.10 11.01
C VAL B 599 -1.69 -20.75 9.63
N THR B 600 -2.55 -20.21 8.77
CA THR B 600 -2.75 -20.79 7.43
C THR B 600 -1.47 -20.72 6.63
N SER B 601 -0.77 -19.60 6.80
CA SER B 601 0.50 -19.36 6.12
C SER B 601 1.59 -20.32 6.64
N MET B 602 1.81 -20.32 7.95
CA MET B 602 2.72 -21.30 8.57
C MET B 602 2.45 -22.71 8.06
N VAL B 603 1.17 -23.04 7.90
CA VAL B 603 0.80 -24.36 7.41
C VAL B 603 1.13 -24.56 5.92
N LEU B 604 0.83 -23.56 5.09
CA LEU B 604 1.14 -23.70 3.67
C LEU B 604 2.64 -23.81 3.44
N GLY B 605 3.41 -23.23 4.37
CA GLY B 605 4.85 -23.14 4.22
C GLY B 605 5.59 -24.17 5.01
N SER B 606 4.88 -25.19 5.48
CA SER B 606 5.48 -26.18 6.37
C SER B 606 6.09 -27.36 5.63
N GLY B 607 5.61 -27.62 4.40
CA GLY B 607 6.12 -28.69 3.57
C GLY B 607 5.33 -29.98 3.63
N SER B 608 4.44 -30.09 4.62
CA SER B 608 3.61 -31.27 4.84
C SER B 608 3.11 -31.98 3.57
N GLY B 609 2.83 -31.22 2.52
CA GLY B 609 2.28 -31.80 1.30
C GLY B 609 0.84 -32.23 1.47
N VAL B 610 0.29 -31.96 2.65
CA VAL B 610 -1.10 -32.27 2.95
C VAL B 610 -2.11 -31.41 2.18
N PHE B 611 -1.78 -30.13 2.00
CA PHE B 611 -2.72 -29.16 1.44
C PHE B 611 -2.40 -28.73 0.01
N LYS B 612 -3.41 -28.78 -0.85
CA LYS B 612 -3.30 -28.36 -2.24
C LYS B 612 -3.15 -26.85 -2.33
N CYS B 613 -3.77 -26.13 -1.41
CA CYS B 613 -3.82 -24.67 -1.49
C CYS B 613 -4.38 -24.03 -0.23
N GLY B 614 -4.24 -22.72 -0.13
CA GLY B 614 -4.78 -21.98 1.00
C GLY B 614 -4.94 -20.49 0.81
N ILE B 615 -5.84 -19.90 1.60
CA ILE B 615 -6.05 -18.45 1.64
C ILE B 615 -5.78 -17.82 3.01
N ALA B 616 -4.93 -16.80 3.03
CA ALA B 616 -4.70 -16.06 4.27
C ALA B 616 -5.23 -14.63 4.13
N VAL B 617 -6.06 -14.20 5.08
CA VAL B 617 -6.63 -12.87 5.01
C VAL B 617 -6.10 -12.04 6.16
N ALA B 618 -5.53 -10.89 5.83
CA ALA B 618 -4.89 -10.05 6.83
C ALA B 618 -4.11 -10.91 7.81
N PRO B 619 -3.09 -11.63 7.33
CA PRO B 619 -2.33 -12.47 8.27
C PRO B 619 -1.28 -11.69 9.01
N VAL B 620 -1.03 -12.05 10.27
CA VAL B 620 0.26 -11.74 10.88
C VAL B 620 1.31 -12.61 10.19
N SER B 621 2.54 -12.11 10.09
CA SER B 621 3.60 -12.89 9.49
C SER B 621 4.81 -12.87 10.38
N ARG B 622 4.87 -11.88 11.26
CA ARG B 622 6.02 -11.70 12.13
C ARG B 622 5.55 -11.04 13.41
N TRP B 623 5.81 -11.67 14.54
CA TRP B 623 5.29 -11.20 15.82
C TRP B 623 5.88 -9.87 16.29
N GLU B 624 6.98 -9.45 15.70
CA GLU B 624 7.48 -8.12 16.02
C GLU B 624 6.66 -7.03 15.35
N TYR B 625 5.80 -7.41 14.41
CA TYR B 625 4.93 -6.44 13.77
C TYR B 625 3.61 -6.23 14.52
N TYR B 626 3.11 -7.26 15.21
CA TYR B 626 1.90 -7.09 16.02
C TYR B 626 2.14 -6.33 17.33
N ASP B 627 1.06 -5.98 18.01
CA ASP B 627 1.13 -5.12 19.18
C ASP B 627 1.63 -5.83 20.43
N SER B 628 2.10 -5.04 21.39
CA SER B 628 2.82 -5.51 22.56
C SER B 628 1.95 -6.27 23.56
N VAL B 629 0.74 -5.77 23.81
CA VAL B 629 -0.08 -6.40 24.83
C VAL B 629 -0.50 -7.82 24.43
N TYR B 630 -0.99 -8.01 23.21
CA TYR B 630 -1.38 -9.32 22.76
C TYR B 630 -0.15 -10.22 22.63
N THR B 631 0.82 -9.77 21.85
CA THR B 631 2.01 -10.54 21.52
C THR B 631 2.83 -10.94 22.73
N GLU B 632 3.24 -9.97 23.54
CA GLU B 632 4.05 -10.26 24.73
C GLU B 632 3.30 -11.16 25.72
N ARG B 633 1.98 -11.12 25.69
CA ARG B 633 1.24 -11.97 26.61
C ARG B 633 1.65 -13.42 26.42
N TYR B 634 1.90 -13.80 25.17
CA TYR B 634 2.20 -15.19 24.84
C TYR B 634 3.66 -15.44 24.50
N MET B 635 4.39 -14.43 24.06
CA MET B 635 5.75 -14.63 23.55
C MET B 635 6.82 -14.07 24.46
N GLY B 636 6.42 -13.34 25.49
CA GLY B 636 7.38 -12.60 26.28
C GLY B 636 7.96 -11.48 25.43
N LEU B 637 9.11 -10.95 25.85
CA LEU B 637 9.76 -9.86 25.15
C LEU B 637 10.73 -10.40 24.10
N PRO B 638 10.90 -9.65 23.00
CA PRO B 638 11.78 -9.96 21.86
C PRO B 638 13.19 -9.45 22.07
N THR B 639 13.83 -9.90 23.14
CA THR B 639 15.19 -9.53 23.48
C THR B 639 16.02 -10.80 23.59
N PRO B 640 17.34 -10.69 23.43
CA PRO B 640 18.27 -11.83 23.47
C PRO B 640 18.13 -12.60 24.77
N GLU B 641 17.84 -11.86 25.84
CA GLU B 641 17.68 -12.39 27.19
C GLU B 641 16.34 -13.10 27.38
N ASP B 642 15.35 -12.72 26.58
CA ASP B 642 14.03 -13.31 26.76
C ASP B 642 13.69 -14.30 25.65
N ASN B 643 13.00 -13.84 24.61
CA ASN B 643 12.43 -14.78 23.65
C ASN B 643 12.68 -14.42 22.19
N LEU B 644 13.72 -13.62 21.96
CA LEU B 644 14.12 -13.20 20.61
C LEU B 644 14.21 -14.36 19.62
N ASP B 645 14.89 -15.43 20.03
CA ASP B 645 15.09 -16.57 19.15
C ASP B 645 13.79 -17.11 18.56
N HIS B 646 12.77 -17.27 19.39
CA HIS B 646 11.53 -17.85 18.87
C HIS B 646 10.70 -16.84 18.08
N TYR B 647 10.82 -15.56 18.43
CA TYR B 647 10.24 -14.52 17.60
C TYR B 647 10.80 -14.70 16.20
N ARG B 648 12.11 -14.88 16.12
CA ARG B 648 12.79 -14.96 14.84
C ARG B 648 12.49 -16.26 14.09
N ASN B 649 12.23 -17.31 14.85
CA ASN B 649 12.00 -18.64 14.30
C ASN B 649 10.58 -18.84 13.77
N SER B 650 9.67 -17.96 14.15
CA SER B 650 8.26 -18.20 13.88
C SER B 650 7.70 -17.14 12.95
N THR B 651 8.56 -16.64 12.06
CA THR B 651 8.13 -15.77 10.98
C THR B 651 7.65 -16.64 9.84
N VAL B 652 6.67 -16.14 9.10
CA VAL B 652 6.20 -16.81 7.88
C VAL B 652 7.23 -16.71 6.77
N MET B 653 7.93 -15.56 6.73
CA MET B 653 8.93 -15.28 5.70
C MET B 653 10.02 -16.35 5.59
N SER B 654 10.39 -16.97 6.70
CA SER B 654 11.45 -17.97 6.72
C SER B 654 11.03 -19.28 6.06
N ARG B 655 9.74 -19.42 5.78
CA ARG B 655 9.21 -20.67 5.23
C ARG B 655 8.88 -20.50 3.75
N ALA B 656 9.39 -19.44 3.16
CA ALA B 656 8.96 -19.01 1.84
C ALA B 656 9.15 -20.06 0.74
N GLU B 657 10.27 -20.79 0.76
CA GLU B 657 10.58 -21.75 -0.29
C GLU B 657 9.47 -22.77 -0.41
N ASN B 658 9.06 -23.29 0.73
CA ASN B 658 8.07 -24.35 0.78
C ASN B 658 6.78 -24.01 0.02
N PHE B 659 6.58 -22.74 -0.26
CA PHE B 659 5.36 -22.32 -0.94
C PHE B 659 5.30 -22.70 -2.42
N LYS B 660 6.36 -23.30 -2.94
CA LYS B 660 6.37 -23.75 -4.33
C LYS B 660 5.43 -24.92 -4.46
N GLN B 661 5.21 -25.60 -3.34
CA GLN B 661 4.40 -26.83 -3.34
C GLN B 661 2.90 -26.57 -3.33
N VAL B 662 2.51 -25.32 -3.09
CA VAL B 662 1.08 -24.98 -2.88
C VAL B 662 0.64 -23.78 -3.67
N GLU B 663 -0.68 -23.64 -3.81
CA GLU B 663 -1.29 -22.43 -4.35
C GLU B 663 -1.81 -21.56 -3.20
N TYR B 664 -1.45 -20.29 -3.24
CA TYR B 664 -1.60 -19.39 -2.12
C TYR B 664 -2.23 -18.12 -2.63
N LEU B 665 -3.27 -17.67 -1.93
CA LEU B 665 -3.86 -16.35 -2.18
C LEU B 665 -3.70 -15.49 -0.92
N LEU B 666 -3.15 -14.30 -1.09
CA LEU B 666 -2.86 -13.42 0.04
C LEU B 666 -3.67 -12.14 -0.05
N ILE B 667 -4.44 -11.83 0.99
CA ILE B 667 -5.37 -10.70 0.96
C ILE B 667 -5.21 -9.77 2.15
N HIS B 668 -5.17 -8.46 1.89
CA HIS B 668 -5.01 -7.50 2.97
C HIS B 668 -5.61 -6.12 2.63
N GLY B 669 -6.22 -5.48 3.63
CA GLY B 669 -6.82 -4.16 3.45
C GLY B 669 -5.71 -3.15 3.58
N THR B 670 -5.69 -2.12 2.73
CA THR B 670 -4.56 -1.20 2.74
C THR B 670 -4.61 -0.30 3.95
N ALA B 671 -5.78 -0.25 4.59
CA ALA B 671 -5.99 0.62 5.74
C ALA B 671 -6.18 -0.16 7.04
N ASP B 672 -5.50 -1.29 7.16
CA ASP B 672 -5.60 -2.10 8.37
C ASP B 672 -4.80 -1.46 9.48
N ASP B 673 -5.48 -0.94 10.50
CA ASP B 673 -4.81 -0.25 11.60
C ASP B 673 -4.33 -1.25 12.62
N ASN B 674 -4.80 -2.50 12.48
CA ASN B 674 -4.64 -3.54 13.49
C ASN B 674 -3.49 -4.50 13.14
N VAL B 675 -3.70 -5.31 12.10
CA VAL B 675 -2.63 -6.12 11.55
C VAL B 675 -2.18 -5.40 10.33
N HIS B 676 -1.06 -4.70 10.43
CA HIS B 676 -0.66 -3.79 9.38
C HIS B 676 -0.37 -4.46 8.05
N PHE B 677 -0.70 -3.75 6.98
CA PHE B 677 -0.40 -4.20 5.63
C PHE B 677 1.07 -4.57 5.52
N GLN B 678 1.92 -3.84 6.24
CA GLN B 678 3.32 -4.22 6.39
C GLN B 678 3.51 -5.73 6.42
N GLN B 679 2.74 -6.40 7.28
CA GLN B 679 2.83 -7.85 7.43
C GLN B 679 2.58 -8.65 6.15
N SER B 680 1.58 -8.27 5.37
CA SER B 680 1.38 -8.93 4.08
C SER B 680 2.38 -8.43 3.04
N ALA B 681 2.84 -7.20 3.19
CA ALA B 681 3.82 -6.67 2.24
C ALA B 681 5.13 -7.44 2.36
N GLN B 682 5.46 -7.88 3.58
CA GLN B 682 6.69 -8.60 3.82
C GLN B 682 6.56 -10.08 3.41
N ILE B 683 5.37 -10.66 3.52
CA ILE B 683 5.18 -12.01 3.05
C ILE B 683 5.45 -12.02 1.56
N SER B 684 4.76 -11.16 0.82
CA SER B 684 4.85 -11.21 -0.64
C SER B 684 6.28 -10.96 -1.13
N LYS B 685 6.99 -10.06 -0.47
CA LYS B 685 8.38 -9.79 -0.80
C LYS B 685 9.29 -11.03 -0.65
N ALA B 686 9.02 -11.85 0.36
CA ALA B 686 9.77 -13.08 0.59
C ALA B 686 9.44 -14.08 -0.51
N LEU B 687 8.21 -14.02 -1.00
CA LEU B 687 7.78 -14.94 -2.04
C LEU B 687 8.34 -14.59 -3.39
N VAL B 688 8.52 -13.29 -3.66
CA VAL B 688 9.09 -12.84 -4.91
C VAL B 688 10.62 -13.04 -4.89
N ASP B 689 11.23 -12.81 -3.73
CA ASP B 689 12.68 -12.90 -3.57
C ASP B 689 13.22 -14.29 -3.88
N VAL B 690 12.39 -15.30 -3.63
CA VAL B 690 12.77 -16.67 -3.82
C VAL B 690 12.02 -17.33 -4.98
N GLY B 691 11.39 -16.52 -5.84
CA GLY B 691 10.83 -17.02 -7.07
C GLY B 691 9.58 -17.87 -6.94
N VAL B 692 8.84 -17.67 -5.86
CA VAL B 692 7.59 -18.38 -5.65
C VAL B 692 6.44 -17.58 -6.22
N ASP B 693 5.62 -18.24 -7.04
CA ASP B 693 4.47 -17.59 -7.62
C ASP B 693 3.28 -17.75 -6.68
N PHE B 694 2.35 -16.80 -6.71
CA PHE B 694 1.19 -16.81 -5.82
C PHE B 694 0.15 -15.76 -6.24
N GLN B 695 -1.02 -15.77 -5.62
CA GLN B 695 -2.07 -14.82 -5.92
C GLN B 695 -2.19 -13.82 -4.78
N ALA B 696 -2.50 -12.58 -5.12
CA ALA B 696 -2.70 -11.54 -4.11
C ALA B 696 -3.93 -10.71 -4.43
N MET B 697 -4.39 -9.98 -3.43
CA MET B 697 -5.44 -8.98 -3.60
C MET B 697 -5.43 -8.05 -2.39
N TRP B 698 -5.24 -6.76 -2.65
CA TRP B 698 -5.28 -5.77 -1.57
C TRP B 698 -6.66 -5.16 -1.61
N TYR B 699 -7.13 -4.64 -0.47
CA TYR B 699 -8.42 -3.94 -0.43
C TYR B 699 -8.24 -2.47 -0.05
N THR B 700 -8.40 -1.59 -1.03
CA THR B 700 -8.10 -0.20 -0.82
C THR B 700 -8.94 0.41 0.30
N ASP B 701 -8.28 0.96 1.32
CA ASP B 701 -8.95 1.69 2.38
C ASP B 701 -9.80 0.82 3.29
N GLU B 702 -9.67 -0.50 3.16
CA GLU B 702 -10.36 -1.37 4.09
C GLU B 702 -9.47 -1.64 5.32
N ASP B 703 -10.09 -1.97 6.44
CA ASP B 703 -9.27 -2.25 7.62
C ASP B 703 -9.31 -3.73 7.94
N HIS B 704 -9.01 -4.09 9.17
CA HIS B 704 -8.91 -5.50 9.49
C HIS B 704 -10.18 -6.28 9.14
N GLY B 705 -11.33 -5.65 9.33
CA GLY B 705 -12.60 -6.35 9.16
C GLY B 705 -13.00 -6.52 7.72
N ILE B 706 -12.37 -5.76 6.82
CA ILE B 706 -12.77 -5.70 5.41
C ILE B 706 -14.29 -5.80 5.27
N ALA B 707 -15.00 -4.92 5.97
CA ALA B 707 -16.43 -5.08 6.18
C ALA B 707 -17.36 -4.15 5.43
N SER B 708 -16.84 -3.24 4.61
CA SER B 708 -17.73 -2.39 3.82
C SER B 708 -18.56 -3.33 2.95
N SER B 709 -19.84 -3.03 2.80
CA SER B 709 -20.74 -3.99 2.18
C SER B 709 -20.16 -4.44 0.85
N THR B 710 -19.62 -3.50 0.07
CA THR B 710 -19.00 -3.81 -1.22
C THR B 710 -17.69 -4.61 -1.14
N ALA B 711 -16.82 -4.28 -0.17
CA ALA B 711 -15.59 -5.04 0.01
C ALA B 711 -15.91 -6.43 0.47
N HIS B 712 -16.85 -6.51 1.40
CA HIS B 712 -17.31 -7.78 1.93
C HIS B 712 -17.74 -8.72 0.82
N GLN B 713 -18.69 -8.27 0.00
CA GLN B 713 -19.13 -9.05 -1.15
C GLN B 713 -17.98 -9.41 -2.11
N HIS B 714 -17.07 -8.46 -2.34
CA HIS B 714 -16.00 -8.70 -3.28
C HIS B 714 -14.99 -9.71 -2.77
N ILE B 715 -14.61 -9.64 -1.50
CA ILE B 715 -13.63 -10.60 -1.03
C ILE B 715 -14.22 -12.02 -1.08
N TYR B 716 -15.47 -12.19 -0.65
CA TYR B 716 -15.99 -13.54 -0.65
C TYR B 716 -16.18 -14.08 -2.06
N THR B 717 -16.46 -13.21 -3.01
CA THR B 717 -16.56 -13.66 -4.39
C THR B 717 -15.19 -14.09 -4.92
N HIS B 718 -14.18 -13.30 -4.59
CA HIS B 718 -12.83 -13.57 -5.08
C HIS B 718 -12.40 -14.90 -4.52
N MET B 719 -12.46 -15.01 -3.18
CA MET B 719 -12.17 -16.26 -2.47
C MET B 719 -12.94 -17.48 -2.99
N SER B 720 -14.19 -17.25 -3.42
CA SER B 720 -15.03 -18.35 -3.87
C SER B 720 -14.58 -18.87 -5.23
N HIS B 721 -14.15 -17.98 -6.13
CA HIS B 721 -13.57 -18.42 -7.42
C HIS B 721 -12.32 -19.27 -7.22
N PHE B 722 -11.42 -18.75 -6.39
CA PHE B 722 -10.16 -19.41 -6.07
C PHE B 722 -10.36 -20.82 -5.53
N ILE B 723 -11.22 -20.96 -4.53
CA ILE B 723 -11.55 -22.27 -3.95
C ILE B 723 -12.15 -23.22 -4.99
N LYS B 724 -13.17 -22.76 -5.69
CA LYS B 724 -13.72 -23.50 -6.83
C LYS B 724 -12.64 -23.99 -7.82
N GLN B 725 -11.79 -23.08 -8.28
CA GLN B 725 -10.73 -23.43 -9.22
C GLN B 725 -9.85 -24.54 -8.63
N CYS B 726 -9.35 -24.32 -7.41
CA CYS B 726 -8.53 -25.29 -6.70
C CYS B 726 -9.11 -26.71 -6.75
N PHE B 727 -10.43 -26.82 -6.63
CA PHE B 727 -11.09 -28.12 -6.55
C PHE B 727 -11.71 -28.57 -7.87
N SER B 728 -11.38 -27.88 -8.97
CA SER B 728 -11.90 -28.26 -10.29
C SER B 728 -13.41 -28.31 -10.28
N LEU B 729 -14.01 -27.48 -9.41
CA LEU B 729 -15.47 -27.43 -9.26
C LEU B 729 -16.17 -26.65 -10.38
N PRO B 730 -17.10 -27.33 -11.09
CA PRO B 730 -17.92 -26.73 -12.15
C PRO B 730 -18.67 -25.49 -11.68
C1 NAG C . 12.10 29.91 -1.54
C2 NAG C . 12.88 31.06 -0.89
C3 NAG C . 12.23 31.50 0.42
C4 NAG C . 10.72 31.69 0.24
C5 NAG C . 10.13 30.45 -0.43
C6 NAG C . 8.61 30.53 -0.58
C7 NAG C . 15.26 31.01 -1.41
C8 NAG C . 16.62 30.90 -0.78
N2 NAG C . 14.24 30.64 -0.63
O3 NAG C . 12.87 32.69 0.85
O4 NAG C . 10.10 31.89 1.50
O5 NAG C . 10.74 30.26 -1.68
O6 NAG C . 8.25 31.73 -1.20
O7 NAG C . 15.13 31.42 -2.57
C1 NAG C . 9.58 33.24 1.60
C2 NAG C . 8.58 33.32 2.75
C3 NAG C . 8.02 34.73 2.90
C4 NAG C . 9.16 35.74 3.05
C5 NAG C . 10.19 35.57 1.91
C6 NAG C . 11.45 36.34 2.28
C7 NAG C . 7.60 31.11 3.05
C8 NAG C . 6.53 30.16 2.60
N2 NAG C . 7.50 32.36 2.58
O3 NAG C . 7.16 34.81 4.02
O4 NAG C . 8.64 37.06 3.06
O5 NAG C . 10.59 34.23 1.72
O6 NAG C . 12.11 35.62 3.32
O7 NAG C . 8.52 30.74 3.79
C1 NAG D . 3.78 12.17 29.40
C2 NAG D . 3.88 13.32 30.38
C3 NAG D . 5.13 14.18 30.17
C4 NAG D . 6.38 13.34 29.97
C5 NAG D . 6.12 12.16 29.04
C6 NAG D . 7.30 11.21 29.07
C7 NAG D . 1.84 14.11 31.35
C8 NAG D . 0.55 14.86 31.24
N2 NAG D . 2.70 14.17 30.34
O3 NAG D . 5.27 15.00 31.31
O4 NAG D . 7.36 14.13 29.32
O5 NAG D . 4.98 11.43 29.43
O6 NAG D . 7.36 10.61 30.35
O7 NAG D . 2.06 13.45 32.36
C1 NAG D . 8.20 14.88 30.24
C2 NAG D . 9.50 15.30 29.56
C3 NAG D . 10.40 16.05 30.55
C4 NAG D . 9.74 16.35 31.91
C5 NAG D . 8.21 16.46 31.90
C6 NAG D . 7.70 17.84 32.29
C7 NAG D . 9.85 13.82 27.68
C8 NAG D . 10.34 12.50 27.15
N2 NAG D . 10.15 14.15 28.93
O3 NAG D . 10.79 17.28 29.97
O4 NAG D . 10.10 15.37 32.87
O5 NAG D . 7.64 16.08 30.66
O6 NAG D . 6.42 17.65 32.83
O7 NAG D . 9.18 14.55 26.94
C1 NAG E . 48.81 4.05 -32.20
C2 NAG E . 49.08 4.61 -30.79
C3 NAG E . 49.93 5.89 -30.81
C4 NAG E . 51.16 5.68 -31.67
C5 NAG E . 50.75 5.15 -33.03
C6 NAG E . 51.97 4.92 -33.91
C7 NAG E . 47.24 3.95 -29.37
C8 NAG E . 45.80 4.23 -29.00
N2 NAG E . 47.83 4.88 -30.11
O3 NAG E . 50.37 6.22 -29.51
O4 NAG E . 51.88 6.91 -31.77
O5 NAG E . 50.04 3.94 -32.87
O6 NAG E . 52.75 3.89 -33.34
O7 NAG E . 47.79 2.92 -29.02
C1 NAG F . 33.44 8.21 3.62
C2 NAG F . 34.71 8.89 4.11
C3 NAG F . 35.73 7.81 4.45
C4 NAG F . 35.16 6.75 5.40
C5 NAG F . 33.68 6.41 5.19
C6 NAG F . 33.07 5.95 6.52
C7 NAG F . 35.36 11.12 3.39
C8 NAG F . 35.56 12.05 2.23
N2 NAG F . 35.23 9.82 3.13
O3 NAG F . 36.85 8.42 5.06
O4 NAG F . 35.94 5.57 5.27
O5 NAG F . 32.88 7.48 4.70
O6 NAG F . 31.65 5.86 6.44
O7 NAG F . 35.33 11.58 4.54
C1 NAG G . 37.40 32.69 -20.86
C2 NAG G . 38.75 33.23 -20.34
C3 NAG G . 38.63 34.45 -19.44
C4 NAG G . 37.55 35.43 -19.87
C5 NAG G . 36.26 34.68 -20.21
C6 NAG G . 35.14 35.65 -20.62
C7 NAG G . 40.59 31.55 -19.95
C8 NAG G . 41.19 30.68 -18.89
N2 NAG G . 39.45 32.17 -19.60
O3 NAG G . 39.88 35.12 -19.42
O4 NAG G . 37.32 36.40 -18.85
O5 NAG G . 36.49 33.71 -21.22
O6 NAG G . 35.66 36.80 -21.28
O7 NAG G . 41.13 31.64 -21.06
C1 NAG H . 29.40 33.03 3.61
C2 NAG H . 29.97 34.02 4.61
C3 NAG H . 29.71 33.48 6.01
C4 NAG H . 28.23 33.15 6.16
C5 NAG H . 27.56 32.54 4.92
C6 NAG H . 26.04 32.71 5.00
C7 NAG H . 31.78 35.57 4.30
C8 NAG H . 33.16 35.89 4.81
N2 NAG H . 31.38 34.31 4.40
O3 NAG H . 30.09 34.43 6.98
O4 NAG H . 28.10 32.24 7.23
O5 NAG H . 28.01 33.11 3.71
O6 NAG H . 25.70 34.07 5.07
O7 NAG H . 31.08 36.46 3.82
C1 NAG I . -12.46 8.63 -39.10
C2 NAG I . -11.85 8.58 -37.69
C3 NAG I . -12.91 8.25 -36.64
C4 NAG I . -14.18 9.08 -36.81
C5 NAG I . -14.62 9.27 -38.27
C6 NAG I . -15.64 10.39 -38.37
C7 NAG I . -9.49 8.01 -37.66
C8 NAG I . -8.49 7.04 -37.12
N2 NAG I . -10.76 7.61 -37.64
O3 NAG I . -12.41 8.52 -35.34
O4 NAG I . -15.20 8.44 -36.06
O5 NAG I . -13.52 9.57 -39.11
O6 NAG I . -16.26 10.39 -39.65
O7 NAG I . -9.12 9.11 -38.08
C1 6A5 J . 7.50 8.50 -19.06
C2 6A5 J . 8.35 9.56 -18.85
C3 6A5 J . 9.71 9.41 -19.23
N4 6A5 J . 10.27 8.32 -19.74
N5 6A5 J . 8.05 7.35 -19.55
C6 6A5 J . 9.41 7.23 -19.91
N7 6A5 J . 9.70 6.01 -20.42
C8 6A5 J . 8.45 5.34 -20.35
C9 6A5 J . 7.45 6.13 -19.83
C10 6A5 J . 8.28 3.95 -20.81
O11 6A5 J . 8.47 3.68 -22.02
N12 6A5 J . 7.58 3.09 -19.96
C13 6A5 J . 10.67 10.52 -19.03
C14 6A5 J . 6.08 8.46 -18.68
C15 6A5 J . 7.84 10.87 -18.33
N16 6A5 J . 7.80 10.80 -16.90
C17 6A5 J . 5.12 8.87 -19.59
C18 6A5 J . 3.78 8.81 -19.22
C19 6A5 J . 3.44 8.34 -17.95
C20 6A5 J . 4.36 7.94 -17.03
C21 6A5 J . 5.67 8.01 -17.41
CL22 6A5 J . 6.82 7.49 -16.28
CL23 6A5 J . 1.80 8.20 -17.52
C24 6A5 J . 7.82 2.97 -18.51
C25 6A5 J . 8.72 1.71 -18.22
O26 6A5 J . 8.25 0.51 -18.88
C27 6A5 J . 7.85 0.66 -20.27
C28 6A5 J . 6.93 1.89 -20.52
C1 NAG K . -48.10 -3.08 33.09
C2 NAG K . -47.54 -1.67 33.26
C3 NAG K . -47.64 -1.20 34.70
C4 NAG K . -49.06 -1.31 35.17
C5 NAG K . -49.47 -2.79 35.06
C6 NAG K . -50.87 -3.05 35.59
C7 NAG K . -45.86 -1.33 31.58
C8 NAG K . -44.41 -1.38 31.21
N2 NAG K . -46.16 -1.67 32.82
O3 NAG K . -47.20 0.13 34.81
O4 NAG K . -49.17 -0.85 36.50
O5 NAG K . -49.35 -3.26 33.72
O6 NAG K . -51.79 -2.10 35.11
O7 NAG K . -46.73 -1.01 30.78
C1 NAG L . -44.15 3.77 13.84
C2 NAG L . -43.43 3.06 12.69
C3 NAG L . -44.42 2.25 11.88
C4 NAG L . -45.18 1.28 12.81
C5 NAG L . -45.80 2.02 13.98
C6 NAG L . -46.42 1.02 14.95
C7 NAG L . -41.43 3.99 11.60
C8 NAG L . -40.75 2.66 11.73
N2 NAG L . -42.75 4.02 11.83
O3 NAG L . -43.74 1.54 10.87
O4 NAG L . -46.20 0.60 12.11
O5 NAG L . -44.81 2.80 14.64
O6 NAG L . -47.06 1.68 16.03
O7 NAG L . -40.80 5.00 11.28
C1 NAG M . -21.65 21.37 15.78
C2 NAG M . -22.38 22.52 16.48
C3 NAG M . -23.62 23.00 15.69
C4 NAG M . -23.57 22.80 14.17
C5 NAG M . -22.61 21.69 13.73
C6 NAG M . -22.27 21.76 12.24
C7 NAG M . -22.10 22.45 18.93
C8 NAG M . -22.94 22.86 20.12
N2 NAG M . -22.79 22.12 17.82
O3 NAG M . -23.83 24.38 15.95
O4 NAG M . -24.87 22.50 13.72
O5 NAG M . -21.43 21.84 14.48
O6 NAG M . -21.12 21.00 11.94
O7 NAG M . -20.87 22.40 19.01
C1 NAG N . -22.80 8.47 47.98
C2 NAG N . -23.62 9.59 48.66
C3 NAG N . -22.76 10.74 49.17
C4 NAG N . -21.49 10.27 49.89
C5 NAG N . -20.78 9.19 49.05
C6 NAG N . -19.58 8.64 49.83
C7 NAG N . -25.98 10.05 48.08
C8 NAG N . -26.87 11.03 47.36
N2 NAG N . -24.67 10.12 47.79
O3 NAG N . -23.51 11.54 50.06
O4 NAG N . -20.61 11.35 50.08
O5 NAG N . -21.66 8.13 48.75
O6 NAG N . -20.04 7.72 50.79
O7 NAG N . -26.46 9.25 48.87
C1 NAG O . 1.87 -36.22 20.53
C2 NAG O . 2.05 -34.70 20.46
C3 NAG O . 2.79 -34.20 19.20
C4 NAG O . 3.81 -35.20 18.65
C5 NAG O . 3.18 -36.59 18.62
C6 NAG O . 4.07 -37.64 17.93
C7 NAG O . 0.25 -33.79 21.82
C8 NAG O . -1.24 -33.61 21.95
N2 NAG O . 0.76 -34.05 20.61
O3 NAG O . 3.50 -33.03 19.52
O4 NAG O . 4.24 -34.84 17.35
O5 NAG O . 2.95 -36.94 19.98
O6 NAG O . 4.22 -37.31 16.56
O7 NAG O . 0.95 -33.69 22.83
C1 6A5 P . -8.24 -10.38 18.02
C2 6A5 P . -8.41 -9.40 18.98
C3 6A5 P . -9.73 -9.11 19.42
N4 6A5 P . -10.83 -9.63 18.96
N5 6A5 P . -9.37 -10.85 17.43
C6 6A5 P . -10.66 -10.53 17.93
N7 6A5 P . -11.61 -11.19 17.25
C8 6A5 P . -10.90 -11.94 16.34
C9 6A5 P . -9.53 -11.78 16.40
C10 6A5 P . -11.61 -12.92 15.56
O11 6A5 P . -12.24 -13.83 16.14
N12 6A5 P . -11.44 -12.93 14.24
C13 6A5 P . -9.96 -8.14 20.51
C14 6A5 P . -6.99 -10.69 17.36
C15 6A5 P . -7.27 -8.80 19.72
N16 6A5 P . -6.43 -8.18 18.79
C17 6A5 P . -6.15 -11.67 17.85
C18 6A5 P . -4.96 -11.94 17.17
C19 6A5 P . -4.68 -11.21 16.01
C20 6A5 P . -5.48 -10.25 15.50
C21 6A5 P . -6.63 -9.99 16.17
CL22 6A5 P . -7.63 -8.80 15.52
CL23 6A5 P . -3.28 -11.51 15.15
C24 6A5 P . -10.99 -11.70 13.53
C25 6A5 P . -10.84 -11.94 12.03
O26 6A5 P . -11.93 -12.65 11.55
C27 6A5 P . -11.92 -13.96 12.07
C28 6A5 P . -12.37 -13.83 13.48
C1 GOL Q . 13.88 -14.94 9.55
O1 GOL Q . 13.30 -14.29 10.65
C2 GOL Q . 15.29 -15.36 9.94
O2 GOL Q . 16.14 -14.23 9.92
C3 GOL Q . 15.80 -16.46 9.01
O3 GOL Q . 15.73 -17.73 9.63
#